data_2L7R
#
_entry.id   2L7R
#
_cell.length_a   1.000
_cell.length_b   1.000
_cell.length_c   1.000
_cell.angle_alpha   90.00
_cell.angle_beta   90.00
_cell.angle_gamma   90.00
#
_symmetry.space_group_name_H-M   'P 1'
#
_entity_poly.entity_id   1
_entity_poly.type   'polypeptide(L)'
_entity_poly.pdbx_seq_one_letter_code
;MGSSHHHHHHSSGLVPRGSMQLFVRAQELHTFEVTGQETVAQIKAHVASLEGIAPEDQVVLLAGAPLEDEATLGQCGVEA
LTTLEVAGRMLGG
;
_entity_poly.pdbx_strand_id   A
#
# COMPACT_ATOMS: atom_id res chain seq x y z
N MET A 20 -7.09 -8.75 9.91
CA MET A 20 -7.37 -8.19 8.57
C MET A 20 -6.15 -8.42 7.66
N GLN A 21 -6.14 -9.56 6.96
CA GLN A 21 -5.02 -10.01 6.11
C GLN A 21 -5.35 -9.75 4.63
N LEU A 22 -4.54 -8.90 3.96
CA LEU A 22 -4.65 -8.64 2.51
C LEU A 22 -3.26 -8.71 1.84
N PHE A 23 -3.27 -8.78 0.50
CA PHE A 23 -2.05 -8.91 -0.31
C PHE A 23 -1.68 -7.54 -0.92
N VAL A 24 -0.38 -7.26 -0.98
CA VAL A 24 0.17 -6.09 -1.69
C VAL A 24 1.22 -6.57 -2.70
N ARG A 25 0.85 -6.45 -3.99
CA ARG A 25 1.66 -6.82 -5.15
C ARG A 25 2.70 -5.74 -5.45
N ALA A 26 3.91 -5.94 -4.92
CA ALA A 26 5.14 -5.22 -5.32
C ALA A 26 5.87 -6.08 -6.36
N GLN A 27 7.08 -5.65 -6.78
CA GLN A 27 8.03 -6.48 -7.58
C GLN A 27 8.10 -7.95 -7.05
N GLU A 28 8.00 -8.10 -5.71
CA GLU A 28 7.72 -9.37 -5.04
C GLU A 28 6.31 -9.31 -4.42
N LEU A 29 5.50 -10.37 -4.57
CA LEU A 29 4.19 -10.47 -3.89
C LEU A 29 4.41 -10.68 -2.38
N HIS A 30 3.85 -9.78 -1.56
CA HIS A 30 3.92 -9.87 -0.09
C HIS A 30 2.50 -9.80 0.49
N THR A 31 2.33 -10.38 1.68
CA THR A 31 1.06 -10.38 2.43
C THR A 31 1.24 -9.55 3.72
N PHE A 32 0.20 -8.80 4.11
CA PHE A 32 0.24 -7.86 5.25
C PHE A 32 -1.04 -7.99 6.09
N GLU A 33 -0.85 -8.16 7.40
CA GLU A 33 -1.94 -8.02 8.38
C GLU A 33 -1.97 -6.55 8.83
N VAL A 34 -3.07 -5.86 8.49
CA VAL A 34 -3.21 -4.41 8.63
C VAL A 34 -4.30 -4.06 9.65
N THR A 35 -4.19 -2.86 10.24
CA THR A 35 -5.04 -2.45 11.38
C THR A 35 -6.43 -1.90 10.92
N GLY A 36 -6.62 -1.68 9.59
CA GLY A 36 -7.85 -1.05 9.08
C GLY A 36 -7.72 0.47 9.08
N GLN A 37 -7.32 1.02 10.24
CA GLN A 37 -6.87 2.43 10.38
C GLN A 37 -5.41 2.60 9.89
N GLU A 38 -4.86 1.52 9.30
CA GLU A 38 -3.59 1.53 8.56
C GLU A 38 -3.70 2.51 7.38
N THR A 39 -2.84 3.54 7.31
CA THR A 39 -2.86 4.49 6.18
C THR A 39 -2.18 3.88 4.95
N VAL A 40 -2.36 4.53 3.79
CA VAL A 40 -1.69 4.16 2.55
C VAL A 40 -0.18 4.42 2.66
N ALA A 41 0.18 5.47 3.42
CA ALA A 41 1.59 5.82 3.72
C ALA A 41 2.24 4.71 4.56
N GLN A 42 1.46 4.10 5.48
CA GLN A 42 1.91 2.96 6.30
C GLN A 42 2.08 1.70 5.43
N ILE A 43 1.14 1.47 4.48
CA ILE A 43 1.23 0.36 3.49
C ILE A 43 2.52 0.48 2.67
N LYS A 44 2.81 1.72 2.21
CA LYS A 44 4.04 2.04 1.48
C LYS A 44 5.27 1.73 2.34
N ALA A 45 5.26 2.23 3.59
CA ALA A 45 6.37 2.06 4.55
C ALA A 45 6.67 0.57 4.83
N HIS A 46 5.61 -0.25 5.01
CA HIS A 46 5.71 -1.71 5.27
C HIS A 46 6.45 -2.42 4.12
N VAL A 47 5.96 -2.20 2.88
CA VAL A 47 6.49 -2.89 1.70
C VAL A 47 7.86 -2.27 1.29
N ALA A 48 8.06 -0.98 1.62
CA ALA A 48 9.32 -0.25 1.37
C ALA A 48 10.45 -0.78 2.24
N SER A 49 10.12 -1.15 3.49
CA SER A 49 11.08 -1.75 4.41
C SER A 49 11.49 -3.15 3.92
N LEU A 50 10.50 -3.92 3.41
CA LEU A 50 10.75 -5.26 2.84
C LEU A 50 11.68 -5.20 1.61
N GLU A 51 11.36 -4.30 0.66
CA GLU A 51 12.10 -4.18 -0.63
C GLU A 51 13.33 -3.25 -0.50
N GLY A 52 13.50 -2.64 0.71
CA GLY A 52 14.61 -1.72 0.99
C GLY A 52 14.53 -0.41 0.21
N ILE A 53 13.34 -0.11 -0.32
CA ILE A 53 13.09 1.08 -1.18
C ILE A 53 12.48 2.24 -0.36
N ALA A 54 12.30 3.39 -1.02
CA ALA A 54 11.69 4.59 -0.42
C ALA A 54 10.15 4.54 -0.57
N PRO A 55 9.37 4.83 0.53
CA PRO A 55 7.90 5.02 0.43
C PRO A 55 7.51 6.27 -0.40
N GLU A 56 8.48 7.18 -0.58
CA GLU A 56 8.32 8.38 -1.43
C GLU A 56 8.41 8.04 -2.93
N ASP A 57 8.98 6.87 -3.26
CA ASP A 57 9.27 6.46 -4.66
C ASP A 57 8.17 5.53 -5.22
N GLN A 58 6.99 5.55 -4.59
CA GLN A 58 5.91 4.60 -4.92
C GLN A 58 4.51 5.17 -4.61
N VAL A 59 3.49 4.49 -5.15
CA VAL A 59 2.07 4.74 -4.86
C VAL A 59 1.31 3.40 -4.78
N VAL A 60 0.26 3.35 -3.97
CA VAL A 60 -0.59 2.14 -3.80
C VAL A 60 -1.91 2.32 -4.59
N LEU A 61 -2.25 1.28 -5.36
CA LEU A 61 -3.39 1.24 -6.29
C LEU A 61 -4.37 0.14 -5.81
N LEU A 62 -5.57 0.54 -5.37
CA LEU A 62 -6.64 -0.41 -5.01
C LEU A 62 -7.31 -0.89 -6.31
N ALA A 63 -6.89 -2.07 -6.79
CA ALA A 63 -7.39 -2.65 -8.04
C ALA A 63 -7.16 -1.71 -9.26
N GLY A 64 -6.12 -0.84 -9.14
CA GLY A 64 -5.80 0.18 -10.16
C GLY A 64 -6.11 1.61 -9.73
N ALA A 65 -6.97 1.79 -8.70
CA ALA A 65 -7.42 3.11 -8.22
C ALA A 65 -6.37 3.76 -7.28
N PRO A 66 -5.77 4.95 -7.65
CA PRO A 66 -4.74 5.63 -6.83
C PRO A 66 -5.25 6.06 -5.43
N LEU A 67 -4.77 5.37 -4.39
CA LEU A 67 -5.10 5.66 -2.99
C LEU A 67 -4.20 6.79 -2.44
N GLU A 68 -4.81 7.68 -1.65
CA GLU A 68 -4.16 8.86 -1.07
C GLU A 68 -3.34 8.47 0.17
N ASP A 69 -2.09 8.94 0.24
CA ASP A 69 -1.10 8.60 1.29
C ASP A 69 -1.66 8.70 2.73
N GLU A 70 -2.30 9.83 3.03
CA GLU A 70 -2.78 10.14 4.40
C GLU A 70 -4.11 9.41 4.74
N ALA A 71 -4.83 8.96 3.70
CA ALA A 71 -6.10 8.25 3.86
C ALA A 71 -5.87 6.80 4.37
N THR A 72 -6.73 6.33 5.29
CA THR A 72 -6.62 4.97 5.85
C THR A 72 -7.34 3.95 4.93
N LEU A 73 -7.15 2.66 5.23
CA LEU A 73 -7.80 1.57 4.47
C LEU A 73 -9.33 1.55 4.71
N GLY A 74 -9.75 2.00 5.91
CA GLY A 74 -11.16 2.20 6.22
C GLY A 74 -11.78 3.34 5.40
N GLN A 75 -11.02 4.44 5.28
CA GLN A 75 -11.42 5.63 4.48
C GLN A 75 -11.43 5.31 2.96
N CYS A 76 -10.54 4.40 2.54
CA CYS A 76 -10.51 3.87 1.18
C CYS A 76 -11.70 2.91 0.94
N GLY A 77 -12.17 2.26 2.02
CA GLY A 77 -13.29 1.32 1.98
C GLY A 77 -12.87 -0.10 1.58
N VAL A 78 -11.59 -0.41 1.77
CA VAL A 78 -11.01 -1.73 1.45
C VAL A 78 -10.96 -2.62 2.70
N GLU A 79 -11.36 -3.88 2.52
CA GLU A 79 -11.39 -4.91 3.58
C GLU A 79 -10.25 -5.92 3.36
N ALA A 80 -10.28 -7.04 4.10
CA ALA A 80 -9.31 -8.14 3.95
C ALA A 80 -9.57 -8.95 2.65
N LEU A 81 -8.68 -9.93 2.38
CA LEU A 81 -8.73 -10.81 1.18
C LEU A 81 -8.69 -10.03 -0.14
N THR A 82 -8.10 -8.82 -0.11
CA THR A 82 -7.99 -7.91 -1.27
C THR A 82 -6.53 -7.81 -1.73
N THR A 83 -6.30 -7.49 -3.03
CA THR A 83 -4.95 -7.28 -3.58
C THR A 83 -4.79 -5.81 -4.02
N LEU A 84 -3.98 -5.08 -3.25
CA LEU A 84 -3.53 -3.71 -3.60
C LEU A 84 -2.19 -3.85 -4.35
N GLU A 85 -1.86 -2.93 -5.28
CA GLU A 85 -0.63 -3.03 -6.10
C GLU A 85 0.22 -1.75 -5.97
N VAL A 86 1.54 -1.91 -5.87
CA VAL A 86 2.50 -0.80 -5.79
C VAL A 86 3.08 -0.50 -7.18
N ALA A 87 2.90 0.75 -7.65
CA ALA A 87 3.51 1.25 -8.90
C ALA A 87 4.46 2.43 -8.61
N GLY A 88 5.50 2.57 -9.44
CA GLY A 88 6.41 3.71 -9.36
C GLY A 88 5.91 4.89 -10.17
N ARG A 89 5.13 5.77 -9.51
CA ARG A 89 4.58 7.01 -10.13
C ARG A 89 5.01 8.25 -9.31
N MET A 90 5.94 8.06 -8.35
CA MET A 90 6.26 9.09 -7.33
C MET A 90 7.78 9.13 -7.08
N LEU A 91 8.26 10.24 -6.51
CA LEU A 91 9.68 10.45 -6.13
C LEU A 91 9.70 11.38 -4.91
N GLY A 92 8.87 12.44 -5.00
CA GLY A 92 8.71 13.44 -3.94
C GLY A 92 8.73 14.85 -4.53
N GLY A 93 9.74 15.66 -4.15
CA GLY A 93 9.92 17.01 -4.68
C GLY A 93 10.76 17.00 -5.96
N MET A 20 -8.64 -8.50 9.28
CA MET A 20 -8.37 -7.69 8.08
C MET A 20 -6.90 -7.88 7.70
N GLN A 21 -6.66 -8.61 6.60
CA GLN A 21 -5.31 -8.90 6.08
C GLN A 21 -5.37 -8.94 4.55
N LEU A 22 -4.55 -8.10 3.90
CA LEU A 22 -4.57 -7.95 2.44
C LEU A 22 -3.20 -8.31 1.83
N PHE A 23 -3.17 -8.48 0.50
CA PHE A 23 -1.94 -8.75 -0.27
C PHE A 23 -1.49 -7.45 -0.96
N VAL A 24 -0.19 -7.18 -0.94
CA VAL A 24 0.40 -6.07 -1.71
C VAL A 24 1.19 -6.63 -2.89
N ARG A 25 0.70 -6.31 -4.11
CA ARG A 25 1.29 -6.76 -5.37
C ARG A 25 2.45 -5.83 -5.74
N ALA A 26 3.63 -6.20 -5.27
CA ALA A 26 4.90 -5.56 -5.60
C ALA A 26 5.64 -6.45 -6.60
N GLN A 27 6.88 -6.04 -6.97
CA GLN A 27 7.84 -6.88 -7.78
C GLN A 27 7.88 -8.36 -7.29
N GLU A 28 7.63 -8.54 -6.00
CA GLU A 28 7.34 -9.85 -5.38
C GLU A 28 6.13 -9.66 -4.42
N LEU A 29 5.21 -10.65 -4.37
CA LEU A 29 3.96 -10.55 -3.57
C LEU A 29 4.27 -10.71 -2.08
N HIS A 30 3.81 -9.73 -1.28
CA HIS A 30 3.88 -9.76 0.20
C HIS A 30 2.45 -9.68 0.76
N THR A 31 2.28 -10.10 2.02
CA THR A 31 0.96 -10.08 2.70
C THR A 31 1.10 -9.29 4.02
N PHE A 32 0.16 -8.35 4.27
CA PHE A 32 0.21 -7.45 5.45
C PHE A 32 -1.16 -7.43 6.13
N GLU A 33 -1.18 -7.70 7.44
CA GLU A 33 -2.39 -7.57 8.28
C GLU A 33 -2.48 -6.14 8.85
N VAL A 34 -3.69 -5.57 8.78
CA VAL A 34 -3.97 -4.22 9.27
C VAL A 34 -5.27 -4.23 10.08
N THR A 35 -5.37 -3.32 11.07
CA THR A 35 -6.61 -3.09 11.82
C THR A 35 -7.44 -1.94 11.21
N GLY A 36 -7.08 -1.52 9.97
CA GLY A 36 -7.82 -0.51 9.23
C GLY A 36 -7.27 0.90 9.43
N GLN A 37 -6.79 1.18 10.66
CA GLN A 37 -6.27 2.52 11.06
C GLN A 37 -4.95 2.87 10.34
N GLU A 38 -4.25 1.85 9.83
CA GLU A 38 -3.02 2.01 9.05
C GLU A 38 -3.34 2.81 7.79
N THR A 39 -2.51 3.79 7.46
CA THR A 39 -2.65 4.55 6.22
C THR A 39 -2.00 3.80 5.05
N VAL A 40 -2.27 4.29 3.84
CA VAL A 40 -1.61 3.85 2.62
C VAL A 40 -0.11 4.19 2.70
N ALA A 41 0.22 5.31 3.38
CA ALA A 41 1.59 5.70 3.69
C ALA A 41 2.31 4.64 4.55
N GLN A 42 1.59 4.08 5.57
CA GLN A 42 2.14 3.01 6.44
C GLN A 42 2.32 1.70 5.65
N ILE A 43 1.38 1.40 4.72
CA ILE A 43 1.49 0.25 3.79
C ILE A 43 2.79 0.36 2.98
N LYS A 44 3.02 1.56 2.41
CA LYS A 44 4.23 1.87 1.62
C LYS A 44 5.50 1.72 2.46
N ALA A 45 5.43 2.18 3.72
CA ALA A 45 6.54 2.10 4.70
C ALA A 45 6.98 0.64 4.95
N HIS A 46 5.99 -0.26 5.13
CA HIS A 46 6.24 -1.71 5.36
C HIS A 46 6.89 -2.36 4.13
N VAL A 47 6.40 -2.01 2.93
CA VAL A 47 6.95 -2.49 1.64
C VAL A 47 8.39 -1.94 1.47
N ALA A 48 8.58 -0.68 1.87
CA ALA A 48 9.87 0.02 1.79
C ALA A 48 10.94 -0.64 2.68
N SER A 49 10.51 -1.17 3.83
CA SER A 49 11.38 -1.92 4.75
C SER A 49 11.87 -3.22 4.10
N LEU A 50 10.92 -4.00 3.55
CA LEU A 50 11.22 -5.33 2.99
C LEU A 50 12.02 -5.25 1.66
N GLU A 51 11.69 -4.25 0.82
CA GLU A 51 12.31 -4.10 -0.51
C GLU A 51 13.55 -3.19 -0.48
N GLY A 52 13.71 -2.45 0.65
CA GLY A 52 14.85 -1.54 0.82
C GLY A 52 14.73 -0.28 -0.03
N ILE A 53 13.48 0.11 -0.34
CA ILE A 53 13.17 1.28 -1.18
C ILE A 53 12.59 2.41 -0.31
N ALA A 54 12.29 3.56 -0.92
CA ALA A 54 11.66 4.69 -0.21
C ALA A 54 10.14 4.70 -0.50
N PRO A 55 9.26 4.99 0.53
CA PRO A 55 7.78 5.01 0.36
C PRO A 55 7.30 6.11 -0.63
N GLU A 56 8.17 7.11 -0.85
CA GLU A 56 7.89 8.22 -1.77
C GLU A 56 7.86 7.74 -3.23
N ASP A 57 8.71 6.75 -3.57
CA ASP A 57 8.89 6.28 -4.96
C ASP A 57 7.70 5.46 -5.46
N GLN A 58 6.88 4.97 -4.52
CA GLN A 58 5.77 4.06 -4.81
C GLN A 58 4.42 4.74 -4.53
N VAL A 59 3.39 4.31 -5.28
CA VAL A 59 1.99 4.67 -5.06
C VAL A 59 1.15 3.39 -5.09
N VAL A 60 0.26 3.24 -4.09
CA VAL A 60 -0.60 2.06 -3.97
C VAL A 60 -1.90 2.28 -4.76
N LEU A 61 -2.26 1.28 -5.57
CA LEU A 61 -3.38 1.33 -6.51
C LEU A 61 -4.34 0.17 -6.19
N LEU A 62 -5.56 0.49 -5.76
CA LEU A 62 -6.61 -0.52 -5.48
C LEU A 62 -7.27 -0.89 -6.81
N ALA A 63 -6.78 -2.00 -7.43
CA ALA A 63 -7.22 -2.46 -8.76
C ALA A 63 -7.02 -1.37 -9.86
N GLY A 64 -6.07 -0.43 -9.61
CA GLY A 64 -5.80 0.70 -10.51
C GLY A 64 -6.30 2.05 -9.97
N ALA A 65 -7.05 2.04 -8.86
CA ALA A 65 -7.54 3.28 -8.20
C ALA A 65 -6.43 3.94 -7.36
N PRO A 66 -6.00 5.20 -7.66
CA PRO A 66 -4.94 5.90 -6.89
C PRO A 66 -5.35 6.16 -5.42
N LEU A 67 -4.82 5.33 -4.51
CA LEU A 67 -5.06 5.47 -3.07
C LEU A 67 -4.15 6.54 -2.46
N GLU A 68 -4.74 7.40 -1.63
CA GLU A 68 -4.06 8.54 -1.01
C GLU A 68 -3.29 8.08 0.23
N ASP A 69 -2.07 8.62 0.43
CA ASP A 69 -1.20 8.31 1.58
C ASP A 69 -1.87 8.69 2.92
N GLU A 70 -2.72 9.72 2.87
CA GLU A 70 -3.48 10.24 4.03
C GLU A 70 -4.63 9.28 4.42
N ALA A 71 -5.09 8.51 3.43
CA ALA A 71 -6.25 7.62 3.59
C ALA A 71 -5.85 6.32 4.29
N THR A 72 -6.64 5.93 5.30
CA THR A 72 -6.50 4.64 5.99
C THR A 72 -7.18 3.53 5.16
N LEU A 73 -6.95 2.25 5.49
CA LEU A 73 -7.63 1.13 4.78
C LEU A 73 -9.16 1.16 5.06
N GLY A 74 -9.51 1.65 6.26
CA GLY A 74 -10.90 1.89 6.65
C GLY A 74 -11.53 3.05 5.89
N GLN A 75 -10.74 4.10 5.61
CA GLN A 75 -11.19 5.29 4.84
C GLN A 75 -11.38 4.95 3.36
N CYS A 76 -10.47 4.10 2.84
CA CYS A 76 -10.52 3.58 1.46
C CYS A 76 -11.67 2.56 1.29
N GLY A 77 -12.16 2.02 2.44
CA GLY A 77 -13.28 1.08 2.45
C GLY A 77 -12.94 -0.24 1.78
N VAL A 78 -11.66 -0.62 1.84
CA VAL A 78 -11.16 -1.85 1.21
C VAL A 78 -11.31 -3.03 2.20
N GLU A 79 -11.85 -4.15 1.70
CA GLU A 79 -12.08 -5.37 2.52
C GLU A 79 -10.79 -6.20 2.64
N ALA A 80 -10.87 -7.26 3.46
CA ALA A 80 -9.76 -8.20 3.64
C ALA A 80 -9.60 -9.11 2.39
N LEU A 81 -8.40 -9.71 2.27
CA LEU A 81 -8.00 -10.62 1.18
C LEU A 81 -7.94 -9.91 -0.20
N THR A 82 -8.00 -8.57 -0.22
CA THR A 82 -7.90 -7.78 -1.44
C THR A 82 -6.41 -7.53 -1.78
N THR A 83 -6.10 -7.32 -3.06
CA THR A 83 -4.72 -7.13 -3.53
C THR A 83 -4.54 -5.70 -4.06
N LEU A 84 -3.67 -4.94 -3.37
CA LEU A 84 -3.34 -3.54 -3.68
C LEU A 84 -1.96 -3.51 -4.37
N GLU A 85 -1.89 -2.95 -5.59
CA GLU A 85 -0.67 -3.02 -6.44
C GLU A 85 0.21 -1.77 -6.27
N VAL A 86 1.53 -1.96 -6.34
CA VAL A 86 2.53 -0.89 -6.27
C VAL A 86 2.91 -0.42 -7.68
N ALA A 87 2.99 0.91 -7.86
CA ALA A 87 3.52 1.55 -9.09
C ALA A 87 4.61 2.57 -8.71
N GLY A 88 5.68 2.64 -9.51
CA GLY A 88 6.80 3.57 -9.24
C GLY A 88 6.63 4.89 -9.98
N ARG A 89 6.00 5.90 -9.32
CA ARG A 89 5.63 7.17 -9.98
C ARG A 89 6.26 8.38 -9.27
N MET A 90 5.80 8.68 -8.04
CA MET A 90 6.20 9.88 -7.26
C MET A 90 7.73 9.86 -6.97
N LEU A 91 8.36 11.03 -7.08
CA LEU A 91 9.80 11.21 -6.81
C LEU A 91 10.02 12.64 -6.29
N GLY A 92 10.51 12.75 -5.06
CA GLY A 92 10.71 14.05 -4.39
C GLY A 92 12.05 14.13 -3.70
N GLY A 93 13.09 13.66 -4.38
CA GLY A 93 14.46 13.63 -3.83
C GLY A 93 15.53 13.61 -4.92
N MET A 20 -8.29 -8.98 9.34
CA MET A 20 -8.17 -8.08 8.17
C MET A 20 -6.77 -8.28 7.57
N GLN A 21 -6.66 -9.29 6.68
CA GLN A 21 -5.39 -9.69 6.05
C GLN A 21 -5.52 -9.60 4.53
N LEU A 22 -4.77 -8.68 3.90
CA LEU A 22 -4.81 -8.46 2.45
C LEU A 22 -3.44 -8.69 1.79
N PHE A 23 -3.44 -8.82 0.46
CA PHE A 23 -2.21 -8.95 -0.34
C PHE A 23 -1.84 -7.57 -0.95
N VAL A 24 -0.55 -7.36 -1.19
CA VAL A 24 -0.01 -6.16 -1.83
C VAL A 24 1.03 -6.59 -2.89
N ARG A 25 0.66 -6.41 -4.16
CA ARG A 25 1.50 -6.75 -5.30
C ARG A 25 2.62 -5.70 -5.51
N ALA A 26 3.77 -5.97 -4.91
CA ALA A 26 5.05 -5.28 -5.19
C ALA A 26 5.80 -6.09 -6.26
N GLN A 27 7.03 -5.67 -6.62
CA GLN A 27 7.96 -6.44 -7.49
C GLN A 27 8.06 -7.93 -7.05
N GLU A 28 7.90 -8.17 -5.74
CA GLU A 28 7.59 -9.50 -5.17
C GLU A 28 6.31 -9.39 -4.32
N LEU A 29 5.45 -10.44 -4.33
CA LEU A 29 4.15 -10.43 -3.60
C LEU A 29 4.40 -10.48 -2.07
N HIS A 30 3.68 -9.60 -1.33
CA HIS A 30 3.73 -9.55 0.15
C HIS A 30 2.30 -9.54 0.71
N THR A 31 2.12 -10.12 1.90
CA THR A 31 0.82 -10.19 2.58
C THR A 31 0.91 -9.45 3.93
N PHE A 32 -0.09 -8.60 4.22
CA PHE A 32 -0.11 -7.75 5.43
C PHE A 32 -1.45 -7.93 6.18
N GLU A 33 -1.38 -8.39 7.43
CA GLU A 33 -2.55 -8.46 8.32
C GLU A 33 -2.56 -7.18 9.19
N VAL A 34 -3.45 -6.25 8.84
CA VAL A 34 -3.53 -4.90 9.44
C VAL A 34 -4.81 -4.72 10.26
N THR A 35 -4.91 -3.57 10.96
CA THR A 35 -6.12 -3.17 11.69
C THR A 35 -7.14 -2.52 10.73
N GLY A 36 -6.65 -1.61 9.86
CA GLY A 36 -7.50 -0.81 8.98
C GLY A 36 -7.23 0.68 9.15
N GLN A 37 -6.94 1.08 10.41
CA GLN A 37 -6.52 2.46 10.74
C GLN A 37 -5.15 2.80 10.11
N GLU A 38 -4.48 1.77 9.56
CA GLU A 38 -3.29 1.89 8.73
C GLU A 38 -3.54 2.86 7.56
N THR A 39 -2.67 3.84 7.35
CA THR A 39 -2.77 4.71 6.17
C THR A 39 -2.08 4.06 4.98
N VAL A 40 -2.36 4.57 3.77
CA VAL A 40 -1.70 4.14 2.54
C VAL A 40 -0.20 4.52 2.57
N ALA A 41 0.12 5.64 3.25
CA ALA A 41 1.49 6.10 3.48
C ALA A 41 2.28 5.06 4.30
N GLN A 42 1.61 4.48 5.31
CA GLN A 42 2.18 3.43 6.16
C GLN A 42 2.38 2.14 5.35
N ILE A 43 1.40 1.79 4.47
CA ILE A 43 1.50 0.62 3.55
C ILE A 43 2.75 0.73 2.67
N LYS A 44 3.00 1.96 2.14
CA LYS A 44 4.21 2.26 1.36
C LYS A 44 5.46 2.00 2.20
N ALA A 45 5.49 2.60 3.41
CA ALA A 45 6.62 2.47 4.35
C ALA A 45 6.93 0.99 4.68
N HIS A 46 5.86 0.19 4.89
CA HIS A 46 5.96 -1.25 5.22
C HIS A 46 6.65 -2.04 4.10
N VAL A 47 6.12 -1.92 2.87
CA VAL A 47 6.59 -2.72 1.72
C VAL A 47 7.98 -2.22 1.25
N ALA A 48 8.24 -0.91 1.43
CA ALA A 48 9.53 -0.28 1.09
C ALA A 48 10.63 -0.68 2.07
N SER A 49 10.27 -0.87 3.35
CA SER A 49 11.20 -1.35 4.39
C SER A 49 11.62 -2.80 4.11
N LEU A 50 10.65 -3.61 3.62
CA LEU A 50 10.90 -5.03 3.23
C LEU A 50 11.91 -5.14 2.06
N GLU A 51 11.72 -4.30 1.03
CA GLU A 51 12.60 -4.26 -0.15
C GLU A 51 13.89 -3.44 0.12
N GLY A 52 13.84 -2.58 1.15
CA GLY A 52 14.92 -1.64 1.46
C GLY A 52 15.01 -0.52 0.43
N ILE A 53 13.86 -0.15 -0.15
CA ILE A 53 13.75 0.90 -1.19
C ILE A 53 13.00 2.13 -0.64
N ALA A 54 12.84 3.15 -1.51
CA ALA A 54 12.23 4.45 -1.15
C ALA A 54 10.69 4.37 -1.03
N PRO A 55 10.09 4.77 0.15
CA PRO A 55 8.61 4.72 0.35
C PRO A 55 7.86 5.74 -0.54
N GLU A 56 8.53 6.89 -0.82
CA GLU A 56 7.96 7.97 -1.67
C GLU A 56 8.25 7.75 -3.16
N ASP A 57 8.83 6.58 -3.52
CA ASP A 57 8.88 6.12 -4.93
C ASP A 57 7.52 5.52 -5.32
N GLN A 58 6.88 4.94 -4.30
CA GLN A 58 5.72 4.08 -4.44
C GLN A 58 4.40 4.87 -4.39
N VAL A 59 3.42 4.37 -5.14
CA VAL A 59 2.00 4.75 -5.03
C VAL A 59 1.19 3.45 -4.96
N VAL A 60 0.30 3.34 -3.97
CA VAL A 60 -0.55 2.15 -3.81
C VAL A 60 -1.84 2.34 -4.63
N LEU A 61 -2.18 1.31 -5.41
CA LEU A 61 -3.29 1.31 -6.38
C LEU A 61 -4.32 0.25 -5.98
N LEU A 62 -5.59 0.51 -6.28
CA LEU A 62 -6.68 -0.48 -6.14
C LEU A 62 -7.49 -0.48 -7.44
N ALA A 63 -7.24 -1.51 -8.28
CA ALA A 63 -7.84 -1.68 -9.62
C ALA A 63 -7.52 -0.48 -10.54
N GLY A 64 -6.30 0.08 -10.34
CA GLY A 64 -5.79 1.22 -11.12
C GLY A 64 -5.96 2.56 -10.41
N ALA A 65 -6.92 2.63 -9.48
CA ALA A 65 -7.28 3.87 -8.77
C ALA A 65 -6.21 4.22 -7.71
N PRO A 66 -5.53 5.41 -7.83
CA PRO A 66 -4.46 5.82 -6.87
C PRO A 66 -5.04 6.09 -5.46
N LEU A 67 -4.76 5.16 -4.53
CA LEU A 67 -5.11 5.31 -3.11
C LEU A 67 -4.24 6.40 -2.47
N GLU A 68 -4.90 7.41 -1.87
CA GLU A 68 -4.23 8.59 -1.29
C GLU A 68 -3.51 8.20 0.03
N ASP A 69 -2.23 8.63 0.13
CA ASP A 69 -1.33 8.25 1.25
C ASP A 69 -1.88 8.65 2.63
N GLU A 70 -2.54 9.80 2.70
CA GLU A 70 -3.07 10.37 3.94
C GLU A 70 -4.34 9.61 4.41
N ALA A 71 -5.04 9.01 3.44
CA ALA A 71 -6.27 8.23 3.70
C ALA A 71 -5.93 6.85 4.29
N THR A 72 -6.73 6.41 5.28
CA THR A 72 -6.56 5.09 5.90
C THR A 72 -7.25 4.00 5.07
N LEU A 73 -6.99 2.73 5.43
CA LEU A 73 -7.60 1.56 4.79
C LEU A 73 -9.09 1.43 5.21
N GLY A 74 -9.41 1.98 6.40
CA GLY A 74 -10.79 2.11 6.88
C GLY A 74 -11.59 3.12 6.09
N GLN A 75 -10.95 4.28 5.80
CA GLN A 75 -11.54 5.35 4.96
C GLN A 75 -11.75 4.85 3.51
N CYS A 76 -10.78 4.06 3.02
CA CYS A 76 -10.84 3.41 1.70
C CYS A 76 -11.99 2.38 1.64
N GLY A 77 -12.29 1.77 2.81
CA GLY A 77 -13.32 0.74 2.92
C GLY A 77 -12.86 -0.61 2.36
N VAL A 78 -11.53 -0.80 2.34
CA VAL A 78 -10.91 -2.03 1.84
C VAL A 78 -10.99 -3.13 2.93
N GLU A 79 -11.07 -4.39 2.50
CA GLU A 79 -11.38 -5.53 3.39
C GLU A 79 -10.33 -6.65 3.28
N ALA A 80 -10.61 -7.80 3.91
CA ALA A 80 -9.74 -8.97 3.90
C ALA A 80 -9.68 -9.62 2.49
N LEU A 81 -8.56 -10.33 2.24
CA LEU A 81 -8.26 -11.06 0.98
C LEU A 81 -8.15 -10.15 -0.27
N THR A 82 -8.31 -8.82 -0.10
CA THR A 82 -8.20 -7.86 -1.21
C THR A 82 -6.73 -7.72 -1.63
N THR A 83 -6.46 -7.47 -2.91
CA THR A 83 -5.09 -7.33 -3.43
C THR A 83 -4.85 -5.90 -3.89
N LEU A 84 -4.12 -5.13 -3.07
CA LEU A 84 -3.62 -3.80 -3.43
C LEU A 84 -2.38 -3.97 -4.34
N GLU A 85 -1.89 -2.89 -4.94
CA GLU A 85 -0.70 -2.94 -5.83
C GLU A 85 0.23 -1.75 -5.52
N VAL A 86 1.53 -1.91 -5.82
CA VAL A 86 2.54 -0.85 -5.66
C VAL A 86 3.17 -0.58 -7.04
N ALA A 87 3.16 0.70 -7.45
CA ALA A 87 3.79 1.16 -8.70
C ALA A 87 4.75 2.32 -8.40
N GLY A 88 5.88 2.37 -9.12
CA GLY A 88 6.84 3.47 -9.00
C GLY A 88 6.48 4.62 -9.92
N ARG A 89 5.66 5.56 -9.42
CA ARG A 89 5.16 6.72 -10.20
C ARG A 89 5.37 8.03 -9.41
N MET A 90 6.04 7.93 -8.25
CA MET A 90 6.15 9.05 -7.29
C MET A 90 7.65 9.32 -7.00
N LEU A 91 8.01 10.59 -6.70
CA LEU A 91 9.39 11.00 -6.39
C LEU A 91 9.44 12.40 -5.77
N GLY A 92 10.66 12.84 -5.39
CA GLY A 92 10.91 14.19 -4.91
C GLY A 92 10.47 14.46 -3.47
N GLY A 93 10.15 13.39 -2.73
CA GLY A 93 9.74 13.49 -1.33
C GLY A 93 10.92 13.62 -0.37
N MET A 20 -8.10 -7.30 8.81
CA MET A 20 -7.93 -7.15 7.35
C MET A 20 -6.54 -7.66 6.93
N GLN A 21 -6.44 -8.96 6.58
CA GLN A 21 -5.22 -9.52 5.98
C GLN A 21 -5.34 -9.40 4.46
N LEU A 22 -4.60 -8.44 3.88
CA LEU A 22 -4.59 -8.17 2.44
C LEU A 22 -3.20 -8.49 1.85
N PHE A 23 -3.11 -8.62 0.52
CA PHE A 23 -1.84 -8.84 -0.19
C PHE A 23 -1.46 -7.56 -0.94
N VAL A 24 -0.16 -7.46 -1.26
CA VAL A 24 0.41 -6.32 -1.99
C VAL A 24 1.25 -6.83 -3.18
N ARG A 25 0.75 -6.55 -4.40
CA ARG A 25 1.46 -6.81 -5.65
C ARG A 25 2.63 -5.82 -5.80
N ALA A 26 3.78 -6.27 -5.29
CA ALA A 26 5.08 -5.59 -5.42
C ALA A 26 6.04 -6.55 -6.16
N GLN A 27 7.32 -6.15 -6.38
CA GLN A 27 8.31 -7.05 -7.05
C GLN A 27 8.49 -8.35 -6.22
N GLU A 28 8.36 -8.21 -4.89
CA GLU A 28 8.18 -9.33 -3.95
C GLU A 28 6.74 -9.24 -3.41
N LEU A 29 5.97 -10.35 -3.49
CA LEU A 29 4.58 -10.38 -2.99
C LEU A 29 4.61 -10.31 -1.44
N HIS A 30 3.98 -9.27 -0.88
CA HIS A 30 3.90 -9.04 0.58
C HIS A 30 2.45 -9.25 1.06
N THR A 31 2.29 -9.53 2.35
CA THR A 31 0.98 -9.69 3.01
C THR A 31 0.98 -8.90 4.33
N PHE A 32 -0.13 -8.16 4.60
CA PHE A 32 -0.25 -7.24 5.76
C PHE A 32 -1.60 -7.48 6.47
N GLU A 33 -1.54 -7.76 7.78
CA GLU A 33 -2.72 -7.81 8.67
C GLU A 33 -2.83 -6.48 9.41
N VAL A 34 -3.80 -5.66 8.97
CA VAL A 34 -4.13 -4.36 9.55
C VAL A 34 -5.58 -4.35 10.05
N THR A 35 -5.91 -3.46 10.98
CA THR A 35 -7.29 -3.26 11.44
C THR A 35 -8.13 -2.47 10.40
N GLY A 36 -7.43 -1.85 9.42
CA GLY A 36 -8.04 -0.93 8.46
C GLY A 36 -7.74 0.52 8.81
N GLN A 37 -7.61 0.79 10.13
CA GLN A 37 -7.30 2.12 10.67
C GLN A 37 -5.84 2.55 10.37
N GLU A 38 -5.05 1.65 9.77
CA GLU A 38 -3.69 1.96 9.34
C GLU A 38 -3.71 2.75 8.02
N THR A 39 -2.76 3.68 7.85
CA THR A 39 -2.69 4.53 6.65
C THR A 39 -1.99 3.80 5.48
N VAL A 40 -2.33 4.20 4.25
CA VAL A 40 -1.72 3.70 3.01
C VAL A 40 -0.20 4.06 2.97
N ALA A 41 0.15 5.18 3.66
CA ALA A 41 1.54 5.66 3.81
C ALA A 41 2.41 4.61 4.50
N GLN A 42 1.90 4.10 5.66
CA GLN A 42 2.60 3.08 6.45
C GLN A 42 2.69 1.74 5.71
N ILE A 43 1.62 1.41 4.95
CA ILE A 43 1.56 0.19 4.12
C ILE A 43 2.72 0.17 3.11
N LYS A 44 2.84 1.26 2.31
CA LYS A 44 3.86 1.35 1.24
C LYS A 44 5.27 1.56 1.83
N ALA A 45 5.34 2.20 3.03
CA ALA A 45 6.59 2.36 3.80
C ALA A 45 7.18 0.98 4.19
N HIS A 46 6.29 0.09 4.69
CA HIS A 46 6.66 -1.29 5.07
C HIS A 46 7.07 -2.10 3.84
N VAL A 47 6.32 -1.90 2.73
CA VAL A 47 6.66 -2.51 1.43
C VAL A 47 8.09 -2.09 1.02
N ALA A 48 8.38 -0.77 1.08
CA ALA A 48 9.69 -0.20 0.69
C ALA A 48 10.84 -0.72 1.55
N SER A 49 10.57 -0.96 2.84
CA SER A 49 11.54 -1.53 3.79
C SER A 49 11.90 -2.99 3.39
N LEU A 50 10.90 -3.73 2.89
CA LEU A 50 11.06 -5.13 2.44
C LEU A 50 11.68 -5.23 1.02
N GLU A 51 11.33 -4.27 0.16
CA GLU A 51 11.85 -4.18 -1.24
C GLU A 51 13.29 -3.66 -1.24
N GLY A 52 13.57 -2.73 -0.31
CA GLY A 52 14.83 -1.99 -0.27
C GLY A 52 14.83 -0.79 -1.21
N ILE A 53 13.66 -0.10 -1.34
CA ILE A 53 13.46 1.04 -2.28
C ILE A 53 12.90 2.27 -1.54
N ALA A 54 12.67 3.38 -2.29
CA ALA A 54 12.19 4.68 -1.74
C ALA A 54 10.66 4.65 -1.42
N PRO A 55 10.26 4.76 -0.10
CA PRO A 55 8.83 4.70 0.34
C PRO A 55 7.95 5.83 -0.24
N GLU A 56 8.55 7.02 -0.44
CA GLU A 56 7.84 8.17 -1.00
C GLU A 56 7.51 7.94 -2.48
N ASP A 57 8.46 7.29 -3.21
CA ASP A 57 8.40 7.16 -4.68
C ASP A 57 7.21 6.33 -5.12
N GLN A 58 7.00 5.22 -4.41
CA GLN A 58 5.93 4.28 -4.71
C GLN A 58 4.57 4.83 -4.24
N VAL A 59 3.52 4.41 -4.95
CA VAL A 59 2.12 4.72 -4.64
C VAL A 59 1.32 3.42 -4.70
N VAL A 60 0.32 3.28 -3.83
CA VAL A 60 -0.54 2.10 -3.78
C VAL A 60 -1.78 2.32 -4.70
N LEU A 61 -2.07 1.28 -5.50
CA LEU A 61 -3.15 1.30 -6.50
C LEU A 61 -4.18 0.22 -6.13
N LEU A 62 -5.37 0.63 -5.69
CA LEU A 62 -6.48 -0.30 -5.40
C LEU A 62 -7.17 -0.67 -6.72
N ALA A 63 -6.76 -1.83 -7.29
CA ALA A 63 -7.24 -2.32 -8.59
C ALA A 63 -6.98 -1.31 -9.74
N GLY A 64 -5.91 -0.48 -9.58
CA GLY A 64 -5.55 0.56 -10.54
C GLY A 64 -5.81 1.98 -10.02
N ALA A 65 -6.76 2.12 -9.08
CA ALA A 65 -7.15 3.43 -8.51
C ALA A 65 -6.11 3.93 -7.49
N PRO A 66 -5.37 5.05 -7.78
CA PRO A 66 -4.32 5.57 -6.87
C PRO A 66 -4.93 6.05 -5.53
N LEU A 67 -4.56 5.37 -4.43
CA LEU A 67 -5.03 5.71 -3.07
C LEU A 67 -4.22 6.89 -2.49
N GLU A 68 -4.82 7.56 -1.51
CA GLU A 68 -4.17 8.65 -0.77
C GLU A 68 -3.36 8.05 0.39
N ASP A 69 -2.09 8.42 0.50
CA ASP A 69 -1.18 7.87 1.53
C ASP A 69 -1.69 8.21 2.96
N GLU A 70 -2.25 9.42 3.10
CA GLU A 70 -2.75 9.94 4.38
C GLU A 70 -4.14 9.36 4.73
N ALA A 71 -4.75 8.65 3.76
CA ALA A 71 -6.04 7.95 3.96
C ALA A 71 -5.77 6.53 4.50
N THR A 72 -6.71 6.03 5.31
CA THR A 72 -6.65 4.67 5.87
C THR A 72 -7.41 3.69 4.97
N LEU A 73 -7.19 2.37 5.21
CA LEU A 73 -7.91 1.29 4.50
C LEU A 73 -9.41 1.33 4.86
N GLY A 74 -9.70 1.84 6.08
CA GLY A 74 -11.07 2.00 6.57
C GLY A 74 -11.79 3.18 5.92
N GLN A 75 -11.03 4.26 5.67
CA GLN A 75 -11.54 5.46 4.95
C GLN A 75 -11.81 5.09 3.47
N CYS A 76 -10.89 4.32 2.87
CA CYS A 76 -11.06 3.77 1.50
C CYS A 76 -12.27 2.81 1.44
N GLY A 77 -12.60 2.19 2.60
CA GLY A 77 -13.73 1.30 2.73
C GLY A 77 -13.49 -0.06 2.10
N VAL A 78 -12.20 -0.45 2.00
CA VAL A 78 -11.80 -1.74 1.41
C VAL A 78 -11.95 -2.87 2.46
N GLU A 79 -12.01 -4.13 2.01
CA GLU A 79 -12.19 -5.31 2.88
C GLU A 79 -10.91 -6.16 2.92
N ALA A 80 -10.96 -7.29 3.63
CA ALA A 80 -9.85 -8.26 3.72
C ALA A 80 -9.74 -9.11 2.44
N LEU A 81 -8.61 -9.81 2.29
CA LEU A 81 -8.30 -10.72 1.15
C LEU A 81 -8.12 -9.96 -0.19
N THR A 82 -8.12 -8.62 -0.15
CA THR A 82 -7.91 -7.77 -1.33
C THR A 82 -6.41 -7.68 -1.66
N THR A 83 -6.05 -7.50 -2.93
CA THR A 83 -4.66 -7.34 -3.37
C THR A 83 -4.49 -5.94 -4.00
N LEU A 84 -3.73 -5.10 -3.29
CA LEU A 84 -3.40 -3.73 -3.72
C LEU A 84 -2.03 -3.77 -4.41
N GLU A 85 -1.81 -2.91 -5.40
CA GLU A 85 -0.56 -2.88 -6.18
C GLU A 85 0.35 -1.73 -5.73
N VAL A 86 1.67 -1.86 -5.97
CA VAL A 86 2.67 -0.80 -5.73
C VAL A 86 3.34 -0.42 -7.06
N ALA A 87 3.41 0.89 -7.33
CA ALA A 87 4.00 1.45 -8.56
C ALA A 87 4.81 2.72 -8.23
N GLY A 88 6.08 2.76 -8.67
CA GLY A 88 6.98 3.89 -8.40
C GLY A 88 6.66 5.09 -9.27
N ARG A 89 5.87 6.04 -8.73
CA ARG A 89 5.36 7.22 -9.47
C ARG A 89 5.82 8.54 -8.81
N MET A 90 5.29 8.84 -7.60
CA MET A 90 5.45 10.18 -6.97
C MET A 90 6.73 10.28 -6.12
N LEU A 91 7.89 10.46 -6.79
CA LEU A 91 9.19 10.65 -6.13
C LEU A 91 9.19 11.96 -5.30
N GLY A 92 9.19 11.81 -3.96
CA GLY A 92 9.24 12.95 -3.05
C GLY A 92 10.63 13.53 -2.93
N GLY A 93 11.57 12.70 -2.45
CA GLY A 93 12.96 13.10 -2.30
C GLY A 93 13.27 13.70 -0.93
N MET A 20 -7.51 -8.26 9.68
CA MET A 20 -7.71 -7.94 8.25
C MET A 20 -6.40 -8.18 7.49
N GLN A 21 -6.19 -9.43 7.04
CA GLN A 21 -5.03 -9.80 6.22
C GLN A 21 -5.35 -9.50 4.75
N LEU A 22 -4.47 -8.75 4.08
CA LEU A 22 -4.61 -8.40 2.66
C LEU A 22 -3.24 -8.56 1.97
N PHE A 23 -3.22 -8.54 0.63
CA PHE A 23 -2.00 -8.73 -0.16
C PHE A 23 -1.60 -7.41 -0.82
N VAL A 24 -0.29 -7.23 -0.98
CA VAL A 24 0.32 -6.09 -1.67
C VAL A 24 1.19 -6.63 -2.81
N ARG A 25 0.69 -6.39 -4.04
CA ARG A 25 1.30 -6.82 -5.28
C ARG A 25 2.46 -5.88 -5.65
N ALA A 26 3.64 -6.24 -5.19
CA ALA A 26 4.90 -5.55 -5.44
C ALA A 26 5.85 -6.51 -6.16
N GLN A 27 7.11 -6.06 -6.45
CA GLN A 27 8.17 -6.93 -7.04
C GLN A 27 8.34 -8.25 -6.21
N GLU A 28 8.02 -8.15 -4.91
CA GLU A 28 7.78 -9.30 -4.02
C GLU A 28 6.32 -9.23 -3.52
N LEU A 29 5.65 -10.40 -3.41
CA LEU A 29 4.27 -10.48 -2.92
C LEU A 29 4.28 -10.51 -1.38
N HIS A 30 3.84 -9.41 -0.76
CA HIS A 30 3.82 -9.25 0.72
C HIS A 30 2.38 -9.27 1.23
N THR A 31 2.10 -10.05 2.28
CA THR A 31 0.79 -10.03 2.93
C THR A 31 0.93 -9.29 4.28
N PHE A 32 -0.04 -8.42 4.59
CA PHE A 32 -0.04 -7.58 5.80
C PHE A 32 -1.33 -7.77 6.58
N GLU A 33 -1.20 -8.07 7.88
CA GLU A 33 -2.33 -8.10 8.82
C GLU A 33 -2.49 -6.70 9.44
N VAL A 34 -3.51 -5.97 8.97
CA VAL A 34 -3.89 -4.65 9.48
C VAL A 34 -5.24 -4.74 10.20
N THR A 35 -5.65 -3.65 10.85
CA THR A 35 -6.96 -3.53 11.51
C THR A 35 -7.87 -2.58 10.69
N GLY A 36 -7.26 -1.89 9.69
CA GLY A 36 -7.97 -0.90 8.87
C GLY A 36 -7.53 0.52 9.21
N GLN A 37 -7.24 0.77 10.50
CA GLN A 37 -6.88 2.10 11.02
C GLN A 37 -5.44 2.54 10.66
N GLU A 38 -4.67 1.64 10.02
CA GLU A 38 -3.36 1.99 9.44
C GLU A 38 -3.57 2.73 8.10
N THR A 39 -2.65 3.68 7.76
CA THR A 39 -2.75 4.45 6.50
C THR A 39 -2.07 3.71 5.33
N VAL A 40 -2.36 4.16 4.10
CA VAL A 40 -1.70 3.69 2.87
C VAL A 40 -0.21 4.11 2.87
N ALA A 41 0.10 5.23 3.56
CA ALA A 41 1.46 5.76 3.72
C ALA A 41 2.34 4.77 4.51
N GLN A 42 1.74 4.21 5.58
CA GLN A 42 2.41 3.19 6.42
C GLN A 42 2.57 1.86 5.63
N ILE A 43 1.52 1.50 4.83
CA ILE A 43 1.57 0.33 3.90
C ILE A 43 2.79 0.44 2.95
N LYS A 44 3.00 1.66 2.38
CA LYS A 44 4.15 1.97 1.51
C LYS A 44 5.47 1.79 2.26
N ALA A 45 5.54 2.39 3.46
CA ALA A 45 6.73 2.37 4.33
C ALA A 45 7.12 0.91 4.68
N HIS A 46 6.11 0.04 4.93
CA HIS A 46 6.30 -1.39 5.22
C HIS A 46 6.99 -2.10 4.05
N VAL A 47 6.35 -2.03 2.86
CA VAL A 47 6.81 -2.76 1.65
C VAL A 47 8.17 -2.19 1.17
N ALA A 48 8.37 -0.87 1.40
CA ALA A 48 9.62 -0.16 1.07
C ALA A 48 10.78 -0.63 1.96
N SER A 49 10.50 -0.79 3.27
CA SER A 49 11.48 -1.28 4.25
C SER A 49 11.94 -2.71 3.90
N LEU A 50 10.96 -3.54 3.49
CA LEU A 50 11.17 -4.95 3.11
C LEU A 50 12.07 -5.08 1.86
N GLU A 51 11.71 -4.33 0.80
CA GLU A 51 12.36 -4.44 -0.53
C GLU A 51 13.57 -3.49 -0.67
N GLY A 52 13.82 -2.67 0.37
CA GLY A 52 14.95 -1.72 0.37
C GLY A 52 14.74 -0.53 -0.58
N ILE A 53 13.48 -0.29 -0.98
CA ILE A 53 13.10 0.79 -1.92
C ILE A 53 12.49 1.98 -1.14
N ALA A 54 12.08 3.05 -1.87
CA ALA A 54 11.57 4.30 -1.25
C ALA A 54 10.02 4.39 -1.32
N PRO A 55 9.33 4.76 -0.18
CA PRO A 55 7.85 4.97 -0.18
C PRO A 55 7.46 6.25 -0.96
N GLU A 56 8.45 7.13 -1.17
CA GLU A 56 8.30 8.41 -1.91
C GLU A 56 8.55 8.25 -3.42
N ASP A 57 8.90 7.02 -3.85
CA ASP A 57 9.07 6.67 -5.28
C ASP A 57 7.90 5.77 -5.76
N GLN A 58 7.22 5.15 -4.80
CA GLN A 58 6.11 4.23 -5.08
C GLN A 58 4.76 4.87 -4.70
N VAL A 59 3.70 4.34 -5.32
CA VAL A 59 2.31 4.62 -4.97
C VAL A 59 1.55 3.28 -4.88
N VAL A 60 0.42 3.28 -4.17
CA VAL A 60 -0.46 2.11 -4.05
C VAL A 60 -1.77 2.38 -4.79
N LEU A 61 -2.10 1.48 -5.73
CA LEU A 61 -3.32 1.53 -6.54
C LEU A 61 -4.28 0.42 -6.08
N LEU A 62 -5.57 0.63 -6.31
CA LEU A 62 -6.61 -0.39 -6.14
C LEU A 62 -7.47 -0.40 -7.42
N ALA A 63 -7.29 -1.46 -8.24
CA ALA A 63 -7.95 -1.61 -9.56
C ALA A 63 -7.57 -0.43 -10.51
N GLY A 64 -6.39 0.18 -10.23
CA GLY A 64 -5.89 1.34 -10.98
C GLY A 64 -6.04 2.66 -10.22
N ALA A 65 -7.05 2.75 -9.34
CA ALA A 65 -7.39 3.99 -8.62
C ALA A 65 -6.31 4.31 -7.56
N PRO A 66 -5.64 5.50 -7.64
CA PRO A 66 -4.57 5.90 -6.69
C PRO A 66 -5.10 6.08 -5.25
N LEU A 67 -4.76 5.11 -4.38
CA LEU A 67 -5.13 5.15 -2.96
C LEU A 67 -4.36 6.29 -2.26
N GLU A 68 -5.13 7.22 -1.67
CA GLU A 68 -4.58 8.38 -0.94
C GLU A 68 -3.71 7.91 0.24
N ASP A 69 -2.46 8.40 0.30
CA ASP A 69 -1.45 7.96 1.29
C ASP A 69 -1.93 8.19 2.74
N GLU A 70 -2.53 9.36 3.00
CA GLU A 70 -2.98 9.73 4.35
C GLU A 70 -4.30 9.02 4.72
N ALA A 71 -5.01 8.49 3.70
CA ALA A 71 -6.25 7.73 3.91
C ALA A 71 -5.92 6.33 4.43
N THR A 72 -6.64 5.91 5.47
CA THR A 72 -6.50 4.57 6.07
C THR A 72 -7.22 3.52 5.21
N LEU A 73 -6.99 2.22 5.49
CA LEU A 73 -7.68 1.12 4.78
C LEU A 73 -9.21 1.19 5.00
N GLY A 74 -9.58 1.63 6.23
CA GLY A 74 -10.99 1.80 6.61
C GLY A 74 -11.64 3.01 5.94
N GLN A 75 -10.83 4.08 5.73
CA GLN A 75 -11.28 5.32 5.05
C GLN A 75 -11.46 5.07 3.54
N CYS A 76 -10.54 4.26 2.97
CA CYS A 76 -10.64 3.80 1.57
C CYS A 76 -11.83 2.84 1.39
N GLY A 77 -12.18 2.14 2.49
CA GLY A 77 -13.29 1.18 2.49
C GLY A 77 -12.94 -0.12 1.79
N VAL A 78 -11.64 -0.43 1.74
CA VAL A 78 -11.13 -1.67 1.11
C VAL A 78 -11.35 -2.85 2.08
N GLU A 79 -11.78 -3.99 1.53
CA GLU A 79 -12.12 -5.19 2.34
C GLU A 79 -10.90 -6.11 2.52
N ALA A 80 -11.09 -7.21 3.26
CA ALA A 80 -10.02 -8.20 3.53
C ALA A 80 -9.71 -9.04 2.28
N LEU A 81 -8.50 -9.66 2.29
CA LEU A 81 -7.97 -10.53 1.21
C LEU A 81 -7.79 -9.79 -0.14
N THR A 82 -7.92 -8.46 -0.14
CA THR A 82 -7.82 -7.64 -1.35
C THR A 82 -6.34 -7.36 -1.68
N THR A 83 -6.04 -7.27 -2.98
CA THR A 83 -4.69 -7.11 -3.50
C THR A 83 -4.47 -5.65 -3.95
N LEU A 84 -3.70 -4.90 -3.16
CA LEU A 84 -3.31 -3.51 -3.44
C LEU A 84 -1.96 -3.53 -4.19
N GLU A 85 -1.86 -2.84 -5.34
CA GLU A 85 -0.65 -2.93 -6.20
C GLU A 85 0.30 -1.73 -5.99
N VAL A 86 1.62 -2.00 -6.00
CA VAL A 86 2.67 -0.96 -5.95
C VAL A 86 3.15 -0.64 -7.38
N ALA A 87 3.10 0.64 -7.75
CA ALA A 87 3.56 1.15 -9.06
C ALA A 87 4.39 2.43 -8.85
N GLY A 88 5.37 2.70 -9.72
CA GLY A 88 6.19 3.90 -9.60
C GLY A 88 5.62 5.05 -10.42
N ARG A 89 4.72 5.85 -9.80
CA ARG A 89 4.13 7.06 -10.43
C ARG A 89 4.73 8.32 -9.81
N MET A 90 4.92 8.29 -8.48
CA MET A 90 5.64 9.34 -7.74
C MET A 90 7.15 9.19 -8.01
N LEU A 91 7.90 10.32 -8.05
CA LEU A 91 9.34 10.29 -8.39
C LEU A 91 10.19 10.45 -7.12
N GLY A 92 10.92 9.38 -6.76
CA GLY A 92 11.91 9.39 -5.69
C GLY A 92 13.33 9.49 -6.27
N GLY A 93 14.17 10.33 -5.66
CA GLY A 93 15.54 10.56 -6.11
C GLY A 93 16.49 9.38 -5.85
N MET A 20 -8.23 -8.84 9.13
CA MET A 20 -8.35 -8.20 7.79
C MET A 20 -7.01 -8.34 7.05
N GLN A 21 -6.80 -9.51 6.42
CA GLN A 21 -5.60 -9.80 5.64
C GLN A 21 -5.82 -9.40 4.17
N LEU A 22 -4.78 -8.82 3.54
CA LEU A 22 -4.81 -8.43 2.12
C LEU A 22 -3.41 -8.59 1.52
N PHE A 23 -3.34 -8.70 0.20
CA PHE A 23 -2.11 -8.96 -0.54
C PHE A 23 -1.60 -7.67 -1.18
N VAL A 24 -0.42 -7.20 -0.75
CA VAL A 24 0.27 -6.09 -1.41
C VAL A 24 1.17 -6.67 -2.51
N ARG A 25 0.72 -6.45 -3.76
CA ARG A 25 1.38 -6.95 -4.96
C ARG A 25 2.62 -6.08 -5.27
N ALA A 26 3.75 -6.53 -4.72
CA ALA A 26 5.08 -5.94 -4.92
C ALA A 26 5.92 -6.88 -5.78
N GLN A 27 7.21 -6.54 -6.00
CA GLN A 27 8.19 -7.42 -6.72
C GLN A 27 8.13 -8.89 -6.22
N GLU A 28 7.99 -9.07 -4.88
CA GLU A 28 7.57 -10.37 -4.30
C GLU A 28 6.10 -10.24 -3.83
N LEU A 29 5.38 -11.38 -3.73
CA LEU A 29 4.01 -11.39 -3.18
C LEU A 29 4.10 -11.24 -1.65
N HIS A 30 3.69 -10.05 -1.16
CA HIS A 30 3.62 -9.75 0.29
C HIS A 30 2.16 -9.71 0.72
N THR A 31 1.87 -10.22 1.92
CA THR A 31 0.55 -10.15 2.52
C THR A 31 0.65 -9.54 3.93
N PHE A 32 -0.25 -8.59 4.23
CA PHE A 32 -0.30 -7.88 5.52
C PHE A 32 -1.72 -7.98 6.09
N GLU A 33 -1.84 -8.34 7.37
CA GLU A 33 -3.10 -8.21 8.10
C GLU A 33 -3.11 -6.83 8.79
N VAL A 34 -4.02 -5.97 8.34
CA VAL A 34 -4.12 -4.58 8.79
C VAL A 34 -5.40 -4.39 9.63
N THR A 35 -5.30 -3.52 10.66
CA THR A 35 -6.44 -3.20 11.53
C THR A 35 -7.30 -2.06 10.94
N GLY A 36 -6.94 -1.60 9.72
CA GLY A 36 -7.71 -0.59 8.99
C GLY A 36 -7.28 0.84 9.29
N GLN A 37 -6.94 1.10 10.57
CA GLN A 37 -6.53 2.45 11.05
C GLN A 37 -5.15 2.87 10.51
N GLU A 38 -4.37 1.88 10.08
CA GLU A 38 -3.08 2.09 9.44
C GLU A 38 -3.28 2.83 8.10
N THR A 39 -2.44 3.84 7.84
CA THR A 39 -2.56 4.66 6.62
C THR A 39 -1.86 3.97 5.43
N VAL A 40 -2.15 4.47 4.22
CA VAL A 40 -1.49 4.02 2.98
C VAL A 40 0.00 4.43 2.99
N ALA A 41 0.31 5.54 3.69
CA ALA A 41 1.70 5.99 3.92
C ALA A 41 2.47 4.96 4.76
N GLN A 42 1.81 4.38 5.78
CA GLN A 42 2.40 3.33 6.63
C GLN A 42 2.55 2.00 5.86
N ILE A 43 1.58 1.71 4.96
CA ILE A 43 1.67 0.58 4.00
C ILE A 43 2.92 0.72 3.12
N LYS A 44 3.14 1.93 2.57
CA LYS A 44 4.32 2.27 1.77
C LYS A 44 5.61 2.11 2.57
N ALA A 45 5.57 2.58 3.82
CA ALA A 45 6.68 2.45 4.78
C ALA A 45 7.09 0.97 4.97
N HIS A 46 6.09 0.07 5.10
CA HIS A 46 6.33 -1.39 5.21
C HIS A 46 7.06 -1.92 3.95
N VAL A 47 6.51 -1.58 2.77
CA VAL A 47 7.05 -2.04 1.47
C VAL A 47 8.45 -1.41 1.20
N ALA A 48 8.67 -0.21 1.76
CA ALA A 48 9.94 0.52 1.66
C ALA A 48 11.02 -0.11 2.55
N SER A 49 10.60 -0.61 3.72
CA SER A 49 11.50 -1.28 4.67
C SER A 49 11.92 -2.68 4.17
N LEU A 50 10.95 -3.40 3.58
CA LEU A 50 11.16 -4.77 3.08
C LEU A 50 11.94 -4.79 1.74
N GLU A 51 11.44 -4.03 0.76
CA GLU A 51 12.01 -3.96 -0.61
C GLU A 51 13.20 -3.00 -0.68
N GLY A 52 13.33 -2.11 0.31
CA GLY A 52 14.40 -1.11 0.34
C GLY A 52 14.18 0.02 -0.67
N ILE A 53 12.92 0.15 -1.15
CA ILE A 53 12.54 1.11 -2.20
C ILE A 53 12.08 2.44 -1.59
N ALA A 54 11.98 3.48 -2.44
CA ALA A 54 11.59 4.83 -2.03
C ALA A 54 10.07 4.90 -1.75
N PRO A 55 9.63 5.22 -0.47
CA PRO A 55 8.18 5.39 -0.14
C PRO A 55 7.58 6.63 -0.84
N GLU A 56 8.47 7.54 -1.25
CA GLU A 56 8.11 8.76 -2.00
C GLU A 56 7.75 8.45 -3.47
N ASP A 57 8.36 7.38 -4.02
CA ASP A 57 8.21 6.99 -5.43
C ASP A 57 6.98 6.11 -5.62
N GLN A 58 6.78 5.19 -4.68
CA GLN A 58 5.75 4.16 -4.78
C GLN A 58 4.34 4.71 -4.48
N VAL A 59 3.34 4.01 -5.00
CA VAL A 59 1.91 4.29 -4.81
C VAL A 59 1.16 2.96 -4.68
N VAL A 60 0.07 2.96 -3.90
CA VAL A 60 -0.77 1.78 -3.66
C VAL A 60 -2.06 1.89 -4.53
N LEU A 61 -2.23 0.94 -5.45
CA LEU A 61 -3.32 0.91 -6.43
C LEU A 61 -4.38 -0.13 -6.01
N LEU A 62 -5.52 0.35 -5.48
CA LEU A 62 -6.68 -0.49 -5.16
C LEU A 62 -7.48 -0.72 -6.46
N ALA A 63 -7.25 -1.88 -7.11
CA ALA A 63 -7.86 -2.24 -8.41
C ALA A 63 -7.55 -1.20 -9.52
N GLY A 64 -6.41 -0.49 -9.37
CA GLY A 64 -5.97 0.56 -10.31
C GLY A 64 -6.11 1.97 -9.75
N ALA A 65 -6.96 2.15 -8.71
CA ALA A 65 -7.22 3.46 -8.08
C ALA A 65 -6.08 3.85 -7.12
N PRO A 66 -5.31 4.94 -7.41
CA PRO A 66 -4.27 5.45 -6.49
C PRO A 66 -4.90 6.04 -5.22
N LEU A 67 -4.68 5.34 -4.09
CA LEU A 67 -5.17 5.79 -2.77
C LEU A 67 -4.35 6.99 -2.26
N GLU A 68 -4.81 7.61 -1.17
CA GLU A 68 -4.12 8.75 -0.54
C GLU A 68 -3.24 8.25 0.61
N ASP A 69 -2.02 8.81 0.72
CA ASP A 69 -1.08 8.48 1.82
C ASP A 69 -1.73 8.69 3.21
N GLU A 70 -2.51 9.77 3.32
CA GLU A 70 -3.18 10.18 4.58
C GLU A 70 -4.42 9.33 4.86
N ALA A 71 -5.01 8.76 3.79
CA ALA A 71 -6.19 7.88 3.91
C ALA A 71 -5.77 6.51 4.47
N THR A 72 -6.52 6.02 5.47
CA THR A 72 -6.30 4.69 6.07
C THR A 72 -6.95 3.62 5.17
N LEU A 73 -6.74 2.32 5.48
CA LEU A 73 -7.44 1.23 4.75
C LEU A 73 -8.97 1.31 4.99
N GLY A 74 -9.36 1.94 6.12
CA GLY A 74 -10.76 2.18 6.46
C GLY A 74 -11.37 3.35 5.68
N GLN A 75 -10.58 4.42 5.49
CA GLN A 75 -11.00 5.62 4.73
C GLN A 75 -11.05 5.32 3.21
N CYS A 76 -10.17 4.40 2.79
CA CYS A 76 -10.15 3.86 1.42
C CYS A 76 -11.22 2.75 1.25
N GLY A 77 -11.69 2.20 2.39
CA GLY A 77 -12.79 1.21 2.41
C GLY A 77 -12.39 -0.13 1.78
N VAL A 78 -11.12 -0.50 1.94
CA VAL A 78 -10.55 -1.73 1.36
C VAL A 78 -11.11 -2.97 2.10
N GLU A 79 -11.51 -4.01 1.35
CA GLU A 79 -12.00 -5.28 1.93
C GLU A 79 -10.84 -6.29 2.06
N ALA A 80 -11.11 -7.44 2.71
CA ALA A 80 -10.12 -8.52 2.89
C ALA A 80 -9.94 -9.33 1.58
N LEU A 81 -8.84 -10.13 1.54
CA LEU A 81 -8.44 -10.98 0.38
C LEU A 81 -8.23 -10.16 -0.92
N THR A 82 -8.09 -8.83 -0.78
CA THR A 82 -7.93 -7.89 -1.91
C THR A 82 -6.43 -7.71 -2.22
N THR A 83 -6.13 -7.49 -3.50
CA THR A 83 -4.75 -7.37 -4.00
C THR A 83 -4.51 -5.93 -4.50
N LEU A 84 -3.75 -5.18 -3.69
CA LEU A 84 -3.39 -3.77 -3.96
C LEU A 84 -1.94 -3.74 -4.44
N GLU A 85 -1.70 -3.18 -5.65
CA GLU A 85 -0.38 -3.24 -6.31
C GLU A 85 0.47 -2.00 -5.99
N VAL A 86 1.80 -2.18 -5.99
CA VAL A 86 2.78 -1.10 -5.79
C VAL A 86 3.41 -0.75 -7.15
N ALA A 87 3.21 0.51 -7.58
CA ALA A 87 3.80 1.06 -8.81
C ALA A 87 4.55 2.36 -8.49
N GLY A 88 5.38 2.84 -9.42
CA GLY A 88 6.09 4.13 -9.26
C GLY A 88 5.38 5.24 -10.01
N ARG A 89 4.44 5.92 -9.32
CA ARG A 89 3.60 6.99 -9.92
C ARG A 89 3.52 8.21 -8.98
N MET A 90 4.44 8.29 -8.01
CA MET A 90 4.49 9.39 -7.03
C MET A 90 5.92 9.97 -6.98
N LEU A 91 6.04 11.24 -6.56
CA LEU A 91 7.34 11.96 -6.52
C LEU A 91 7.68 12.42 -5.08
N GLY A 92 6.81 12.07 -4.12
CA GLY A 92 6.98 12.47 -2.73
C GLY A 92 6.42 13.86 -2.44
N GLY A 93 7.12 14.88 -2.96
CA GLY A 93 6.73 16.28 -2.75
C GLY A 93 7.33 16.86 -1.46
N MET A 20 -7.00 -7.83 9.58
CA MET A 20 -7.50 -7.89 8.20
C MET A 20 -6.31 -8.16 7.26
N GLN A 21 -6.13 -9.45 6.91
CA GLN A 21 -5.08 -9.92 6.00
C GLN A 21 -5.47 -9.61 4.55
N LEU A 22 -4.64 -8.79 3.87
CA LEU A 22 -4.82 -8.49 2.44
C LEU A 22 -3.46 -8.51 1.73
N PHE A 23 -3.48 -8.64 0.40
CA PHE A 23 -2.26 -8.76 -0.45
C PHE A 23 -1.88 -7.38 -1.01
N VAL A 24 -0.57 -7.20 -1.28
CA VAL A 24 -0.01 -5.97 -1.87
C VAL A 24 1.04 -6.39 -2.94
N ARG A 25 0.63 -6.31 -4.22
CA ARG A 25 1.43 -6.75 -5.36
C ARG A 25 2.56 -5.75 -5.70
N ALA A 26 3.75 -6.02 -5.15
CA ALA A 26 5.02 -5.41 -5.56
C ALA A 26 5.79 -6.42 -6.42
N GLN A 27 7.04 -6.08 -6.84
CA GLN A 27 7.97 -7.03 -7.51
C GLN A 27 8.03 -8.40 -6.79
N GLU A 28 7.84 -8.38 -5.46
CA GLU A 28 7.50 -9.58 -4.66
C GLU A 28 6.07 -9.38 -4.09
N LEU A 29 5.24 -10.43 -4.13
CA LEU A 29 3.88 -10.38 -3.59
C LEU A 29 3.95 -10.34 -2.05
N HIS A 30 3.52 -9.21 -1.47
CA HIS A 30 3.43 -9.02 -0.02
C HIS A 30 2.03 -9.42 0.46
N THR A 31 1.91 -9.78 1.74
CA THR A 31 0.63 -10.04 2.40
C THR A 31 0.72 -9.49 3.84
N PHE A 32 -0.10 -8.48 4.16
CA PHE A 32 -0.04 -7.76 5.44
C PHE A 32 -1.34 -7.96 6.24
N GLU A 33 -1.20 -8.25 7.54
CA GLU A 33 -2.33 -8.20 8.48
C GLU A 33 -2.41 -6.76 9.05
N VAL A 34 -3.37 -5.99 8.55
CA VAL A 34 -3.60 -4.59 8.94
C VAL A 34 -4.93 -4.49 9.69
N THR A 35 -5.00 -3.66 10.73
CA THR A 35 -6.22 -3.48 11.53
C THR A 35 -7.09 -2.32 10.98
N GLY A 36 -6.66 -1.75 9.82
CA GLY A 36 -7.46 -0.77 9.08
C GLY A 36 -7.02 0.67 9.29
N GLN A 37 -6.40 0.94 10.45
CA GLN A 37 -6.01 2.31 10.86
C GLN A 37 -4.70 2.77 10.19
N GLU A 38 -3.96 1.81 9.61
CA GLU A 38 -2.72 2.08 8.87
C GLU A 38 -3.07 2.90 7.63
N THR A 39 -2.35 3.99 7.41
CA THR A 39 -2.52 4.80 6.21
C THR A 39 -1.87 4.09 5.01
N VAL A 40 -2.16 4.60 3.81
CA VAL A 40 -1.52 4.14 2.58
C VAL A 40 -0.01 4.47 2.63
N ALA A 41 0.33 5.57 3.35
CA ALA A 41 1.72 5.94 3.67
C ALA A 41 2.40 4.84 4.53
N GLN A 42 1.64 4.30 5.53
CA GLN A 42 2.13 3.20 6.39
C GLN A 42 2.30 1.90 5.58
N ILE A 43 1.39 1.65 4.62
CA ILE A 43 1.48 0.49 3.70
C ILE A 43 2.79 0.57 2.88
N LYS A 44 3.07 1.77 2.30
CA LYS A 44 4.31 2.04 1.55
C LYS A 44 5.54 1.83 2.45
N ALA A 45 5.43 2.35 3.69
CA ALA A 45 6.48 2.28 4.73
C ALA A 45 6.86 0.82 5.07
N HIS A 46 5.82 -0.04 5.25
CA HIS A 46 6.00 -1.48 5.55
C HIS A 46 6.75 -2.18 4.39
N VAL A 47 6.30 -1.91 3.14
CA VAL A 47 6.91 -2.49 1.92
C VAL A 47 8.38 -2.01 1.77
N ALA A 48 8.60 -0.72 2.08
CA ALA A 48 9.90 -0.04 1.98
C ALA A 48 10.88 -0.52 3.06
N SER A 49 10.36 -0.86 4.25
CA SER A 49 11.16 -1.37 5.37
C SER A 49 11.68 -2.78 5.06
N LEU A 50 10.83 -3.60 4.42
CA LEU A 50 11.17 -4.97 4.05
C LEU A 50 12.19 -5.01 2.90
N GLU A 51 11.87 -4.29 1.81
CA GLU A 51 12.65 -4.35 0.56
C GLU A 51 13.83 -3.37 0.56
N GLY A 52 13.79 -2.36 1.43
CA GLY A 52 14.83 -1.32 1.47
C GLY A 52 14.70 -0.33 0.32
N ILE A 53 13.46 -0.11 -0.13
CA ILE A 53 13.16 0.81 -1.26
C ILE A 53 12.61 2.15 -0.73
N ALA A 54 12.35 3.10 -1.65
CA ALA A 54 11.85 4.44 -1.31
C ALA A 54 10.31 4.49 -1.47
N PRO A 55 9.54 4.81 -0.37
CA PRO A 55 8.08 5.03 -0.45
C PRO A 55 7.74 6.34 -1.19
N GLU A 56 8.80 7.12 -1.50
CA GLU A 56 8.77 8.30 -2.35
C GLU A 56 8.28 7.94 -3.76
N ASP A 57 8.74 6.78 -4.26
CA ASP A 57 8.41 6.30 -5.62
C ASP A 57 7.11 5.50 -5.61
N GLN A 58 6.78 4.92 -4.45
CA GLN A 58 5.64 4.01 -4.30
C GLN A 58 4.31 4.78 -4.28
N VAL A 59 3.35 4.29 -5.06
CA VAL A 59 1.93 4.65 -4.96
C VAL A 59 1.10 3.35 -4.91
N VAL A 60 0.07 3.34 -4.05
CA VAL A 60 -0.82 2.17 -3.90
C VAL A 60 -2.11 2.37 -4.73
N LEU A 61 -2.48 1.32 -5.47
CA LEU A 61 -3.65 1.31 -6.37
C LEU A 61 -4.66 0.25 -5.88
N LEU A 62 -5.92 0.65 -5.73
CA LEU A 62 -7.05 -0.27 -5.49
C LEU A 62 -7.88 -0.37 -6.78
N ALA A 63 -7.73 -1.50 -7.50
CA ALA A 63 -8.45 -1.76 -8.78
C ALA A 63 -8.09 -0.71 -9.86
N GLY A 64 -6.89 -0.10 -9.74
CA GLY A 64 -6.42 0.94 -10.67
C GLY A 64 -6.58 2.35 -10.14
N ALA A 65 -7.39 2.53 -9.08
CA ALA A 65 -7.64 3.85 -8.49
C ALA A 65 -6.50 4.23 -7.53
N PRO A 66 -5.76 5.37 -7.80
CA PRO A 66 -4.67 5.84 -6.91
C PRO A 66 -5.19 6.24 -5.51
N LEU A 67 -4.81 5.45 -4.49
CA LEU A 67 -5.13 5.73 -3.08
C LEU A 67 -4.15 6.75 -2.50
N GLU A 68 -4.68 7.78 -1.83
CA GLU A 68 -3.88 8.83 -1.19
C GLU A 68 -3.18 8.28 0.07
N ASP A 69 -1.94 8.75 0.28
CA ASP A 69 -1.06 8.32 1.41
C ASP A 69 -1.69 8.63 2.77
N GLU A 70 -2.55 9.66 2.81
CA GLU A 70 -3.23 10.11 4.04
C GLU A 70 -4.38 9.17 4.43
N ALA A 71 -4.95 8.47 3.42
CA ALA A 71 -6.13 7.60 3.58
C ALA A 71 -5.74 6.26 4.22
N THR A 72 -6.50 5.82 5.23
CA THR A 72 -6.32 4.51 5.85
C THR A 72 -6.98 3.41 4.99
N LEU A 73 -6.78 2.12 5.36
CA LEU A 73 -7.49 0.99 4.71
C LEU A 73 -9.01 1.14 4.92
N GLY A 74 -9.38 1.67 6.11
CA GLY A 74 -10.78 1.94 6.47
C GLY A 74 -11.42 3.00 5.58
N GLN A 75 -10.66 4.09 5.33
CA GLN A 75 -11.12 5.22 4.49
C GLN A 75 -11.21 4.80 3.00
N CYS A 76 -10.26 3.98 2.56
CA CYS A 76 -10.24 3.41 1.20
C CYS A 76 -11.30 2.29 1.06
N GLY A 77 -11.81 1.80 2.21
CA GLY A 77 -12.87 0.78 2.26
C GLY A 77 -12.44 -0.57 1.70
N VAL A 78 -11.12 -0.84 1.74
CA VAL A 78 -10.53 -2.08 1.17
C VAL A 78 -10.52 -3.19 2.25
N GLU A 79 -11.25 -4.27 1.98
CA GLU A 79 -11.50 -5.37 2.94
C GLU A 79 -10.38 -6.45 2.88
N ALA A 80 -10.59 -7.57 3.61
CA ALA A 80 -9.66 -8.71 3.63
C ALA A 80 -9.70 -9.48 2.30
N LEU A 81 -8.57 -10.16 2.01
CA LEU A 81 -8.37 -11.00 0.79
C LEU A 81 -8.31 -10.17 -0.51
N THR A 82 -8.39 -8.83 -0.37
CA THR A 82 -8.29 -7.89 -1.50
C THR A 82 -6.81 -7.62 -1.80
N THR A 83 -6.48 -7.32 -3.05
CA THR A 83 -5.10 -7.07 -3.47
C THR A 83 -4.92 -5.60 -3.90
N LEU A 84 -4.15 -4.88 -3.08
CA LEU A 84 -3.60 -3.56 -3.44
C LEU A 84 -2.38 -3.79 -4.35
N GLU A 85 -1.97 -2.77 -5.10
CA GLU A 85 -0.81 -2.87 -6.02
C GLU A 85 0.13 -1.68 -5.85
N VAL A 86 1.44 -1.95 -5.93
CA VAL A 86 2.49 -0.93 -5.89
C VAL A 86 2.89 -0.55 -7.33
N ALA A 87 2.97 0.77 -7.57
CA ALA A 87 3.39 1.33 -8.87
C ALA A 87 4.27 2.56 -8.64
N GLY A 88 4.95 3.03 -9.70
CA GLY A 88 5.79 4.22 -9.64
C GLY A 88 5.19 5.39 -10.41
N ARG A 89 4.37 6.21 -9.74
CA ARG A 89 3.87 7.49 -10.28
C ARG A 89 4.63 8.65 -9.64
N MET A 90 4.75 8.60 -8.32
CA MET A 90 5.43 9.61 -7.51
C MET A 90 6.96 9.41 -7.60
N LEU A 91 7.73 10.45 -7.23
CA LEU A 91 9.21 10.41 -7.22
C LEU A 91 9.72 10.90 -5.85
N GLY A 92 8.96 11.83 -5.25
CA GLY A 92 9.27 12.40 -3.95
C GLY A 92 8.45 13.66 -3.68
N GLY A 93 8.68 14.29 -2.51
CA GLY A 93 7.93 15.48 -2.11
C GLY A 93 8.55 16.14 -0.87
N MET A 20 -7.07 -8.41 10.05
CA MET A 20 -7.23 -7.93 8.66
C MET A 20 -5.96 -8.25 7.87
N GLN A 21 -5.90 -9.46 7.29
CA GLN A 21 -4.77 -9.92 6.46
C GLN A 21 -5.16 -9.79 4.97
N LEU A 22 -4.34 -9.06 4.20
CA LEU A 22 -4.59 -8.82 2.76
C LEU A 22 -3.29 -8.96 1.96
N PHE A 23 -3.41 -9.04 0.62
CA PHE A 23 -2.27 -9.11 -0.30
C PHE A 23 -1.94 -7.73 -0.89
N VAL A 24 -0.72 -7.60 -1.42
CA VAL A 24 -0.24 -6.42 -2.15
C VAL A 24 0.46 -6.90 -3.44
N ARG A 25 -0.12 -6.50 -4.57
CA ARG A 25 0.43 -6.72 -5.91
C ARG A 25 1.66 -5.82 -6.11
N ALA A 26 2.84 -6.38 -5.83
CA ALA A 26 4.15 -5.73 -6.05
C ALA A 26 4.97 -6.56 -7.05
N GLN A 27 6.22 -6.11 -7.36
CA GLN A 27 7.17 -6.89 -8.22
C GLN A 27 7.21 -8.39 -7.82
N GLU A 28 7.07 -8.64 -6.52
CA GLU A 28 6.79 -9.95 -5.94
C GLU A 28 5.58 -9.80 -4.99
N LEU A 29 4.64 -10.76 -5.04
CA LEU A 29 3.41 -10.72 -4.22
C LEU A 29 3.75 -10.86 -2.73
N HIS A 30 3.23 -9.93 -1.91
CA HIS A 30 3.43 -9.93 -0.45
C HIS A 30 2.08 -9.94 0.27
N THR A 31 2.09 -10.33 1.55
CA THR A 31 0.89 -10.44 2.38
C THR A 31 1.13 -9.71 3.72
N PHE A 32 0.24 -8.76 4.05
CA PHE A 32 0.38 -7.86 5.21
C PHE A 32 -0.80 -8.02 6.17
N GLU A 33 -0.49 -8.15 7.47
CA GLU A 33 -1.47 -8.11 8.56
C GLU A 33 -1.56 -6.65 9.06
N VAL A 34 -2.67 -5.98 8.71
CA VAL A 34 -2.89 -4.55 8.94
C VAL A 34 -4.10 -4.33 9.89
N THR A 35 -4.25 -3.09 10.37
CA THR A 35 -5.26 -2.73 11.39
C THR A 35 -6.51 -2.04 10.79
N GLY A 36 -6.50 -1.77 9.45
CA GLY A 36 -7.62 -1.07 8.78
C GLY A 36 -7.52 0.44 8.93
N GLN A 37 -7.37 0.88 10.19
CA GLN A 37 -7.04 2.28 10.55
C GLN A 37 -5.62 2.65 10.07
N GLU A 38 -4.86 1.62 9.63
CA GLU A 38 -3.57 1.77 8.96
C GLU A 38 -3.71 2.65 7.68
N THR A 39 -2.89 3.70 7.56
CA THR A 39 -2.95 4.63 6.40
C THR A 39 -2.12 4.10 5.23
N VAL A 40 -2.41 4.60 4.02
CA VAL A 40 -1.70 4.24 2.79
C VAL A 40 -0.20 4.68 2.84
N ALA A 41 0.09 5.79 3.54
CA ALA A 41 1.46 6.32 3.71
C ALA A 41 2.32 5.35 4.54
N GLN A 42 1.71 4.83 5.61
CA GLN A 42 2.37 3.85 6.51
C GLN A 42 2.46 2.45 5.85
N ILE A 43 1.49 2.14 4.96
CA ILE A 43 1.58 0.95 4.06
C ILE A 43 2.84 1.06 3.21
N LYS A 44 3.04 2.24 2.56
CA LYS A 44 4.23 2.50 1.73
C LYS A 44 5.52 2.33 2.53
N ALA A 45 5.50 2.90 3.75
CA ALA A 45 6.62 2.85 4.71
C ALA A 45 7.03 1.40 5.03
N HIS A 46 6.05 0.53 5.34
CA HIS A 46 6.32 -0.87 5.71
C HIS A 46 6.78 -1.69 4.49
N VAL A 47 6.13 -1.47 3.32
CA VAL A 47 6.51 -2.12 2.04
C VAL A 47 7.96 -1.75 1.68
N ALA A 48 8.29 -0.46 1.90
CA ALA A 48 9.63 0.11 1.64
C ALA A 48 10.70 -0.52 2.54
N SER A 49 10.35 -0.68 3.83
CA SER A 49 11.25 -1.27 4.84
C SER A 49 11.62 -2.73 4.48
N LEU A 50 10.63 -3.50 3.98
CA LEU A 50 10.83 -4.92 3.64
C LEU A 50 11.52 -5.10 2.27
N GLU A 51 11.12 -4.25 1.31
CA GLU A 51 11.64 -4.29 -0.09
C GLU A 51 12.94 -3.49 -0.24
N GLY A 52 13.34 -2.78 0.83
CA GLY A 52 14.60 -2.02 0.86
C GLY A 52 14.59 -0.77 -0.03
N ILE A 53 13.38 -0.29 -0.38
CA ILE A 53 13.18 0.86 -1.28
C ILE A 53 12.71 2.10 -0.49
N ALA A 54 12.48 3.20 -1.20
CA ALA A 54 11.96 4.45 -0.61
C ALA A 54 10.41 4.47 -0.67
N PRO A 55 9.70 4.86 0.46
CA PRO A 55 8.21 4.94 0.47
C PRO A 55 7.68 6.10 -0.43
N GLU A 56 8.54 7.11 -0.65
CA GLU A 56 8.27 8.24 -1.56
C GLU A 56 8.22 7.78 -3.04
N ASP A 57 8.98 6.71 -3.36
CA ASP A 57 9.22 6.24 -4.73
C ASP A 57 8.05 5.38 -5.25
N GLN A 58 7.24 4.86 -4.33
CA GLN A 58 6.12 3.96 -4.66
C GLN A 58 4.77 4.66 -4.50
N VAL A 59 3.76 4.11 -5.19
CA VAL A 59 2.36 4.54 -5.05
C VAL A 59 1.49 3.30 -4.80
N VAL A 60 0.56 3.40 -3.82
CA VAL A 60 -0.38 2.32 -3.51
C VAL A 60 -1.73 2.63 -4.20
N LEU A 61 -2.14 1.69 -5.03
CA LEU A 61 -3.37 1.74 -5.82
C LEU A 61 -4.31 0.63 -5.32
N LEU A 62 -5.61 0.77 -5.56
CA LEU A 62 -6.56 -0.35 -5.45
C LEU A 62 -6.90 -0.76 -6.88
N ALA A 63 -6.19 -1.80 -7.38
CA ALA A 63 -6.34 -2.34 -8.74
C ALA A 63 -6.23 -1.23 -9.83
N GLY A 64 -5.29 -0.28 -9.62
CA GLY A 64 -5.07 0.84 -10.55
C GLY A 64 -5.53 2.20 -9.99
N ALA A 65 -6.56 2.21 -9.13
CA ALA A 65 -7.15 3.46 -8.58
C ALA A 65 -6.21 4.11 -7.53
N PRO A 66 -5.68 5.36 -7.78
CA PRO A 66 -4.74 6.04 -6.83
C PRO A 66 -5.36 6.30 -5.45
N LEU A 67 -4.88 5.55 -4.44
CA LEU A 67 -5.27 5.74 -3.04
C LEU A 67 -4.42 6.84 -2.40
N GLU A 68 -5.08 7.71 -1.62
CA GLU A 68 -4.42 8.86 -0.98
C GLU A 68 -3.62 8.40 0.25
N ASP A 69 -2.39 8.92 0.39
CA ASP A 69 -1.43 8.50 1.42
C ASP A 69 -2.00 8.69 2.86
N GLU A 70 -2.68 9.82 3.08
CA GLU A 70 -3.22 10.18 4.40
C GLU A 70 -4.55 9.44 4.68
N ALA A 71 -5.16 8.87 3.61
CA ALA A 71 -6.39 8.08 3.72
C ALA A 71 -6.07 6.67 4.26
N THR A 72 -6.91 6.19 5.20
CA THR A 72 -6.77 4.86 5.80
C THR A 72 -7.34 3.79 4.86
N LEU A 73 -7.01 2.52 5.13
CA LEU A 73 -7.48 1.38 4.32
C LEU A 73 -9.02 1.23 4.40
N GLY A 74 -9.57 1.49 5.61
CA GLY A 74 -11.00 1.46 5.84
C GLY A 74 -11.75 2.52 5.02
N GLN A 75 -11.17 3.73 4.94
CA GLN A 75 -11.78 4.85 4.17
C GLN A 75 -11.59 4.66 2.65
N CYS A 76 -10.50 3.97 2.26
CA CYS A 76 -10.24 3.57 0.87
C CYS A 76 -11.12 2.38 0.44
N GLY A 77 -11.86 1.79 1.42
CA GLY A 77 -12.84 0.72 1.14
C GLY A 77 -12.22 -0.64 0.89
N VAL A 78 -10.93 -0.80 1.26
CA VAL A 78 -10.21 -2.07 1.11
C VAL A 78 -10.18 -2.82 2.46
N GLU A 79 -10.51 -4.13 2.41
CA GLU A 79 -10.65 -5.00 3.60
C GLU A 79 -9.68 -6.20 3.52
N ALA A 80 -9.87 -7.20 4.41
CA ALA A 80 -9.09 -8.45 4.40
C ALA A 80 -9.42 -9.28 3.14
N LEU A 81 -8.42 -10.07 2.69
CA LEU A 81 -8.48 -10.95 1.49
C LEU A 81 -8.51 -10.15 0.16
N THR A 82 -8.42 -8.81 0.23
CA THR A 82 -8.31 -7.93 -0.94
C THR A 82 -6.81 -7.77 -1.32
N THR A 83 -6.53 -7.31 -2.54
CA THR A 83 -5.16 -7.10 -3.04
C THR A 83 -4.97 -5.64 -3.48
N LEU A 84 -4.05 -4.92 -2.79
CA LEU A 84 -3.59 -3.57 -3.20
C LEU A 84 -2.63 -3.69 -4.40
N GLU A 85 -2.09 -2.58 -4.89
CA GLU A 85 -1.18 -2.57 -6.05
C GLU A 85 -0.09 -1.48 -5.89
N VAL A 86 1.16 -1.90 -5.64
CA VAL A 86 2.31 -0.98 -5.61
C VAL A 86 2.84 -0.82 -7.04
N ALA A 87 2.78 0.43 -7.55
CA ALA A 87 3.32 0.80 -8.87
C ALA A 87 4.39 1.89 -8.71
N GLY A 88 5.13 2.17 -9.79
CA GLY A 88 6.17 3.19 -9.78
C GLY A 88 5.67 4.53 -10.26
N ARG A 89 5.11 5.32 -9.32
CA ARG A 89 4.73 6.74 -9.53
C ARG A 89 5.02 7.49 -8.23
N MET A 90 5.51 8.73 -8.36
CA MET A 90 5.87 9.57 -7.22
C MET A 90 5.64 11.05 -7.55
N LEU A 91 5.29 11.81 -6.50
CA LEU A 91 5.05 13.26 -6.58
C LEU A 91 5.32 13.86 -5.20
N GLY A 92 6.13 14.94 -5.18
CA GLY A 92 6.56 15.57 -3.95
C GLY A 92 7.67 14.80 -3.23
N GLY A 93 8.32 13.87 -3.96
CA GLY A 93 9.43 13.05 -3.43
C GLY A 93 10.79 13.66 -3.79
N MET A 20 -7.15 -7.91 9.29
CA MET A 20 -7.38 -7.71 7.85
C MET A 20 -6.10 -8.05 7.06
N GLN A 21 -5.93 -9.32 6.69
CA GLN A 21 -4.78 -9.75 5.88
C GLN A 21 -5.14 -9.60 4.39
N LEU A 22 -4.42 -8.71 3.68
CA LEU A 22 -4.65 -8.45 2.25
C LEU A 22 -3.32 -8.47 1.49
N PHE A 23 -3.39 -8.86 0.22
CA PHE A 23 -2.23 -9.00 -0.67
C PHE A 23 -1.93 -7.68 -1.37
N VAL A 24 -0.66 -7.46 -1.73
CA VAL A 24 -0.17 -6.24 -2.37
C VAL A 24 0.78 -6.64 -3.52
N ARG A 25 0.31 -6.41 -4.76
CA ARG A 25 1.06 -6.74 -5.99
C ARG A 25 2.21 -5.74 -6.20
N ALA A 26 3.39 -6.12 -5.74
CA ALA A 26 4.65 -5.42 -6.03
C ALA A 26 5.54 -6.33 -6.90
N GLN A 27 6.76 -5.86 -7.21
CA GLN A 27 7.82 -6.66 -7.89
C GLN A 27 7.98 -8.09 -7.29
N GLU A 28 7.62 -8.24 -6.01
CA GLU A 28 7.27 -9.53 -5.39
C GLU A 28 5.88 -9.41 -4.71
N LEU A 29 5.13 -10.53 -4.65
CA LEU A 29 3.78 -10.55 -4.05
C LEU A 29 3.89 -10.53 -2.51
N HIS A 30 3.49 -9.39 -1.92
CA HIS A 30 3.45 -9.20 -0.46
C HIS A 30 2.04 -9.52 0.08
N THR A 31 1.94 -9.73 1.39
CA THR A 31 0.67 -9.72 2.13
C THR A 31 0.91 -9.04 3.49
N PHE A 32 -0.07 -8.25 3.96
CA PHE A 32 0.04 -7.45 5.19
C PHE A 32 -1.24 -7.61 6.02
N GLU A 33 -1.04 -7.89 7.32
CA GLU A 33 -2.10 -7.96 8.31
C GLU A 33 -2.27 -6.58 8.96
N VAL A 34 -3.33 -5.86 8.56
CA VAL A 34 -3.60 -4.49 9.01
C VAL A 34 -4.85 -4.46 9.91
N THR A 35 -4.99 -3.39 10.68
CA THR A 35 -6.16 -3.15 11.55
C THR A 35 -7.28 -2.42 10.76
N GLY A 36 -6.86 -1.62 9.75
CA GLY A 36 -7.77 -0.74 8.99
C GLY A 36 -7.43 0.74 9.18
N GLN A 37 -6.88 1.07 10.36
CA GLN A 37 -6.61 2.47 10.77
C GLN A 37 -5.25 3.00 10.24
N GLU A 38 -4.46 2.13 9.58
CA GLU A 38 -3.17 2.51 8.98
C GLU A 38 -3.44 3.28 7.69
N THR A 39 -2.59 4.25 7.39
CA THR A 39 -2.67 5.00 6.14
C THR A 39 -1.98 4.23 5.01
N VAL A 40 -2.31 4.59 3.76
CA VAL A 40 -1.70 4.02 2.54
C VAL A 40 -0.17 4.31 2.53
N ALA A 41 0.21 5.45 3.15
CA ALA A 41 1.61 5.83 3.40
C ALA A 41 2.32 4.77 4.25
N GLN A 42 1.67 4.32 5.36
CA GLN A 42 2.23 3.28 6.25
C GLN A 42 2.36 1.94 5.50
N ILE A 43 1.36 1.62 4.67
CA ILE A 43 1.33 0.36 3.89
C ILE A 43 2.54 0.25 2.94
N LYS A 44 2.81 1.33 2.16
CA LYS A 44 3.94 1.37 1.22
C LYS A 44 5.27 1.54 1.97
N ALA A 45 5.24 2.22 3.14
CA ALA A 45 6.42 2.39 4.03
C ALA A 45 6.88 1.03 4.58
N HIS A 46 5.91 0.12 4.83
CA HIS A 46 6.20 -1.27 5.25
C HIS A 46 6.85 -2.05 4.09
N VAL A 47 6.28 -1.92 2.87
CA VAL A 47 6.87 -2.52 1.64
C VAL A 47 8.33 -2.01 1.44
N ALA A 48 8.51 -0.70 1.73
CA ALA A 48 9.78 0.01 1.63
C ALA A 48 10.82 -0.50 2.65
N SER A 49 10.40 -0.67 3.92
CA SER A 49 11.29 -1.11 5.01
C SER A 49 11.71 -2.58 4.82
N LEU A 50 10.86 -3.39 4.15
CA LEU A 50 11.16 -4.82 3.86
C LEU A 50 12.17 -4.95 2.70
N GLU A 51 11.91 -4.24 1.59
CA GLU A 51 12.73 -4.36 0.34
C GLU A 51 13.89 -3.34 0.30
N GLY A 52 13.95 -2.44 1.29
CA GLY A 52 15.01 -1.42 1.37
C GLY A 52 14.82 -0.25 0.40
N ILE A 53 13.67 -0.22 -0.30
CA ILE A 53 13.33 0.85 -1.27
C ILE A 53 12.75 2.07 -0.51
N ALA A 54 12.61 3.20 -1.22
CA ALA A 54 12.10 4.47 -0.65
C ALA A 54 10.55 4.45 -0.65
N PRO A 55 9.87 4.90 0.46
CA PRO A 55 8.38 5.01 0.48
C PRO A 55 7.88 6.15 -0.46
N GLU A 56 8.77 7.11 -0.75
CA GLU A 56 8.51 8.22 -1.67
C GLU A 56 8.67 7.80 -3.15
N ASP A 57 9.17 6.58 -3.39
CA ASP A 57 9.43 6.06 -4.75
C ASP A 57 8.12 5.64 -5.47
N GLN A 58 7.13 5.21 -4.68
CA GLN A 58 5.90 4.58 -5.21
C GLN A 58 4.67 4.97 -4.38
N VAL A 59 3.51 4.44 -4.80
CA VAL A 59 2.22 4.64 -4.15
C VAL A 59 1.41 3.33 -4.30
N VAL A 60 0.52 3.05 -3.32
CA VAL A 60 -0.37 1.89 -3.37
C VAL A 60 -1.66 2.25 -4.14
N LEU A 61 -2.11 1.32 -4.98
CA LEU A 61 -3.31 1.45 -5.83
C LEU A 61 -4.31 0.37 -5.37
N LEU A 62 -5.60 0.70 -5.30
CA LEU A 62 -6.65 -0.32 -5.10
C LEU A 62 -7.03 -0.89 -6.48
N ALA A 63 -6.42 -2.03 -6.84
CA ALA A 63 -6.62 -2.70 -8.14
C ALA A 63 -6.35 -1.76 -9.36
N GLY A 64 -5.45 -0.78 -9.16
CA GLY A 64 -5.11 0.22 -10.19
C GLY A 64 -5.64 1.62 -9.90
N ALA A 65 -6.57 1.76 -8.93
CA ALA A 65 -7.13 3.07 -8.52
C ALA A 65 -6.18 3.78 -7.51
N PRO A 66 -5.51 4.91 -7.90
CA PRO A 66 -4.51 5.62 -7.04
C PRO A 66 -5.07 6.06 -5.66
N LEU A 67 -4.64 5.35 -4.61
CA LEU A 67 -5.04 5.63 -3.22
C LEU A 67 -4.23 6.80 -2.64
N GLU A 68 -4.92 7.67 -1.88
CA GLU A 68 -4.29 8.78 -1.17
C GLU A 68 -3.47 8.23 0.02
N ASP A 69 -2.21 8.67 0.13
CA ASP A 69 -1.30 8.21 1.18
C ASP A 69 -1.80 8.58 2.59
N GLU A 70 -2.58 9.67 2.66
CA GLU A 70 -3.17 10.16 3.92
C GLU A 70 -4.43 9.37 4.30
N ALA A 71 -5.05 8.69 3.31
CA ALA A 71 -6.28 7.89 3.52
C ALA A 71 -5.95 6.55 4.17
N THR A 72 -6.78 6.12 5.14
CA THR A 72 -6.63 4.83 5.82
C THR A 72 -7.37 3.72 5.04
N LEU A 73 -7.12 2.42 5.39
CA LEU A 73 -7.85 1.28 4.79
C LEU A 73 -9.37 1.39 5.12
N GLY A 74 -9.66 1.94 6.32
CA GLY A 74 -11.02 2.11 6.82
C GLY A 74 -11.76 3.27 6.16
N GLN A 75 -11.00 4.31 5.78
CA GLN A 75 -11.54 5.48 5.04
C GLN A 75 -11.78 5.09 3.58
N CYS A 76 -10.89 4.24 3.03
CA CYS A 76 -11.03 3.66 1.69
C CYS A 76 -12.23 2.68 1.65
N GLY A 77 -12.42 1.97 2.78
CA GLY A 77 -13.47 0.96 2.92
C GLY A 77 -13.06 -0.41 2.38
N VAL A 78 -11.74 -0.62 2.22
CA VAL A 78 -11.19 -1.88 1.68
C VAL A 78 -11.09 -2.94 2.80
N GLU A 79 -11.51 -4.18 2.48
CA GLU A 79 -11.56 -5.29 3.45
C GLU A 79 -10.31 -6.20 3.35
N ALA A 80 -10.37 -7.36 4.03
CA ALA A 80 -9.35 -8.41 3.95
C ALA A 80 -9.53 -9.25 2.67
N LEU A 81 -8.51 -10.11 2.40
CA LEU A 81 -8.45 -11.01 1.22
C LEU A 81 -8.52 -10.25 -0.13
N THR A 82 -8.25 -8.94 -0.10
CA THR A 82 -8.20 -8.08 -1.30
C THR A 82 -6.76 -8.09 -1.85
N THR A 83 -6.58 -7.70 -3.12
CA THR A 83 -5.23 -7.53 -3.73
C THR A 83 -5.10 -6.09 -4.24
N LEU A 84 -4.34 -5.29 -3.48
CA LEU A 84 -3.93 -3.93 -3.86
C LEU A 84 -2.68 -4.03 -4.74
N GLU A 85 -2.11 -2.88 -5.13
CA GLU A 85 -1.01 -2.83 -6.12
C GLU A 85 0.05 -1.80 -5.69
N VAL A 86 1.28 -1.97 -6.20
CA VAL A 86 2.38 -0.99 -6.05
C VAL A 86 2.81 -0.51 -7.45
N ALA A 87 2.93 0.81 -7.62
CA ALA A 87 3.39 1.43 -8.87
C ALA A 87 4.06 2.77 -8.56
N GLY A 88 5.12 3.11 -9.33
CA GLY A 88 5.81 4.38 -9.14
C GLY A 88 5.09 5.53 -9.84
N ARG A 89 4.10 6.09 -9.14
CA ARG A 89 3.41 7.34 -9.55
C ARG A 89 3.78 8.46 -8.55
N MET A 90 4.73 8.14 -7.66
CA MET A 90 5.30 9.06 -6.67
C MET A 90 6.82 9.15 -6.92
N LEU A 91 7.45 10.22 -6.47
CA LEU A 91 8.90 10.45 -6.66
C LEU A 91 9.45 11.16 -5.41
N GLY A 92 8.71 12.18 -4.94
CA GLY A 92 9.11 13.02 -3.82
C GLY A 92 9.32 14.46 -4.27
N GLY A 93 9.23 15.40 -3.32
CA GLY A 93 9.38 16.82 -3.60
C GLY A 93 8.85 17.65 -2.43
N MET A 20 -7.25 -8.39 9.90
CA MET A 20 -7.66 -8.24 8.48
C MET A 20 -6.43 -8.42 7.57
N GLN A 21 -6.17 -9.67 7.18
CA GLN A 21 -5.03 -10.01 6.29
C GLN A 21 -5.41 -9.68 4.84
N LEU A 22 -4.53 -8.98 4.12
CA LEU A 22 -4.69 -8.66 2.69
C LEU A 22 -3.33 -8.76 1.97
N PHE A 23 -3.36 -8.77 0.64
CA PHE A 23 -2.17 -8.92 -0.20
C PHE A 23 -1.77 -7.56 -0.77
N VAL A 24 -0.46 -7.29 -0.77
CA VAL A 24 0.12 -6.11 -1.40
C VAL A 24 1.07 -6.60 -2.51
N ARG A 25 0.70 -6.27 -3.75
CA ARG A 25 1.44 -6.65 -4.96
C ARG A 25 2.62 -5.68 -5.14
N ALA A 26 3.76 -6.08 -4.60
CA ALA A 26 5.06 -5.46 -4.87
C ALA A 26 5.78 -6.29 -5.94
N GLN A 27 7.03 -5.91 -6.28
CA GLN A 27 7.91 -6.73 -7.15
C GLN A 27 7.92 -8.23 -6.70
N GLU A 28 7.79 -8.43 -5.37
CA GLU A 28 7.45 -9.72 -4.74
C GLU A 28 6.05 -9.60 -4.11
N LEU A 29 5.20 -10.61 -4.28
CA LEU A 29 3.85 -10.64 -3.67
C LEU A 29 4.02 -10.83 -2.14
N HIS A 30 3.55 -9.85 -1.37
CA HIS A 30 3.56 -9.89 0.11
C HIS A 30 2.11 -9.87 0.64
N THR A 31 1.95 -10.27 1.90
CA THR A 31 0.68 -10.17 2.62
C THR A 31 0.95 -9.50 4.00
N PHE A 32 -0.02 -8.72 4.47
CA PHE A 32 0.05 -7.99 5.75
C PHE A 32 -1.30 -8.12 6.47
N GLU A 33 -1.28 -8.52 7.75
CA GLU A 33 -2.46 -8.47 8.61
C GLU A 33 -2.53 -7.08 9.26
N VAL A 34 -3.46 -6.27 8.77
CA VAL A 34 -3.72 -4.91 9.24
C VAL A 34 -5.11 -4.87 9.93
N THR A 35 -5.50 -3.70 10.45
CA THR A 35 -6.82 -3.50 11.09
C THR A 35 -7.74 -2.66 10.18
N GLY A 36 -7.16 -1.67 9.48
CA GLY A 36 -7.93 -0.72 8.65
C GLY A 36 -7.52 0.73 8.90
N GLN A 37 -6.96 1.00 10.08
CA GLN A 37 -6.60 2.38 10.50
C GLN A 37 -5.23 2.83 9.93
N GLU A 38 -4.46 1.87 9.38
CA GLU A 38 -3.17 2.13 8.73
C GLU A 38 -3.41 2.96 7.48
N THR A 39 -2.61 4.02 7.29
CA THR A 39 -2.68 4.83 6.09
C THR A 39 -1.94 4.15 4.94
N VAL A 40 -2.17 4.66 3.72
CA VAL A 40 -1.44 4.22 2.53
C VAL A 40 0.07 4.53 2.68
N ALA A 41 0.37 5.60 3.43
CA ALA A 41 1.75 5.98 3.81
C ALA A 41 2.41 4.86 4.65
N GLN A 42 1.65 4.27 5.60
CA GLN A 42 2.13 3.16 6.46
C GLN A 42 2.40 1.90 5.64
N ILE A 43 1.54 1.64 4.64
CA ILE A 43 1.71 0.51 3.70
C ILE A 43 3.00 0.69 2.87
N LYS A 44 3.22 1.92 2.36
CA LYS A 44 4.45 2.28 1.62
C LYS A 44 5.69 2.02 2.49
N ALA A 45 5.62 2.46 3.76
CA ALA A 45 6.72 2.35 4.74
C ALA A 45 7.13 0.88 4.99
N HIS A 46 6.13 -0.02 5.17
CA HIS A 46 6.37 -1.46 5.42
C HIS A 46 6.94 -2.17 4.18
N VAL A 47 6.38 -1.87 3.00
CA VAL A 47 6.85 -2.45 1.71
C VAL A 47 8.27 -1.93 1.37
N ALA A 48 8.54 -0.68 1.77
CA ALA A 48 9.87 -0.03 1.63
C ALA A 48 10.93 -0.69 2.51
N SER A 49 10.51 -1.07 3.73
CA SER A 49 11.38 -1.77 4.69
C SER A 49 11.78 -3.15 4.15
N LEU A 50 10.81 -3.88 3.58
CA LEU A 50 11.02 -5.24 3.05
C LEU A 50 11.84 -5.22 1.73
N GLU A 51 11.31 -4.51 0.73
CA GLU A 51 11.88 -4.42 -0.63
C GLU A 51 13.11 -3.49 -0.70
N GLY A 52 13.32 -2.68 0.34
CA GLY A 52 14.46 -1.74 0.39
C GLY A 52 14.30 -0.56 -0.56
N ILE A 53 13.07 -0.34 -1.04
CA ILE A 53 12.72 0.70 -2.02
C ILE A 53 12.28 1.99 -1.31
N ALA A 54 12.09 3.08 -2.08
CA ALA A 54 11.74 4.40 -1.53
C ALA A 54 10.22 4.49 -1.26
N PRO A 55 9.77 4.71 0.03
CA PRO A 55 8.32 4.86 0.38
C PRO A 55 7.72 6.14 -0.26
N GLU A 56 8.61 7.11 -0.53
CA GLU A 56 8.28 8.38 -1.18
C GLU A 56 7.88 8.17 -2.66
N ASP A 57 8.54 7.18 -3.32
CA ASP A 57 8.35 6.92 -4.78
C ASP A 57 7.15 5.99 -5.02
N GLN A 58 6.72 5.31 -3.95
CA GLN A 58 5.60 4.37 -4.00
C GLN A 58 4.24 5.09 -4.01
N VAL A 59 3.27 4.39 -4.61
CA VAL A 59 1.84 4.66 -4.45
C VAL A 59 1.11 3.30 -4.39
N VAL A 60 0.01 3.24 -3.66
CA VAL A 60 -0.84 2.06 -3.59
C VAL A 60 -2.11 2.31 -4.43
N LEU A 61 -2.40 1.36 -5.34
CA LEU A 61 -3.52 1.42 -6.28
C LEU A 61 -4.50 0.30 -5.96
N LEU A 62 -5.73 0.64 -5.56
CA LEU A 62 -6.78 -0.33 -5.28
C LEU A 62 -7.58 -0.60 -6.57
N ALA A 63 -7.22 -1.71 -7.25
CA ALA A 63 -7.82 -2.11 -8.55
C ALA A 63 -7.67 -0.99 -9.62
N GLY A 64 -6.56 -0.23 -9.52
CA GLY A 64 -6.27 0.89 -10.42
C GLY A 64 -6.43 2.25 -9.76
N ALA A 65 -7.38 2.36 -8.82
CA ALA A 65 -7.75 3.63 -8.17
C ALA A 65 -6.59 4.18 -7.29
N PRO A 66 -6.01 5.38 -7.63
CA PRO A 66 -4.90 6.00 -6.85
C PRO A 66 -5.32 6.37 -5.43
N LEU A 67 -4.86 5.56 -4.46
CA LEU A 67 -5.14 5.79 -3.04
C LEU A 67 -4.24 6.91 -2.51
N GLU A 68 -4.88 7.89 -1.84
CA GLU A 68 -4.18 9.00 -1.19
C GLU A 68 -3.31 8.45 -0.05
N ASP A 69 -2.07 8.94 0.04
CA ASP A 69 -1.09 8.49 1.06
C ASP A 69 -1.59 8.79 2.49
N GLU A 70 -2.42 9.84 2.62
CA GLU A 70 -3.03 10.24 3.89
C GLU A 70 -4.27 9.37 4.24
N ALA A 71 -4.93 8.80 3.19
CA ALA A 71 -6.15 8.01 3.36
C ALA A 71 -5.83 6.66 4.02
N THR A 72 -6.64 6.28 5.03
CA THR A 72 -6.50 4.98 5.70
C THR A 72 -7.14 3.87 4.85
N LEU A 73 -6.90 2.62 5.26
CA LEU A 73 -7.46 1.44 4.57
C LEU A 73 -8.99 1.35 4.77
N GLY A 74 -9.47 1.95 5.87
CA GLY A 74 -10.89 2.06 6.17
C GLY A 74 -11.57 3.13 5.32
N GLN A 75 -10.86 4.24 5.05
CA GLN A 75 -11.41 5.38 4.28
C GLN A 75 -11.39 5.10 2.77
N CYS A 76 -10.35 4.38 2.30
CA CYS A 76 -10.24 3.96 0.89
C CYS A 76 -11.16 2.75 0.62
N GLY A 77 -11.52 2.01 1.70
CA GLY A 77 -12.55 0.98 1.66
C GLY A 77 -12.04 -0.37 1.19
N VAL A 78 -10.81 -0.73 1.62
CA VAL A 78 -10.21 -2.04 1.33
C VAL A 78 -10.33 -2.96 2.57
N GLU A 79 -10.45 -4.27 2.31
CA GLU A 79 -10.70 -5.29 3.35
C GLU A 79 -9.80 -6.53 3.13
N ALA A 80 -10.14 -7.63 3.82
CA ALA A 80 -9.38 -8.89 3.80
C ALA A 80 -9.39 -9.57 2.41
N LEU A 81 -8.28 -10.28 2.13
CA LEU A 81 -8.04 -11.06 0.90
C LEU A 81 -7.88 -10.17 -0.36
N THR A 82 -8.06 -8.85 -0.23
CA THR A 82 -7.97 -7.91 -1.34
C THR A 82 -6.48 -7.65 -1.67
N THR A 83 -6.18 -7.39 -2.95
CA THR A 83 -4.80 -7.23 -3.45
C THR A 83 -4.63 -5.83 -4.05
N LEU A 84 -3.79 -5.03 -3.37
CA LEU A 84 -3.51 -3.63 -3.73
C LEU A 84 -2.12 -3.58 -4.37
N GLU A 85 -1.98 -2.90 -5.50
CA GLU A 85 -0.75 -2.90 -6.31
C GLU A 85 0.14 -1.69 -5.98
N VAL A 86 1.46 -1.91 -5.92
CA VAL A 86 2.46 -0.85 -5.73
C VAL A 86 2.97 -0.38 -7.11
N ALA A 87 2.93 0.93 -7.34
CA ALA A 87 3.39 1.56 -8.58
C ALA A 87 4.03 2.94 -8.26
N GLY A 88 4.28 3.75 -9.30
CA GLY A 88 4.87 5.09 -9.13
C GLY A 88 3.99 6.20 -9.69
N ARG A 89 3.37 6.98 -8.79
CA ARG A 89 2.61 8.22 -9.13
C ARG A 89 3.24 9.39 -8.38
N MET A 90 3.23 9.26 -7.05
CA MET A 90 3.89 10.19 -6.14
C MET A 90 5.39 9.86 -6.12
N LEU A 91 6.22 10.78 -6.65
CA LEU A 91 7.70 10.60 -6.70
C LEU A 91 8.36 10.88 -5.34
N GLY A 92 7.66 11.67 -4.49
CA GLY A 92 8.17 12.06 -3.18
C GLY A 92 7.04 12.44 -2.23
N GLY A 93 6.78 13.75 -2.10
CA GLY A 93 5.72 14.24 -1.22
C GLY A 93 5.95 15.71 -0.85
N MET A 20 -6.69 -7.48 9.75
CA MET A 20 -7.14 -7.58 8.34
C MET A 20 -5.97 -8.06 7.46
N GLN A 21 -5.90 -9.39 7.22
CA GLN A 21 -4.87 -10.00 6.36
C GLN A 21 -5.26 -9.80 4.88
N LEU A 22 -4.40 -9.12 4.11
CA LEU A 22 -4.61 -8.86 2.69
C LEU A 22 -3.28 -8.94 1.92
N PHE A 23 -3.36 -8.99 0.59
CA PHE A 23 -2.19 -9.09 -0.30
C PHE A 23 -1.86 -7.71 -0.87
N VAL A 24 -0.57 -7.46 -1.11
CA VAL A 24 -0.08 -6.26 -1.80
C VAL A 24 0.93 -6.72 -2.87
N ARG A 25 0.50 -6.63 -4.12
CA ARG A 25 1.29 -7.02 -5.28
C ARG A 25 2.32 -5.93 -5.59
N ALA A 26 3.52 -6.12 -5.05
CA ALA A 26 4.74 -5.47 -5.53
C ALA A 26 5.38 -6.41 -6.57
N GLN A 27 6.53 -6.03 -7.14
CA GLN A 27 7.32 -6.93 -8.03
C GLN A 27 7.56 -8.32 -7.37
N GLU A 28 7.64 -8.32 -6.02
CA GLU A 28 7.48 -9.52 -5.18
C GLU A 28 6.12 -9.43 -4.46
N LEU A 29 5.30 -10.50 -4.52
CA LEU A 29 3.99 -10.54 -3.82
C LEU A 29 4.26 -10.68 -2.31
N HIS A 30 3.67 -9.77 -1.52
CA HIS A 30 3.79 -9.79 -0.05
C HIS A 30 2.38 -9.76 0.58
N THR A 31 2.23 -10.44 1.74
CA THR A 31 0.97 -10.44 2.50
C THR A 31 1.17 -9.62 3.80
N PHE A 32 0.26 -8.65 4.06
CA PHE A 32 0.33 -7.73 5.21
C PHE A 32 -0.92 -7.88 6.08
N GLU A 33 -0.76 -7.78 7.39
CA GLU A 33 -1.86 -7.73 8.36
C GLU A 33 -1.99 -6.29 8.86
N VAL A 34 -3.09 -5.63 8.44
CA VAL A 34 -3.31 -4.21 8.65
C VAL A 34 -4.41 -4.02 9.70
N THR A 35 -4.35 -2.90 10.42
CA THR A 35 -5.25 -2.60 11.54
C THR A 35 -6.62 -2.04 11.04
N GLY A 36 -6.69 -1.66 9.75
CA GLY A 36 -7.87 -1.00 9.17
C GLY A 36 -7.72 0.51 9.25
N GLN A 37 -7.48 1.02 10.48
CA GLN A 37 -7.04 2.41 10.74
C GLN A 37 -5.54 2.59 10.40
N GLU A 38 -4.93 1.50 9.89
CA GLU A 38 -3.62 1.51 9.22
C GLU A 38 -3.72 2.45 7.99
N THR A 39 -2.92 3.54 7.94
CA THR A 39 -2.94 4.47 6.80
C THR A 39 -2.19 3.87 5.60
N VAL A 40 -2.50 4.40 4.40
CA VAL A 40 -1.84 4.04 3.14
C VAL A 40 -0.36 4.47 3.19
N ALA A 41 -0.08 5.58 3.91
CA ALA A 41 1.29 6.05 4.18
C ALA A 41 2.12 4.96 4.89
N GLN A 42 1.52 4.36 5.94
CA GLN A 42 2.14 3.27 6.72
C GLN A 42 2.34 2.02 5.84
N ILE A 43 1.31 1.67 5.02
CA ILE A 43 1.36 0.54 4.06
C ILE A 43 2.55 0.69 3.10
N LYS A 44 2.63 1.87 2.48
CA LYS A 44 3.60 2.23 1.45
C LYS A 44 5.03 2.16 2.01
N ALA A 45 5.22 2.72 3.21
CA ALA A 45 6.51 2.73 3.92
C ALA A 45 6.91 1.31 4.37
N HIS A 46 5.92 0.50 4.76
CA HIS A 46 6.13 -0.90 5.20
C HIS A 46 6.67 -1.74 4.03
N VAL A 47 6.02 -1.59 2.84
CA VAL A 47 6.43 -2.28 1.60
C VAL A 47 7.86 -1.88 1.22
N ALA A 48 8.13 -0.57 1.28
CA ALA A 48 9.45 0.02 0.95
C ALA A 48 10.58 -0.52 1.85
N SER A 49 10.28 -0.66 3.15
CA SER A 49 11.24 -1.16 4.15
C SER A 49 11.60 -2.62 3.87
N LEU A 50 10.60 -3.43 3.44
CA LEU A 50 10.82 -4.84 3.07
C LEU A 50 11.59 -4.96 1.74
N GLU A 51 11.30 -4.05 0.80
CA GLU A 51 11.97 -3.97 -0.53
C GLU A 51 13.35 -3.29 -0.41
N GLY A 52 13.62 -2.64 0.74
CA GLY A 52 14.90 -1.98 1.01
C GLY A 52 15.09 -0.67 0.23
N ILE A 53 13.98 -0.10 -0.29
CA ILE A 53 14.00 1.16 -1.06
C ILE A 53 13.30 2.28 -0.26
N ALA A 54 13.30 3.49 -0.81
CA ALA A 54 12.61 4.65 -0.21
C ALA A 54 11.10 4.61 -0.58
N PRO A 55 10.17 4.89 0.40
CA PRO A 55 8.70 4.89 0.16
C PRO A 55 8.28 5.86 -0.95
N GLU A 56 9.01 6.98 -1.04
CA GLU A 56 8.71 8.08 -1.97
C GLU A 56 8.75 7.64 -3.45
N ASP A 57 9.50 6.54 -3.76
CA ASP A 57 9.64 6.01 -5.14
C ASP A 57 8.38 5.23 -5.59
N GLN A 58 7.50 4.92 -4.63
CA GLN A 58 6.35 4.03 -4.84
C GLN A 58 5.04 4.82 -4.94
N VAL A 59 3.97 4.09 -5.28
CA VAL A 59 2.57 4.55 -5.23
C VAL A 59 1.70 3.28 -5.23
N VAL A 60 0.68 3.22 -4.35
CA VAL A 60 -0.17 2.02 -4.25
C VAL A 60 -1.56 2.30 -4.88
N LEU A 61 -2.03 1.31 -5.66
CA LEU A 61 -3.21 1.37 -6.51
C LEU A 61 -4.19 0.27 -6.07
N LEU A 62 -5.48 0.56 -6.12
CA LEU A 62 -6.56 -0.43 -5.99
C LEU A 62 -7.26 -0.57 -7.36
N ALA A 63 -6.87 -1.62 -8.11
CA ALA A 63 -7.37 -1.89 -9.49
C ALA A 63 -7.03 -0.73 -10.45
N GLY A 64 -5.94 0.01 -10.13
CA GLY A 64 -5.49 1.17 -10.91
C GLY A 64 -5.78 2.51 -10.23
N ALA A 65 -6.75 2.53 -9.30
CA ALA A 65 -7.18 3.75 -8.60
C ALA A 65 -6.16 4.16 -7.51
N PRO A 66 -5.48 5.36 -7.63
CA PRO A 66 -4.45 5.81 -6.66
C PRO A 66 -5.04 6.04 -5.25
N LEU A 67 -4.60 5.21 -4.29
CA LEU A 67 -5.03 5.28 -2.88
C LEU A 67 -4.41 6.50 -2.18
N GLU A 68 -5.25 7.29 -1.50
CA GLU A 68 -4.81 8.49 -0.75
C GLU A 68 -3.92 8.07 0.44
N ASP A 69 -2.70 8.65 0.52
CA ASP A 69 -1.71 8.30 1.59
C ASP A 69 -2.21 8.71 3.00
N GLU A 70 -3.05 9.76 3.04
CA GLU A 70 -3.68 10.23 4.29
C GLU A 70 -4.85 9.32 4.70
N ALA A 71 -5.39 8.56 3.73
CA ALA A 71 -6.53 7.66 3.94
C ALA A 71 -6.06 6.31 4.49
N THR A 72 -6.90 5.72 5.35
CA THR A 72 -6.70 4.36 5.86
C THR A 72 -7.41 3.33 4.96
N LEU A 73 -7.27 2.02 5.27
CA LEU A 73 -8.01 0.94 4.59
C LEU A 73 -9.53 1.12 4.83
N GLY A 74 -9.88 1.56 6.06
CA GLY A 74 -11.28 1.84 6.44
C GLY A 74 -11.85 3.09 5.76
N GLN A 75 -10.97 4.08 5.50
CA GLN A 75 -11.35 5.34 4.80
C GLN A 75 -11.60 5.06 3.30
N CYS A 76 -10.77 4.18 2.73
CA CYS A 76 -10.95 3.69 1.35
C CYS A 76 -12.20 2.80 1.26
N GLY A 77 -12.56 2.17 2.41
CA GLY A 77 -13.73 1.28 2.50
C GLY A 77 -13.43 -0.10 1.93
N VAL A 78 -12.13 -0.44 1.89
CA VAL A 78 -11.64 -1.71 1.32
C VAL A 78 -11.36 -2.70 2.47
N GLU A 79 -11.82 -3.94 2.30
CA GLU A 79 -11.77 -4.99 3.34
C GLU A 79 -10.46 -5.81 3.26
N ALA A 80 -10.38 -6.86 4.11
CA ALA A 80 -9.30 -7.85 4.07
C ALA A 80 -9.47 -8.79 2.85
N LEU A 81 -8.43 -9.60 2.59
CA LEU A 81 -8.35 -10.58 1.46
C LEU A 81 -8.27 -9.89 0.07
N THR A 82 -8.21 -8.55 0.05
CA THR A 82 -8.06 -7.76 -1.17
C THR A 82 -6.57 -7.73 -1.57
N THR A 83 -6.29 -7.52 -2.86
CA THR A 83 -4.93 -7.36 -3.37
C THR A 83 -4.75 -5.92 -3.89
N LEU A 84 -3.99 -5.13 -3.12
CA LEU A 84 -3.52 -3.79 -3.54
C LEU A 84 -2.29 -3.99 -4.45
N GLU A 85 -1.80 -2.92 -5.10
CA GLU A 85 -0.65 -3.04 -6.03
C GLU A 85 0.30 -1.85 -5.88
N VAL A 86 1.59 -2.11 -5.64
CA VAL A 86 2.62 -1.06 -5.54
C VAL A 86 3.35 -0.90 -6.89
N ALA A 87 3.08 0.23 -7.55
CA ALA A 87 3.78 0.66 -8.77
C ALA A 87 4.85 1.73 -8.40
N GLY A 88 5.62 2.18 -9.39
CA GLY A 88 6.63 3.22 -9.18
C GLY A 88 6.43 4.39 -10.11
N ARG A 89 5.63 5.38 -9.66
CA ARG A 89 5.31 6.60 -10.44
C ARG A 89 5.64 7.86 -9.62
N MET A 90 5.18 7.88 -8.36
CA MET A 90 5.41 9.00 -7.44
C MET A 90 6.91 9.07 -7.07
N LEU A 91 7.44 10.28 -6.92
CA LEU A 91 8.86 10.51 -6.58
C LEU A 91 8.99 11.75 -5.69
N GLY A 92 10.19 11.95 -5.11
CA GLY A 92 10.44 13.06 -4.18
C GLY A 92 11.62 13.92 -4.60
N GLY A 93 12.76 13.28 -4.87
CA GLY A 93 13.99 13.97 -5.28
C GLY A 93 15.18 13.02 -5.38
N MET A 20 -7.63 -8.22 9.48
CA MET A 20 -7.75 -7.73 8.09
C MET A 20 -6.48 -8.13 7.32
N GLN A 21 -6.58 -9.23 6.55
CA GLN A 21 -5.47 -9.76 5.76
C GLN A 21 -5.60 -9.32 4.29
N LEU A 22 -4.62 -8.54 3.78
CA LEU A 22 -4.59 -8.15 2.36
C LEU A 22 -3.21 -8.40 1.73
N PHE A 23 -3.22 -8.60 0.41
CA PHE A 23 -2.03 -8.81 -0.41
C PHE A 23 -1.53 -7.44 -0.90
N VAL A 24 -0.21 -7.29 -1.00
CA VAL A 24 0.45 -6.11 -1.55
C VAL A 24 1.36 -6.55 -2.71
N ARG A 25 0.99 -6.12 -3.93
CA ARG A 25 1.61 -6.57 -5.17
C ARG A 25 2.86 -5.72 -5.48
N ALA A 26 4.01 -6.22 -5.04
CA ALA A 26 5.33 -5.70 -5.39
C ALA A 26 6.04 -6.74 -6.26
N GLN A 27 7.30 -6.44 -6.66
CA GLN A 27 8.23 -7.43 -7.27
C GLN A 27 8.23 -8.77 -6.48
N GLU A 28 8.08 -8.66 -5.14
CA GLU A 28 7.80 -9.79 -4.25
C GLU A 28 6.36 -9.62 -3.69
N LEU A 29 5.51 -10.66 -3.82
CA LEU A 29 4.14 -10.62 -3.26
C LEU A 29 4.23 -10.83 -1.74
N HIS A 30 3.83 -9.81 -0.98
CA HIS A 30 3.78 -9.85 0.50
C HIS A 30 2.34 -9.69 0.99
N THR A 31 1.90 -10.57 1.89
CA THR A 31 0.56 -10.51 2.48
C THR A 31 0.66 -9.99 3.92
N PHE A 32 0.01 -8.86 4.18
CA PHE A 32 0.07 -8.14 5.46
C PHE A 32 -1.21 -8.39 6.29
N GLU A 33 -1.00 -8.55 7.62
CA GLU A 33 -2.07 -8.48 8.62
C GLU A 33 -2.10 -7.04 9.17
N VAL A 34 -3.10 -6.28 8.73
CA VAL A 34 -3.28 -4.86 9.09
C VAL A 34 -4.56 -4.68 9.94
N THR A 35 -4.64 -3.53 10.61
CA THR A 35 -5.73 -3.23 11.56
C THR A 35 -6.83 -2.33 10.91
N GLY A 36 -6.60 -1.91 9.63
CA GLY A 36 -7.53 -1.01 8.94
C GLY A 36 -7.23 0.47 9.21
N GLN A 37 -6.99 0.79 10.50
CA GLN A 37 -6.61 2.15 10.93
C GLN A 37 -5.23 2.57 10.38
N GLU A 38 -4.47 1.60 9.86
CA GLU A 38 -3.19 1.87 9.18
C GLU A 38 -3.46 2.61 7.86
N THR A 39 -2.72 3.70 7.59
CA THR A 39 -2.87 4.48 6.36
C THR A 39 -2.24 3.73 5.18
N VAL A 40 -2.63 4.15 3.97
CA VAL A 40 -2.03 3.67 2.73
C VAL A 40 -0.54 4.13 2.64
N ALA A 41 -0.22 5.29 3.29
CA ALA A 41 1.17 5.80 3.41
C ALA A 41 2.05 4.85 4.26
N GLN A 42 1.46 4.29 5.34
CA GLN A 42 2.17 3.32 6.19
C GLN A 42 2.30 1.95 5.48
N ILE A 43 1.27 1.58 4.69
CA ILE A 43 1.33 0.39 3.79
C ILE A 43 2.56 0.49 2.88
N LYS A 44 2.77 1.68 2.27
CA LYS A 44 3.96 1.99 1.46
C LYS A 44 5.23 1.81 2.29
N ALA A 45 5.27 2.51 3.44
CA ALA A 45 6.45 2.54 4.33
C ALA A 45 6.93 1.11 4.71
N HIS A 46 5.96 0.22 5.00
CA HIS A 46 6.23 -1.17 5.43
C HIS A 46 6.77 -2.03 4.27
N VAL A 47 6.13 -1.95 3.09
CA VAL A 47 6.59 -2.74 1.91
C VAL A 47 7.94 -2.21 1.38
N ALA A 48 8.16 -0.89 1.54
CA ALA A 48 9.42 -0.21 1.15
C ALA A 48 10.58 -0.64 2.04
N SER A 49 10.29 -0.86 3.34
CA SER A 49 11.24 -1.37 4.32
C SER A 49 11.69 -2.80 3.94
N LEU A 50 10.72 -3.62 3.50
CA LEU A 50 10.96 -5.02 3.10
C LEU A 50 11.78 -5.12 1.79
N GLU A 51 11.37 -4.37 0.75
CA GLU A 51 12.02 -4.39 -0.58
C GLU A 51 13.33 -3.58 -0.56
N GLY A 52 13.46 -2.70 0.43
CA GLY A 52 14.62 -1.81 0.56
C GLY A 52 14.61 -0.68 -0.45
N ILE A 53 13.40 -0.23 -0.82
CA ILE A 53 13.18 0.84 -1.83
C ILE A 53 12.57 2.09 -1.19
N ALA A 54 12.51 3.19 -1.96
CA ALA A 54 12.03 4.50 -1.49
C ALA A 54 10.49 4.50 -1.30
N PRO A 55 9.96 4.76 -0.04
CA PRO A 55 8.49 4.79 0.23
C PRO A 55 7.78 5.94 -0.52
N GLU A 56 8.54 7.02 -0.77
CA GLU A 56 8.07 8.19 -1.54
C GLU A 56 7.75 7.82 -2.99
N ASP A 57 8.54 6.88 -3.54
CA ASP A 57 8.51 6.49 -4.96
C ASP A 57 7.24 5.69 -5.28
N GLN A 58 6.71 5.04 -4.26
CA GLN A 58 5.59 4.12 -4.38
C GLN A 58 4.24 4.87 -4.42
N VAL A 59 3.38 4.40 -5.32
CA VAL A 59 1.94 4.73 -5.35
C VAL A 59 1.16 3.41 -5.26
N VAL A 60 0.13 3.39 -4.40
CA VAL A 60 -0.70 2.20 -4.19
C VAL A 60 -1.95 2.28 -5.09
N LEU A 61 -1.95 1.43 -6.11
CA LEU A 61 -3.00 1.30 -7.11
C LEU A 61 -3.95 0.15 -6.73
N LEU A 62 -5.20 0.48 -6.42
CA LEU A 62 -6.28 -0.51 -6.24
C LEU A 62 -7.02 -0.62 -7.58
N ALA A 63 -6.77 -1.74 -8.31
CA ALA A 63 -7.29 -1.96 -9.69
C ALA A 63 -6.83 -0.86 -10.68
N GLY A 64 -5.64 -0.28 -10.40
CA GLY A 64 -5.05 0.79 -11.22
C GLY A 64 -5.39 2.20 -10.72
N ALA A 65 -6.28 2.30 -9.73
CA ALA A 65 -6.73 3.58 -9.16
C ALA A 65 -5.84 3.97 -7.96
N PRO A 66 -5.09 5.12 -8.03
CA PRO A 66 -4.23 5.59 -6.93
C PRO A 66 -5.06 5.99 -5.69
N LEU A 67 -4.85 5.26 -4.57
CA LEU A 67 -5.53 5.50 -3.30
C LEU A 67 -4.96 6.74 -2.59
N GLU A 68 -5.80 7.35 -1.74
CA GLU A 68 -5.41 8.48 -0.89
C GLU A 68 -4.51 7.95 0.24
N ASP A 69 -3.18 8.19 0.12
CA ASP A 69 -2.20 7.75 1.14
C ASP A 69 -2.29 8.58 2.44
N GLU A 70 -2.98 9.74 2.36
CA GLU A 70 -3.29 10.56 3.55
C GLU A 70 -4.40 9.89 4.39
N ALA A 71 -5.22 9.06 3.71
CA ALA A 71 -6.37 8.37 4.32
C ALA A 71 -5.98 6.94 4.77
N THR A 72 -6.77 6.41 5.72
CA THR A 72 -6.59 5.04 6.23
C THR A 72 -7.31 4.02 5.34
N LEU A 73 -7.02 2.73 5.55
CA LEU A 73 -7.71 1.62 4.88
C LEU A 73 -9.18 1.56 5.33
N GLY A 74 -9.43 1.94 6.60
CA GLY A 74 -10.77 2.03 7.17
C GLY A 74 -11.57 3.21 6.60
N GLN A 75 -10.85 4.29 6.21
CA GLN A 75 -11.46 5.50 5.62
C GLN A 75 -11.94 5.22 4.18
N CYS A 76 -11.10 4.52 3.40
CA CYS A 76 -11.48 4.06 2.04
C CYS A 76 -12.42 2.84 2.13
N GLY A 77 -12.55 2.28 3.36
CA GLY A 77 -13.54 1.24 3.67
C GLY A 77 -13.22 -0.11 3.05
N VAL A 78 -11.94 -0.31 2.70
CA VAL A 78 -11.49 -1.53 2.02
C VAL A 78 -11.35 -2.66 3.06
N GLU A 79 -11.64 -3.91 2.64
CA GLU A 79 -11.64 -5.09 3.52
C GLU A 79 -10.47 -6.04 3.17
N ALA A 80 -10.54 -7.29 3.67
CA ALA A 80 -9.52 -8.33 3.43
C ALA A 80 -9.66 -8.94 2.02
N LEU A 81 -8.70 -9.85 1.67
CA LEU A 81 -8.59 -10.54 0.36
C LEU A 81 -8.30 -9.57 -0.80
N THR A 82 -8.06 -8.29 -0.48
CA THR A 82 -7.77 -7.22 -1.45
C THR A 82 -6.28 -7.26 -1.84
N THR A 83 -5.95 -6.76 -3.05
CA THR A 83 -4.57 -6.69 -3.55
C THR A 83 -4.21 -5.22 -3.89
N LEU A 84 -3.45 -4.58 -2.98
CA LEU A 84 -2.95 -3.21 -3.15
C LEU A 84 -1.63 -3.26 -3.93
N GLU A 85 -1.59 -2.67 -5.13
CA GLU A 85 -0.42 -2.78 -6.04
C GLU A 85 0.56 -1.60 -5.86
N VAL A 86 1.83 -1.92 -5.67
CA VAL A 86 2.92 -0.94 -5.59
C VAL A 86 3.46 -0.65 -7.01
N ALA A 87 3.54 0.65 -7.37
CA ALA A 87 4.15 1.12 -8.62
C ALA A 87 5.09 2.29 -8.34
N GLY A 88 6.28 2.29 -8.96
CA GLY A 88 7.26 3.36 -8.78
C GLY A 88 6.98 4.55 -9.68
N ARG A 89 6.16 5.50 -9.19
CA ARG A 89 5.69 6.66 -9.99
C ARG A 89 5.63 7.96 -9.15
N MET A 90 5.41 7.83 -7.83
CA MET A 90 5.19 9.00 -6.93
C MET A 90 6.53 9.62 -6.43
N LEU A 91 7.65 9.30 -7.11
CA LEU A 91 9.01 9.79 -6.79
C LEU A 91 9.02 11.34 -6.69
N GLY A 92 9.41 11.86 -5.51
CA GLY A 92 9.40 13.31 -5.26
C GLY A 92 10.19 13.68 -4.01
N GLY A 93 9.64 13.31 -2.83
CA GLY A 93 10.25 13.65 -1.56
C GLY A 93 9.28 13.39 -0.40
N MET A 20 -8.35 -8.95 9.35
CA MET A 20 -8.50 -8.16 8.11
C MET A 20 -7.18 -8.22 7.34
N GLN A 21 -7.05 -9.29 6.53
CA GLN A 21 -5.83 -9.57 5.75
C GLN A 21 -6.03 -9.16 4.29
N LEU A 22 -5.00 -8.52 3.71
CA LEU A 22 -4.99 -8.15 2.28
C LEU A 22 -3.62 -8.46 1.67
N PHE A 23 -3.58 -8.54 0.34
CA PHE A 23 -2.37 -8.86 -0.43
C PHE A 23 -1.89 -7.58 -1.13
N VAL A 24 -0.58 -7.31 -1.08
CA VAL A 24 0.04 -6.13 -1.69
C VAL A 24 1.00 -6.58 -2.81
N ARG A 25 0.56 -6.39 -4.06
CA ARG A 25 1.32 -6.74 -5.26
C ARG A 25 2.51 -5.75 -5.46
N ALA A 26 3.68 -6.20 -5.03
CA ALA A 26 4.98 -5.58 -5.36
C ALA A 26 5.77 -6.57 -6.23
N GLN A 27 7.02 -6.20 -6.58
CA GLN A 27 8.00 -7.14 -7.21
C GLN A 27 8.03 -8.52 -6.50
N GLU A 28 7.77 -8.49 -5.18
CA GLU A 28 7.50 -9.67 -4.36
C GLU A 28 6.05 -9.56 -3.84
N LEU A 29 5.26 -10.65 -3.97
CA LEU A 29 3.86 -10.68 -3.51
C LEU A 29 3.87 -10.67 -1.97
N HIS A 30 3.52 -9.51 -1.40
CA HIS A 30 3.42 -9.34 0.06
C HIS A 30 1.98 -9.59 0.50
N THR A 31 1.80 -9.87 1.80
CA THR A 31 0.49 -10.11 2.41
C THR A 31 0.55 -9.63 3.87
N PHE A 32 -0.33 -8.68 4.24
CA PHE A 32 -0.35 -8.07 5.58
C PHE A 32 -1.75 -8.16 6.17
N GLU A 33 -1.86 -8.66 7.41
CA GLU A 33 -3.11 -8.58 8.18
C GLU A 33 -3.05 -7.33 9.07
N VAL A 34 -3.88 -6.34 8.72
CA VAL A 34 -3.93 -5.03 9.38
C VAL A 34 -5.33 -4.85 10.00
N THR A 35 -5.47 -3.88 10.91
CA THR A 35 -6.77 -3.53 11.52
C THR A 35 -7.43 -2.36 10.74
N GLY A 36 -6.82 -1.96 9.60
CA GLY A 36 -7.33 -0.87 8.76
C GLY A 36 -6.70 0.49 9.08
N GLN A 37 -6.13 0.64 10.31
CA GLN A 37 -5.69 1.95 10.84
C GLN A 37 -4.50 2.54 10.07
N GLU A 38 -3.68 1.66 9.45
CA GLU A 38 -2.53 2.10 8.63
C GLU A 38 -3.04 2.91 7.46
N THR A 39 -2.31 3.97 7.10
CA THR A 39 -2.58 4.69 5.87
C THR A 39 -1.95 3.93 4.70
N VAL A 40 -2.37 4.28 3.49
CA VAL A 40 -1.76 3.78 2.24
C VAL A 40 -0.24 4.10 2.22
N ALA A 41 0.12 5.23 2.87
CA ALA A 41 1.49 5.69 3.03
C ALA A 41 2.29 4.77 3.98
N GLN A 42 1.65 4.27 5.05
CA GLN A 42 2.29 3.36 6.01
C GLN A 42 2.50 1.97 5.37
N ILE A 43 1.55 1.55 4.53
CA ILE A 43 1.62 0.27 3.78
C ILE A 43 2.81 0.27 2.79
N LYS A 44 2.95 1.36 1.99
CA LYS A 44 4.08 1.48 1.02
C LYS A 44 5.42 1.60 1.78
N ALA A 45 5.39 2.25 2.97
CA ALA A 45 6.57 2.39 3.83
C ALA A 45 7.11 1.02 4.26
N HIS A 46 6.20 0.11 4.68
CA HIS A 46 6.56 -1.27 5.08
C HIS A 46 7.13 -2.06 3.89
N VAL A 47 6.47 -1.95 2.73
CA VAL A 47 6.90 -2.64 1.49
C VAL A 47 8.30 -2.14 1.03
N ALA A 48 8.50 -0.82 1.13
CA ALA A 48 9.75 -0.16 0.74
C ALA A 48 10.88 -0.44 1.74
N SER A 49 10.52 -0.73 3.00
CA SER A 49 11.47 -1.18 4.02
C SER A 49 11.94 -2.62 3.72
N LEU A 50 10.98 -3.49 3.30
CA LEU A 50 11.26 -4.89 2.95
C LEU A 50 12.21 -5.00 1.75
N GLU A 51 12.00 -4.16 0.72
CA GLU A 51 12.87 -4.10 -0.49
C GLU A 51 14.10 -3.19 -0.26
N GLY A 52 14.00 -2.24 0.69
CA GLY A 52 15.08 -1.28 0.96
C GLY A 52 15.12 -0.13 -0.04
N ILE A 53 13.94 0.23 -0.58
CA ILE A 53 13.75 1.31 -1.59
C ILE A 53 12.97 2.51 -0.99
N ALA A 54 12.71 3.55 -1.81
CA ALA A 54 12.15 4.85 -1.36
C ALA A 54 10.60 4.83 -1.22
N PRO A 55 10.05 4.94 0.05
CA PRO A 55 8.58 4.92 0.30
C PRO A 55 7.86 6.10 -0.37
N GLU A 56 8.46 7.30 -0.26
CA GLU A 56 7.87 8.56 -0.76
C GLU A 56 7.93 8.66 -2.30
N ASP A 57 8.65 7.73 -2.95
CA ASP A 57 8.66 7.59 -4.42
C ASP A 57 7.38 6.88 -4.88
N GLN A 58 6.93 5.92 -4.07
CA GLN A 58 5.87 4.98 -4.42
C GLN A 58 4.52 5.40 -3.82
N VAL A 59 3.50 4.56 -4.10
CA VAL A 59 2.15 4.64 -3.53
C VAL A 59 1.46 3.28 -3.76
N VAL A 60 0.49 2.93 -2.90
CA VAL A 60 -0.29 1.68 -3.03
C VAL A 60 -1.70 2.02 -3.59
N LEU A 61 -2.06 1.35 -4.70
CA LEU A 61 -3.28 1.60 -5.48
C LEU A 61 -4.24 0.42 -5.27
N LEU A 62 -5.55 0.68 -5.16
CA LEU A 62 -6.55 -0.37 -4.90
C LEU A 62 -6.88 -1.09 -6.21
N ALA A 63 -6.20 -2.25 -6.44
CA ALA A 63 -6.31 -3.03 -7.67
C ALA A 63 -6.00 -2.18 -8.93
N GLY A 64 -5.13 -1.16 -8.75
CA GLY A 64 -4.73 -0.24 -9.84
C GLY A 64 -5.34 1.16 -9.71
N ALA A 65 -6.50 1.26 -9.02
CA ALA A 65 -7.23 2.53 -8.85
C ALA A 65 -6.50 3.48 -7.87
N PRO A 66 -6.39 4.81 -8.19
CA PRO A 66 -5.61 5.78 -7.38
C PRO A 66 -6.19 5.99 -5.96
N LEU A 67 -5.45 5.51 -4.94
CA LEU A 67 -5.78 5.74 -3.52
C LEU A 67 -5.12 7.02 -3.00
N GLU A 68 -5.73 7.57 -1.93
CA GLU A 68 -5.18 8.70 -1.19
C GLU A 68 -4.15 8.14 -0.19
N ASP A 69 -2.88 8.56 -0.31
CA ASP A 69 -1.77 8.03 0.51
C ASP A 69 -1.98 8.27 2.02
N GLU A 70 -2.52 9.45 2.36
CA GLU A 70 -2.74 9.85 3.76
C GLU A 70 -4.02 9.26 4.36
N ALA A 71 -4.82 8.56 3.52
CA ALA A 71 -6.06 7.90 3.94
C ALA A 71 -5.78 6.48 4.43
N THR A 72 -6.46 6.06 5.50
CA THR A 72 -6.33 4.70 6.07
C THR A 72 -6.99 3.65 5.15
N LEU A 73 -6.77 2.34 5.39
CA LEU A 73 -7.44 1.25 4.64
C LEU A 73 -8.98 1.38 4.81
N GLY A 74 -9.41 1.64 6.06
CA GLY A 74 -10.82 1.85 6.40
C GLY A 74 -11.43 3.08 5.70
N GLN A 75 -10.63 4.15 5.61
CA GLN A 75 -11.03 5.43 4.98
C GLN A 75 -11.22 5.25 3.45
N CYS A 76 -10.32 4.46 2.85
CA CYS A 76 -10.35 4.11 1.41
C CYS A 76 -11.37 2.99 1.12
N GLY A 77 -11.90 2.37 2.19
CA GLY A 77 -12.93 1.32 2.09
C GLY A 77 -12.39 -0.04 1.66
N VAL A 78 -11.08 -0.24 1.85
CA VAL A 78 -10.39 -1.50 1.55
C VAL A 78 -10.77 -2.56 2.59
N GLU A 79 -11.08 -3.78 2.12
CA GLU A 79 -11.61 -4.86 2.97
C GLU A 79 -10.61 -6.04 3.06
N ALA A 80 -11.07 -7.15 3.66
CA ALA A 80 -10.30 -8.41 3.73
C ALA A 80 -10.41 -9.18 2.40
N LEU A 81 -9.38 -10.01 2.13
CA LEU A 81 -9.23 -10.80 0.87
C LEU A 81 -9.15 -9.89 -0.37
N THR A 82 -8.81 -8.62 -0.14
CA THR A 82 -8.62 -7.59 -1.17
C THR A 82 -7.13 -7.56 -1.58
N THR A 83 -6.84 -7.08 -2.79
CA THR A 83 -5.45 -7.04 -3.30
C THR A 83 -5.17 -5.69 -3.98
N LEU A 84 -4.14 -5.02 -3.44
CA LEU A 84 -3.69 -3.71 -3.89
C LEU A 84 -2.37 -3.88 -4.68
N GLU A 85 -1.80 -2.78 -5.18
CA GLU A 85 -0.62 -2.81 -6.07
C GLU A 85 0.33 -1.64 -5.73
N VAL A 86 1.65 -1.84 -5.83
CA VAL A 86 2.66 -0.79 -5.53
C VAL A 86 3.21 -0.21 -6.84
N ALA A 87 3.02 1.09 -7.05
CA ALA A 87 3.56 1.81 -8.23
C ALA A 87 4.18 3.15 -7.79
N GLY A 88 5.20 3.61 -8.54
CA GLY A 88 5.90 4.87 -8.26
C GLY A 88 5.25 6.05 -8.98
N ARG A 89 4.32 6.74 -8.29
CA ARG A 89 3.56 7.87 -8.87
C ARG A 89 3.98 9.22 -8.26
N MET A 90 4.74 9.21 -7.15
CA MET A 90 5.17 10.45 -6.46
C MET A 90 6.60 10.84 -6.89
N LEU A 91 6.72 11.94 -7.65
CA LEU A 91 8.03 12.47 -8.08
C LEU A 91 8.72 13.20 -6.90
N GLY A 92 7.94 14.04 -6.21
CA GLY A 92 8.39 14.75 -5.01
C GLY A 92 7.49 14.50 -3.82
N GLY A 93 8.05 14.55 -2.60
CA GLY A 93 7.29 14.35 -1.36
C GLY A 93 8.18 13.94 -0.17
N MET A 20 -7.51 -9.23 9.22
CA MET A 20 -7.80 -8.44 8.00
C MET A 20 -6.63 -8.61 7.00
N GLN A 21 -6.56 -9.81 6.41
CA GLN A 21 -5.45 -10.26 5.57
C GLN A 21 -5.73 -9.96 4.09
N LEU A 22 -4.96 -9.02 3.51
CA LEU A 22 -5.08 -8.65 2.09
C LEU A 22 -3.72 -8.77 1.40
N PHE A 23 -3.73 -8.92 0.07
CA PHE A 23 -2.53 -9.12 -0.74
C PHE A 23 -1.97 -7.77 -1.20
N VAL A 24 -0.64 -7.67 -1.23
CA VAL A 24 0.09 -6.48 -1.70
C VAL A 24 1.04 -6.90 -2.84
N ARG A 25 0.63 -6.59 -4.09
CA ARG A 25 1.41 -6.85 -5.29
C ARG A 25 2.53 -5.78 -5.44
N ALA A 26 3.70 -6.12 -4.93
CA ALA A 26 4.94 -5.34 -5.08
C ALA A 26 5.80 -6.02 -6.14
N GLN A 27 7.04 -5.51 -6.34
CA GLN A 27 8.11 -6.19 -7.16
C GLN A 27 8.14 -7.73 -6.91
N GLU A 28 7.91 -8.11 -5.64
CA GLU A 28 7.64 -9.50 -5.22
C GLU A 28 6.23 -9.56 -4.61
N LEU A 29 5.58 -10.73 -4.65
CA LEU A 29 4.24 -10.92 -4.08
C LEU A 29 4.32 -11.06 -2.55
N HIS A 30 3.51 -10.23 -1.86
CA HIS A 30 3.42 -10.19 -0.39
C HIS A 30 1.93 -10.23 0.02
N THR A 31 1.67 -10.63 1.27
CA THR A 31 0.32 -10.65 1.85
C THR A 31 0.42 -10.24 3.34
N PHE A 32 -0.33 -9.20 3.76
CA PHE A 32 -0.23 -8.63 5.12
C PHE A 32 -1.60 -8.45 5.76
N GLU A 33 -1.69 -8.72 7.07
CA GLU A 33 -2.82 -8.29 7.88
C GLU A 33 -2.60 -6.82 8.25
N VAL A 34 -3.59 -5.97 7.94
CA VAL A 34 -3.49 -4.51 8.12
C VAL A 34 -4.40 -4.08 9.27
N THR A 35 -4.03 -2.97 9.93
CA THR A 35 -4.69 -2.52 11.17
C THR A 35 -6.03 -1.82 10.87
N GLY A 36 -6.27 -1.45 9.60
CA GLY A 36 -7.50 -0.78 9.17
C GLY A 36 -7.42 0.73 9.39
N GLN A 37 -7.14 1.12 10.66
CA GLN A 37 -6.84 2.52 11.05
C GLN A 37 -5.46 2.97 10.52
N GLU A 38 -4.68 1.98 10.07
CA GLU A 38 -3.42 2.19 9.35
C GLU A 38 -3.69 2.91 8.00
N THR A 39 -2.83 3.87 7.63
CA THR A 39 -3.00 4.66 6.39
C THR A 39 -2.22 4.05 5.21
N VAL A 40 -2.48 4.59 4.01
CA VAL A 40 -1.74 4.26 2.77
C VAL A 40 -0.26 4.70 2.88
N ALA A 41 -0.04 5.80 3.63
CA ALA A 41 1.30 6.36 3.89
C ALA A 41 2.15 5.36 4.69
N GLN A 42 1.49 4.73 5.70
CA GLN A 42 2.09 3.68 6.54
C GLN A 42 2.44 2.46 5.68
N ILE A 43 1.47 2.01 4.83
CA ILE A 43 1.66 0.86 3.90
C ILE A 43 2.87 1.08 2.97
N LYS A 44 2.94 2.29 2.40
CA LYS A 44 3.95 2.70 1.41
C LYS A 44 5.37 2.66 2.00
N ALA A 45 5.52 3.28 3.19
CA ALA A 45 6.80 3.34 3.93
C ALA A 45 7.20 1.96 4.48
N HIS A 46 6.17 1.16 4.84
CA HIS A 46 6.33 -0.21 5.37
C HIS A 46 6.97 -1.11 4.29
N VAL A 47 6.37 -1.13 3.09
CA VAL A 47 6.83 -1.96 1.96
C VAL A 47 8.28 -1.57 1.56
N ALA A 48 8.57 -0.27 1.62
CA ALA A 48 9.91 0.28 1.37
C ALA A 48 10.95 -0.25 2.37
N SER A 49 10.59 -0.24 3.67
CA SER A 49 11.47 -0.69 4.76
C SER A 49 11.70 -2.21 4.68
N LEU A 50 10.66 -2.95 4.25
CA LEU A 50 10.70 -4.43 4.11
C LEU A 50 11.66 -4.86 2.99
N GLU A 51 11.52 -4.23 1.81
CA GLU A 51 12.26 -4.66 0.60
C GLU A 51 13.54 -3.83 0.39
N GLY A 52 13.78 -2.86 1.28
CA GLY A 52 14.99 -2.01 1.22
C GLY A 52 14.99 -1.06 0.02
N ILE A 53 13.78 -0.69 -0.45
CA ILE A 53 13.59 0.17 -1.63
C ILE A 53 13.09 1.57 -1.21
N ALA A 54 12.91 2.46 -2.21
CA ALA A 54 12.61 3.89 -1.97
C ALA A 54 11.07 4.15 -1.91
N PRO A 55 10.52 4.68 -0.76
CA PRO A 55 9.07 5.00 -0.64
C PRO A 55 8.65 6.10 -1.65
N GLU A 56 9.59 7.01 -1.94
CA GLU A 56 9.37 8.15 -2.89
C GLU A 56 9.09 7.67 -4.33
N ASP A 57 9.52 6.42 -4.66
CA ASP A 57 9.38 5.82 -5.99
C ASP A 57 8.02 5.07 -6.13
N GLN A 58 7.36 4.85 -5.00
CA GLN A 58 6.16 4.00 -4.89
C GLN A 58 4.85 4.81 -4.91
N VAL A 59 3.75 4.09 -5.13
CA VAL A 59 2.35 4.53 -4.90
C VAL A 59 1.52 3.26 -4.61
N VAL A 60 0.60 3.34 -3.63
CA VAL A 60 -0.32 2.23 -3.32
C VAL A 60 -1.65 2.49 -4.06
N LEU A 61 -1.98 1.58 -4.99
CA LEU A 61 -3.18 1.64 -5.82
C LEU A 61 -4.12 0.48 -5.43
N LEU A 62 -5.42 0.77 -5.26
CA LEU A 62 -6.42 -0.29 -5.03
C LEU A 62 -6.95 -0.76 -6.38
N ALA A 63 -6.40 -1.89 -6.87
CA ALA A 63 -6.77 -2.49 -8.18
C ALA A 63 -6.57 -1.48 -9.35
N GLY A 64 -5.60 -0.55 -9.19
CA GLY A 64 -5.32 0.50 -10.18
C GLY A 64 -5.77 1.90 -9.73
N ALA A 65 -6.77 1.95 -8.83
CA ALA A 65 -7.35 3.23 -8.34
C ALA A 65 -6.36 3.95 -7.39
N PRO A 66 -5.88 5.20 -7.74
CA PRO A 66 -4.93 5.98 -6.88
C PRO A 66 -5.48 6.27 -5.48
N LEU A 67 -4.83 5.72 -4.44
CA LEU A 67 -5.23 5.91 -3.04
C LEU A 67 -4.52 7.12 -2.42
N GLU A 68 -5.25 7.85 -1.56
CA GLU A 68 -4.71 9.01 -0.83
C GLU A 68 -3.85 8.52 0.34
N ASP A 69 -2.66 9.11 0.51
CA ASP A 69 -1.66 8.70 1.52
C ASP A 69 -2.24 8.72 2.95
N GLU A 70 -3.04 9.75 3.26
CA GLU A 70 -3.61 9.96 4.60
C GLU A 70 -4.87 9.11 4.83
N ALA A 71 -5.45 8.57 3.74
CA ALA A 71 -6.65 7.72 3.80
C ALA A 71 -6.27 6.34 4.38
N THR A 72 -7.07 5.87 5.36
CA THR A 72 -6.87 4.56 5.98
C THR A 72 -7.53 3.45 5.15
N LEU A 73 -7.20 2.17 5.45
CA LEU A 73 -7.83 1.02 4.76
C LEU A 73 -9.36 1.00 5.05
N GLY A 74 -9.71 1.35 6.31
CA GLY A 74 -11.10 1.44 6.75
C GLY A 74 -11.87 2.59 6.10
N GLN A 75 -11.16 3.72 5.86
CA GLN A 75 -11.74 4.92 5.18
C GLN A 75 -11.97 4.63 3.69
N CYS A 76 -11.00 3.96 3.06
CA CYS A 76 -11.06 3.56 1.65
C CYS A 76 -12.11 2.46 1.43
N GLY A 77 -12.49 1.77 2.52
CA GLY A 77 -13.50 0.72 2.51
C GLY A 77 -12.97 -0.58 1.91
N VAL A 78 -11.64 -0.70 1.85
CA VAL A 78 -10.96 -1.89 1.36
C VAL A 78 -10.81 -2.88 2.53
N GLU A 79 -11.43 -4.05 2.38
CA GLU A 79 -11.49 -5.10 3.39
C GLU A 79 -10.42 -6.18 3.15
N ALA A 80 -10.55 -7.32 3.85
CA ALA A 80 -9.66 -8.47 3.66
C ALA A 80 -9.91 -9.17 2.31
N LEU A 81 -8.93 -10.01 1.91
CA LEU A 81 -8.94 -10.83 0.66
C LEU A 81 -8.74 -9.99 -0.61
N THR A 82 -8.65 -8.65 -0.46
CA THR A 82 -8.49 -7.72 -1.58
C THR A 82 -7.00 -7.61 -1.96
N THR A 83 -6.71 -7.14 -3.18
CA THR A 83 -5.33 -6.99 -3.67
C THR A 83 -5.04 -5.52 -4.02
N LEU A 84 -4.14 -4.91 -3.24
CA LEU A 84 -3.57 -3.58 -3.53
C LEU A 84 -2.24 -3.80 -4.27
N GLU A 85 -1.76 -2.76 -4.95
CA GLU A 85 -0.52 -2.84 -5.75
C GLU A 85 0.40 -1.68 -5.40
N VAL A 86 1.67 -1.99 -5.13
CA VAL A 86 2.73 -0.99 -4.97
C VAL A 86 3.38 -0.76 -6.33
N ALA A 87 2.87 0.25 -7.05
CA ALA A 87 3.30 0.61 -8.40
C ALA A 87 4.24 1.83 -8.35
N GLY A 88 4.67 2.31 -9.52
CA GLY A 88 5.53 3.48 -9.63
C GLY A 88 4.89 4.55 -10.49
N ARG A 89 4.16 5.47 -9.85
CA ARG A 89 3.62 6.68 -10.53
C ARG A 89 4.42 7.90 -10.05
N MET A 90 4.57 8.01 -8.73
CA MET A 90 5.39 9.05 -8.10
C MET A 90 6.87 8.69 -8.31
N LEU A 91 7.50 9.37 -9.28
CA LEU A 91 8.93 9.21 -9.59
C LEU A 91 9.75 9.94 -8.50
N GLY A 92 9.30 11.17 -8.20
CA GLY A 92 9.90 12.01 -7.16
C GLY A 92 8.97 13.17 -6.79
N GLY A 93 8.98 13.56 -5.51
CA GLY A 93 8.15 14.65 -4.99
C GLY A 93 8.58 16.03 -5.50
N MET A 20 -7.60 -8.40 9.63
CA MET A 20 -7.77 -7.94 8.23
C MET A 20 -6.47 -8.22 7.45
N GLN A 21 -6.34 -9.46 6.93
CA GLN A 21 -5.17 -9.88 6.14
C GLN A 21 -5.48 -9.69 4.64
N LEU A 22 -4.68 -8.86 3.94
CA LEU A 22 -4.87 -8.59 2.49
C LEU A 22 -3.54 -8.72 1.73
N PHE A 23 -3.62 -8.76 0.39
CA PHE A 23 -2.45 -8.89 -0.50
C PHE A 23 -2.06 -7.51 -1.05
N VAL A 24 -0.75 -7.26 -1.19
CA VAL A 24 -0.21 -6.08 -1.87
C VAL A 24 0.77 -6.55 -2.97
N ARG A 25 0.28 -6.54 -4.21
CA ARG A 25 1.01 -6.99 -5.38
C ARG A 25 2.11 -5.96 -5.76
N ALA A 26 3.34 -6.25 -5.35
CA ALA A 26 4.53 -5.49 -5.73
C ALA A 26 5.31 -6.28 -6.78
N GLN A 27 6.48 -5.75 -7.20
CA GLN A 27 7.46 -6.47 -8.05
C GLN A 27 7.69 -7.93 -7.59
N GLU A 28 7.58 -8.16 -6.26
CA GLU A 28 7.38 -9.48 -5.65
C GLU A 28 6.07 -9.46 -4.84
N LEU A 29 5.32 -10.58 -4.81
CA LEU A 29 4.00 -10.65 -4.15
C LEU A 29 4.14 -10.55 -2.62
N HIS A 30 3.36 -9.63 -2.01
CA HIS A 30 3.34 -9.39 -0.55
C HIS A 30 1.95 -9.69 0.01
N THR A 31 1.88 -9.96 1.31
CA THR A 31 0.64 -10.18 2.05
C THR A 31 0.83 -9.65 3.49
N PHE A 32 -0.01 -8.69 3.90
CA PHE A 32 0.14 -7.97 5.17
C PHE A 32 -1.11 -8.16 6.05
N GLU A 33 -0.88 -8.23 7.37
CA GLU A 33 -1.93 -8.22 8.39
C GLU A 33 -2.07 -6.79 8.92
N VAL A 34 -3.29 -6.25 8.84
CA VAL A 34 -3.62 -4.87 9.25
C VAL A 34 -4.92 -4.87 10.07
N THR A 35 -5.25 -3.70 10.63
CA THR A 35 -6.51 -3.47 11.37
C THR A 35 -7.45 -2.59 10.53
N GLY A 36 -6.89 -1.88 9.52
CA GLY A 36 -7.62 -0.89 8.73
C GLY A 36 -7.30 0.55 9.12
N GLN A 37 -6.70 0.71 10.31
CA GLN A 37 -6.33 2.03 10.88
C GLN A 37 -5.00 2.55 10.29
N GLU A 38 -4.33 1.70 9.52
CA GLU A 38 -3.09 2.02 8.82
C GLU A 38 -3.42 2.90 7.60
N THR A 39 -2.65 3.98 7.40
CA THR A 39 -2.76 4.77 6.18
C THR A 39 -2.09 4.01 5.03
N VAL A 40 -2.47 4.37 3.80
CA VAL A 40 -1.85 3.86 2.57
C VAL A 40 -0.31 4.19 2.55
N ALA A 41 0.04 5.29 3.23
CA ALA A 41 1.42 5.75 3.44
C ALA A 41 2.17 4.76 4.36
N GLN A 42 1.50 4.30 5.45
CA GLN A 42 2.07 3.29 6.37
C GLN A 42 2.32 1.97 5.62
N ILE A 43 1.35 1.59 4.76
CA ILE A 43 1.40 0.35 3.96
C ILE A 43 2.65 0.33 3.05
N LYS A 44 2.86 1.41 2.28
CA LYS A 44 4.03 1.50 1.37
C LYS A 44 5.33 1.74 2.16
N ALA A 45 5.25 2.36 3.35
CA ALA A 45 6.40 2.53 4.27
C ALA A 45 6.89 1.16 4.79
N HIS A 46 5.93 0.24 5.05
CA HIS A 46 6.23 -1.15 5.46
C HIS A 46 6.91 -1.90 4.30
N VAL A 47 6.34 -1.74 3.09
CA VAL A 47 6.91 -2.29 1.83
C VAL A 47 8.34 -1.74 1.60
N ALA A 48 8.53 -0.46 1.94
CA ALA A 48 9.82 0.25 1.82
C ALA A 48 10.89 -0.33 2.75
N SER A 49 10.52 -0.52 4.02
CA SER A 49 11.43 -1.02 5.06
C SER A 49 11.84 -2.49 4.81
N LEU A 50 10.92 -3.29 4.23
CA LEU A 50 11.16 -4.72 3.96
C LEU A 50 11.99 -4.94 2.67
N GLU A 51 11.55 -4.31 1.57
CA GLU A 51 12.19 -4.44 0.24
C GLU A 51 13.39 -3.48 0.07
N GLY A 52 13.65 -2.65 1.09
CA GLY A 52 14.77 -1.71 1.08
C GLY A 52 14.58 -0.57 0.07
N ILE A 53 13.33 -0.39 -0.40
CA ILE A 53 12.98 0.64 -1.40
C ILE A 53 12.51 1.93 -0.69
N ALA A 54 12.17 2.98 -1.45
CA ALA A 54 11.82 4.29 -0.88
C ALA A 54 10.31 4.59 -1.06
N PRO A 55 9.57 5.00 0.02
CA PRO A 55 8.12 5.24 -0.06
C PRO A 55 7.76 6.50 -0.85
N GLU A 56 8.78 7.35 -1.15
CA GLU A 56 8.59 8.59 -1.91
C GLU A 56 8.41 8.33 -3.41
N ASP A 57 8.89 7.17 -3.94
CA ASP A 57 8.72 6.85 -5.39
C ASP A 57 7.42 6.09 -5.59
N GLN A 58 7.15 5.14 -4.68
CA GLN A 58 6.00 4.25 -4.78
C GLN A 58 4.72 4.91 -4.26
N VAL A 59 3.61 4.44 -4.83
CA VAL A 59 2.24 4.68 -4.39
C VAL A 59 1.58 3.30 -4.26
N VAL A 60 0.57 3.18 -3.39
CA VAL A 60 -0.27 1.98 -3.36
C VAL A 60 -1.58 2.28 -4.12
N LEU A 61 -1.95 1.36 -5.02
CA LEU A 61 -3.16 1.45 -5.85
C LEU A 61 -4.10 0.29 -5.50
N LEU A 62 -5.41 0.56 -5.48
CA LEU A 62 -6.43 -0.49 -5.29
C LEU A 62 -6.84 -1.01 -6.66
N ALA A 63 -6.27 -2.17 -7.07
CA ALA A 63 -6.52 -2.79 -8.39
C ALA A 63 -6.11 -1.88 -9.57
N GLY A 64 -5.19 -0.92 -9.30
CA GLY A 64 -4.73 0.06 -10.30
C GLY A 64 -5.38 1.45 -10.13
N ALA A 65 -6.47 1.54 -9.33
CA ALA A 65 -7.19 2.80 -9.04
C ALA A 65 -6.43 3.59 -7.93
N PRO A 66 -6.42 4.96 -7.97
CA PRO A 66 -5.57 5.79 -7.07
C PRO A 66 -6.06 5.80 -5.60
N LEU A 67 -5.19 5.33 -4.68
CA LEU A 67 -5.42 5.47 -3.24
C LEU A 67 -4.72 6.72 -2.73
N GLU A 68 -5.37 7.42 -1.80
CA GLU A 68 -4.81 8.59 -1.12
C GLU A 68 -3.88 8.08 -0.01
N ASP A 69 -2.59 8.47 -0.07
CA ASP A 69 -1.55 7.92 0.83
C ASP A 69 -1.83 8.28 2.31
N GLU A 70 -2.30 9.50 2.55
CA GLU A 70 -2.57 10.03 3.90
C GLU A 70 -3.96 9.57 4.42
N ALA A 71 -4.73 8.85 3.59
CA ALA A 71 -6.01 8.23 3.98
C ALA A 71 -5.77 6.82 4.55
N THR A 72 -6.52 6.47 5.63
CA THR A 72 -6.46 5.12 6.23
C THR A 72 -7.19 4.10 5.33
N LEU A 73 -6.95 2.81 5.59
CA LEU A 73 -7.57 1.70 4.83
C LEU A 73 -9.09 1.65 5.10
N GLY A 74 -9.49 2.11 6.30
CA GLY A 74 -10.90 2.23 6.68
C GLY A 74 -11.61 3.31 5.85
N GLN A 75 -10.95 4.46 5.67
CA GLN A 75 -11.48 5.58 4.84
C GLN A 75 -11.50 5.21 3.36
N CYS A 76 -10.46 4.48 2.92
CA CYS A 76 -10.38 3.92 1.55
C CYS A 76 -11.50 2.87 1.33
N GLY A 77 -11.99 2.28 2.42
CA GLY A 77 -13.08 1.31 2.37
C GLY A 77 -12.65 -0.03 1.80
N VAL A 78 -11.36 -0.35 1.98
CA VAL A 78 -10.78 -1.62 1.54
C VAL A 78 -10.85 -2.63 2.70
N GLU A 79 -10.88 -3.94 2.38
CA GLU A 79 -11.10 -5.01 3.37
C GLU A 79 -10.08 -6.15 3.16
N ALA A 80 -10.26 -7.26 3.89
CA ALA A 80 -9.38 -8.43 3.83
C ALA A 80 -9.58 -9.23 2.53
N LEU A 81 -8.52 -10.00 2.16
CA LEU A 81 -8.43 -10.82 0.93
C LEU A 81 -8.49 -9.97 -0.36
N THR A 82 -8.32 -8.65 -0.20
CA THR A 82 -8.32 -7.70 -1.32
C THR A 82 -6.87 -7.49 -1.78
N THR A 83 -6.67 -7.30 -3.09
CA THR A 83 -5.34 -7.14 -3.68
C THR A 83 -5.11 -5.66 -4.07
N LEU A 84 -4.25 -5.02 -3.29
CA LEU A 84 -3.71 -3.69 -3.60
C LEU A 84 -2.45 -3.87 -4.47
N GLU A 85 -1.79 -2.78 -4.87
CA GLU A 85 -0.63 -2.81 -5.79
C GLU A 85 0.40 -1.75 -5.37
N VAL A 86 1.67 -2.00 -5.70
CA VAL A 86 2.76 -1.00 -5.57
C VAL A 86 3.18 -0.54 -6.97
N ALA A 87 3.28 0.78 -7.18
CA ALA A 87 3.66 1.37 -8.47
C ALA A 87 4.55 2.60 -8.23
N GLY A 88 5.72 2.66 -8.88
CA GLY A 88 6.61 3.82 -8.81
C GLY A 88 6.06 4.98 -9.64
N ARG A 89 5.28 5.87 -9.00
CA ARG A 89 4.59 6.99 -9.69
C ARG A 89 4.77 8.32 -8.96
N MET A 90 4.80 8.30 -7.61
CA MET A 90 4.95 9.54 -6.80
C MET A 90 6.27 10.27 -7.14
N LEU A 91 7.39 9.51 -7.09
CA LEU A 91 8.75 9.94 -7.51
C LEU A 91 9.14 11.28 -6.83
N GLY A 92 9.31 11.24 -5.50
CA GLY A 92 9.58 12.43 -4.67
C GLY A 92 8.53 13.52 -4.82
N GLY A 93 7.25 13.09 -4.89
CA GLY A 93 6.10 14.00 -5.07
C GLY A 93 5.71 14.73 -3.78
N MET A 20 -7.46 -7.14 9.04
CA MET A 20 -7.76 -7.52 7.64
C MET A 20 -6.50 -8.05 6.94
N GLN A 21 -6.36 -9.38 6.83
CA GLN A 21 -5.26 -10.01 6.09
C GLN A 21 -5.55 -9.90 4.58
N LEU A 22 -4.71 -9.14 3.87
CA LEU A 22 -4.87 -8.91 2.43
C LEU A 22 -3.51 -8.99 1.72
N PHE A 23 -3.54 -9.27 0.41
CA PHE A 23 -2.33 -9.43 -0.40
C PHE A 23 -1.89 -8.08 -0.95
N VAL A 24 -0.58 -7.93 -1.19
CA VAL A 24 0.05 -6.70 -1.66
C VAL A 24 1.03 -7.02 -2.80
N ARG A 25 0.60 -6.69 -4.03
CA ARG A 25 1.34 -6.96 -5.26
C ARG A 25 2.41 -5.86 -5.52
N ALA A 26 3.64 -6.14 -5.06
CA ALA A 26 4.84 -5.36 -5.40
C ALA A 26 5.73 -6.25 -6.28
N GLN A 27 6.91 -5.71 -6.71
CA GLN A 27 7.90 -6.51 -7.48
C GLN A 27 8.30 -7.81 -6.74
N GLU A 28 8.21 -7.80 -5.40
CA GLU A 28 8.10 -9.04 -4.59
C GLU A 28 6.68 -9.09 -3.97
N LEU A 29 6.03 -10.27 -4.04
CA LEU A 29 4.65 -10.45 -3.51
C LEU A 29 4.70 -10.41 -1.96
N HIS A 30 3.71 -9.71 -1.38
CA HIS A 30 3.58 -9.52 0.07
C HIS A 30 2.15 -9.88 0.50
N THR A 31 1.96 -10.13 1.80
CA THR A 31 0.63 -10.32 2.42
C THR A 31 0.64 -9.67 3.82
N PHE A 32 -0.14 -8.58 4.00
CA PHE A 32 -0.12 -7.73 5.21
C PHE A 32 -1.46 -7.84 5.96
N GLU A 33 -1.38 -8.05 7.28
CA GLU A 33 -2.52 -7.87 8.20
C GLU A 33 -2.61 -6.38 8.57
N VAL A 34 -3.69 -5.71 8.14
CA VAL A 34 -3.85 -4.26 8.32
C VAL A 34 -4.95 -3.98 9.36
N THR A 35 -4.69 -2.97 10.21
CA THR A 35 -5.57 -2.60 11.33
C THR A 35 -6.83 -1.83 10.82
N GLY A 36 -6.74 -1.31 9.59
CA GLY A 36 -7.80 -0.50 9.01
C GLY A 36 -7.54 0.98 9.21
N GLN A 37 -7.38 1.37 10.50
CA GLN A 37 -6.94 2.73 10.88
C GLN A 37 -5.45 2.97 10.57
N GLU A 38 -4.76 1.89 10.14
CA GLU A 38 -3.44 1.98 9.51
C GLU A 38 -3.57 2.75 8.16
N THR A 39 -2.55 3.54 7.79
CA THR A 39 -2.61 4.37 6.55
C THR A 39 -1.97 3.64 5.35
N VAL A 40 -2.44 4.01 4.14
CA VAL A 40 -1.86 3.59 2.85
C VAL A 40 -0.36 4.00 2.78
N ALA A 41 -0.03 5.14 3.40
CA ALA A 41 1.34 5.67 3.50
C ALA A 41 2.26 4.68 4.20
N GLN A 42 1.85 4.26 5.40
CA GLN A 42 2.60 3.30 6.20
C GLN A 42 2.67 1.93 5.50
N ILE A 43 1.60 1.53 4.80
CA ILE A 43 1.55 0.24 4.05
C ILE A 43 2.64 0.20 2.94
N LYS A 44 2.71 1.25 2.11
CA LYS A 44 3.71 1.33 1.02
C LYS A 44 5.13 1.50 1.62
N ALA A 45 5.21 2.15 2.80
CA ALA A 45 6.46 2.31 3.56
C ALA A 45 6.99 0.96 4.07
N HIS A 46 6.07 0.09 4.56
CA HIS A 46 6.42 -1.26 5.06
C HIS A 46 7.01 -2.10 3.92
N VAL A 47 6.33 -2.03 2.76
CA VAL A 47 6.73 -2.69 1.51
C VAL A 47 8.15 -2.23 1.10
N ALA A 48 8.36 -0.91 1.13
CA ALA A 48 9.61 -0.26 0.75
C ALA A 48 10.74 -0.50 1.76
N SER A 49 10.39 -0.71 3.05
CA SER A 49 11.36 -0.98 4.12
C SER A 49 11.87 -2.43 4.07
N LEU A 50 11.01 -3.35 3.59
CA LEU A 50 11.36 -4.77 3.39
C LEU A 50 12.28 -4.94 2.16
N GLU A 51 11.92 -4.26 1.05
CA GLU A 51 12.63 -4.38 -0.24
C GLU A 51 13.83 -3.42 -0.34
N GLY A 52 13.81 -2.34 0.48
CA GLY A 52 14.90 -1.36 0.52
C GLY A 52 14.81 -0.31 -0.60
N ILE A 53 13.58 0.05 -0.98
CA ILE A 53 13.30 1.12 -1.97
C ILE A 53 12.68 2.35 -1.28
N ALA A 54 12.53 3.47 -2.01
CA ALA A 54 12.11 4.77 -1.44
C ALA A 54 10.57 4.83 -1.24
N PRO A 55 10.06 4.86 0.04
CA PRO A 55 8.60 4.82 0.35
C PRO A 55 7.79 5.94 -0.33
N GLU A 56 8.36 7.16 -0.39
CA GLU A 56 7.70 8.34 -1.01
C GLU A 56 7.55 8.18 -2.53
N ASP A 57 8.47 7.39 -3.14
CA ASP A 57 8.44 7.08 -4.58
C ASP A 57 7.22 6.20 -4.91
N GLN A 58 6.96 5.24 -3.99
CA GLN A 58 5.86 4.27 -4.11
C GLN A 58 4.49 4.89 -3.75
N VAL A 59 3.43 4.17 -4.12
CA VAL A 59 2.04 4.47 -3.77
C VAL A 59 1.19 3.20 -4.00
N VAL A 60 0.15 2.99 -3.16
CA VAL A 60 -0.76 1.82 -3.28
C VAL A 60 -1.96 2.17 -4.19
N LEU A 61 -2.29 1.22 -5.11
CA LEU A 61 -3.34 1.37 -6.12
C LEU A 61 -4.35 0.21 -5.96
N LEU A 62 -5.65 0.51 -5.84
CA LEU A 62 -6.70 -0.53 -5.82
C LEU A 62 -7.21 -0.76 -7.25
N ALA A 63 -6.67 -1.82 -7.91
CA ALA A 63 -7.01 -2.20 -9.30
C ALA A 63 -6.71 -1.09 -10.33
N GLY A 64 -5.78 -0.17 -9.96
CA GLY A 64 -5.39 0.97 -10.81
C GLY A 64 -5.93 2.30 -10.32
N ALA A 65 -6.81 2.29 -9.29
CA ALA A 65 -7.31 3.50 -8.63
C ALA A 65 -6.29 3.98 -7.59
N PRO A 66 -5.67 5.19 -7.77
CA PRO A 66 -4.62 5.68 -6.85
C PRO A 66 -5.18 6.04 -5.47
N LEU A 67 -4.95 5.13 -4.49
CA LEU A 67 -5.36 5.34 -3.10
C LEU A 67 -4.44 6.38 -2.45
N GLU A 68 -5.05 7.39 -1.82
CA GLU A 68 -4.32 8.48 -1.14
C GLU A 68 -3.49 7.92 0.01
N ASP A 69 -2.21 8.30 0.07
CA ASP A 69 -1.29 7.80 1.13
C ASP A 69 -1.78 8.23 2.53
N GLU A 70 -2.35 9.44 2.63
CA GLU A 70 -2.85 9.96 3.92
C GLU A 70 -4.17 9.26 4.33
N ALA A 71 -4.85 8.63 3.35
CA ALA A 71 -6.08 7.87 3.60
C ALA A 71 -5.73 6.53 4.26
N THR A 72 -6.49 6.15 5.31
CA THR A 72 -6.38 4.84 5.93
C THR A 72 -7.06 3.77 5.06
N LEU A 73 -6.91 2.48 5.42
CA LEU A 73 -7.61 1.37 4.73
C LEU A 73 -9.14 1.49 4.99
N GLY A 74 -9.51 2.08 6.16
CA GLY A 74 -10.90 2.35 6.52
C GLY A 74 -11.46 3.58 5.80
N GLN A 75 -10.59 4.56 5.49
CA GLN A 75 -10.94 5.78 4.74
C GLN A 75 -11.16 5.43 3.25
N CYS A 76 -10.34 4.48 2.75
CA CYS A 76 -10.51 3.88 1.42
C CYS A 76 -11.70 2.89 1.42
N GLY A 77 -12.03 2.37 2.62
CA GLY A 77 -13.15 1.45 2.82
C GLY A 77 -12.92 0.07 2.24
N VAL A 78 -11.64 -0.31 2.07
CA VAL A 78 -11.23 -1.57 1.44
C VAL A 78 -11.33 -2.73 2.44
N GLU A 79 -11.64 -3.94 1.93
CA GLU A 79 -11.91 -5.14 2.78
C GLU A 79 -10.68 -6.08 2.86
N ALA A 80 -10.86 -7.21 3.57
CA ALA A 80 -9.85 -8.28 3.69
C ALA A 80 -9.84 -9.18 2.44
N LEU A 81 -8.72 -9.93 2.28
CA LEU A 81 -8.47 -10.86 1.13
C LEU A 81 -8.37 -10.13 -0.23
N THR A 82 -8.32 -8.79 -0.17
CA THR A 82 -8.13 -7.93 -1.35
C THR A 82 -6.65 -7.92 -1.74
N THR A 83 -6.36 -7.70 -3.03
CA THR A 83 -5.01 -7.52 -3.54
C THR A 83 -4.82 -6.04 -3.89
N LEU A 84 -4.02 -5.36 -3.07
CA LEU A 84 -3.60 -3.97 -3.29
C LEU A 84 -2.28 -3.96 -4.06
N GLU A 85 -2.16 -3.11 -5.09
CA GLU A 85 -0.93 -3.01 -5.91
C GLU A 85 -0.02 -1.91 -5.36
N VAL A 86 1.28 -2.07 -5.54
CA VAL A 86 2.28 -1.06 -5.19
C VAL A 86 3.02 -0.67 -6.46
N ALA A 87 3.16 0.65 -6.69
CA ALA A 87 3.79 1.20 -7.89
C ALA A 87 4.48 2.53 -7.57
N GLY A 88 5.57 2.83 -8.29
CA GLY A 88 6.26 4.11 -8.17
C GLY A 88 5.80 5.08 -9.23
N ARG A 89 4.88 5.99 -8.86
CA ARG A 89 4.28 6.97 -9.78
C ARG A 89 4.88 8.38 -9.57
N MET A 90 5.37 8.63 -8.34
CA MET A 90 5.80 9.98 -7.90
C MET A 90 7.27 9.95 -7.47
N LEU A 91 8.17 10.51 -8.32
CA LEU A 91 9.60 10.61 -7.99
C LEU A 91 9.81 11.57 -6.80
N GLY A 92 10.17 10.98 -5.65
CA GLY A 92 10.32 11.72 -4.39
C GLY A 92 11.77 11.82 -3.95
N GLY A 93 11.99 12.15 -2.67
CA GLY A 93 13.34 12.23 -2.10
C GLY A 93 13.95 13.65 -2.15
N MET A 20 -6.82 -7.40 9.23
CA MET A 20 -7.06 -7.45 7.77
C MET A 20 -5.80 -7.99 7.07
N GLN A 21 -5.83 -9.27 6.68
CA GLN A 21 -4.79 -9.86 5.83
C GLN A 21 -5.18 -9.63 4.37
N LEU A 22 -4.28 -9.00 3.61
CA LEU A 22 -4.53 -8.61 2.21
C LEU A 22 -3.25 -8.78 1.39
N PHE A 23 -3.38 -8.90 0.08
CA PHE A 23 -2.24 -9.09 -0.84
C PHE A 23 -1.84 -7.74 -1.43
N VAL A 24 -0.52 -7.53 -1.55
CA VAL A 24 0.05 -6.34 -2.20
C VAL A 24 0.98 -6.82 -3.34
N ARG A 25 0.48 -6.71 -4.58
CA ARG A 25 1.20 -7.14 -5.79
C ARG A 25 2.31 -6.14 -6.16
N ALA A 26 3.53 -6.48 -5.78
CA ALA A 26 4.77 -5.84 -6.26
C ALA A 26 5.42 -6.76 -7.31
N GLN A 27 6.59 -6.35 -7.84
CA GLN A 27 7.43 -7.18 -8.75
C GLN A 27 7.64 -8.61 -8.17
N GLU A 28 7.75 -8.68 -6.83
CA GLU A 28 7.65 -9.92 -6.06
C GLU A 28 6.35 -9.85 -5.25
N LEU A 29 5.54 -10.91 -5.30
CA LEU A 29 4.22 -10.94 -4.64
C LEU A 29 4.39 -10.93 -3.11
N HIS A 30 3.62 -10.06 -2.45
CA HIS A 30 3.62 -9.91 -0.98
C HIS A 30 2.19 -10.05 -0.44
N THR A 31 2.07 -10.43 0.83
CA THR A 31 0.80 -10.35 1.59
C THR A 31 1.14 -9.80 2.99
N PHE A 32 0.32 -8.84 3.47
CA PHE A 32 0.56 -8.13 4.74
C PHE A 32 -0.73 -8.07 5.56
N GLU A 33 -0.57 -7.94 6.88
CA GLU A 33 -1.68 -7.73 7.81
C GLU A 33 -1.63 -6.27 8.28
N VAL A 34 -2.71 -5.54 8.00
CA VAL A 34 -2.87 -4.13 8.37
C VAL A 34 -3.93 -4.01 9.47
N THR A 35 -3.78 -2.99 10.32
CA THR A 35 -4.69 -2.76 11.46
C THR A 35 -5.97 -2.01 11.01
N GLY A 36 -5.93 -1.44 9.78
CA GLY A 36 -7.06 -0.72 9.21
C GLY A 36 -7.05 0.77 9.54
N GLN A 37 -6.73 1.09 10.80
CA GLN A 37 -6.60 2.48 11.32
C GLN A 37 -5.32 3.16 10.79
N GLU A 38 -4.41 2.37 10.20
CA GLU A 38 -3.24 2.88 9.48
C GLU A 38 -3.67 3.36 8.09
N THR A 39 -2.88 4.25 7.49
CA THR A 39 -3.19 4.88 6.20
C THR A 39 -2.57 4.12 5.02
N VAL A 40 -2.90 4.58 3.81
CA VAL A 40 -2.27 4.13 2.56
C VAL A 40 -0.76 4.49 2.57
N ALA A 41 -0.43 5.66 3.16
CA ALA A 41 0.97 6.10 3.35
C ALA A 41 1.74 5.14 4.26
N GLN A 42 1.04 4.62 5.29
CA GLN A 42 1.59 3.62 6.23
C GLN A 42 1.91 2.31 5.50
N ILE A 43 0.96 1.79 4.70
CA ILE A 43 1.16 0.56 3.87
C ILE A 43 2.38 0.75 2.95
N LYS A 44 2.38 1.90 2.25
CA LYS A 44 3.42 2.31 1.28
C LYS A 44 4.82 2.29 1.93
N ALA A 45 4.90 2.87 3.14
CA ALA A 45 6.12 2.88 3.96
C ALA A 45 6.51 1.46 4.41
N HIS A 46 5.51 0.65 4.85
CA HIS A 46 5.73 -0.73 5.35
C HIS A 46 6.35 -1.61 4.27
N VAL A 47 5.78 -1.54 3.05
CA VAL A 47 6.25 -2.34 1.91
C VAL A 47 7.68 -1.90 1.53
N ALA A 48 7.90 -0.57 1.49
CA ALA A 48 9.22 0.03 1.17
C ALA A 48 10.31 -0.41 2.18
N SER A 49 9.94 -0.45 3.48
CA SER A 49 10.85 -0.84 4.57
C SER A 49 11.33 -2.29 4.41
N LEU A 50 10.40 -3.18 4.07
CA LEU A 50 10.67 -4.62 3.94
C LEU A 50 11.34 -4.96 2.59
N GLU A 51 11.12 -4.12 1.57
CA GLU A 51 11.82 -4.23 0.25
C GLU A 51 13.17 -3.50 0.27
N GLY A 52 13.41 -2.68 1.32
CA GLY A 52 14.69 -1.98 1.50
C GLY A 52 14.87 -0.78 0.57
N ILE A 53 13.74 -0.20 0.13
CA ILE A 53 13.70 1.00 -0.75
C ILE A 53 12.96 2.14 -0.04
N ALA A 54 12.95 3.33 -0.67
CA ALA A 54 12.24 4.51 -0.16
C ALA A 54 10.74 4.43 -0.53
N PRO A 55 9.80 4.92 0.36
CA PRO A 55 8.35 5.02 0.00
C PRO A 55 8.13 6.06 -1.12
N GLU A 56 9.10 6.98 -1.24
CA GLU A 56 9.17 8.01 -2.29
C GLU A 56 9.32 7.38 -3.70
N ASP A 57 9.89 6.16 -3.75
CA ASP A 57 10.18 5.45 -5.00
C ASP A 57 8.93 4.73 -5.55
N GLN A 58 7.98 4.44 -4.66
CA GLN A 58 6.76 3.68 -5.01
C GLN A 58 5.50 4.46 -4.66
N VAL A 59 4.35 3.83 -4.93
CA VAL A 59 3.03 4.23 -4.43
C VAL A 59 2.12 2.99 -4.48
N VAL A 60 1.36 2.75 -3.38
CA VAL A 60 0.49 1.57 -3.28
C VAL A 60 -0.97 1.95 -3.70
N LEU A 61 -1.39 1.41 -4.85
CA LEU A 61 -2.71 1.61 -5.45
C LEU A 61 -3.65 0.48 -5.01
N LEU A 62 -4.97 0.74 -5.01
CA LEU A 62 -5.98 -0.29 -4.73
C LEU A 62 -6.46 -0.89 -6.06
N ALA A 63 -5.89 -2.06 -6.43
CA ALA A 63 -6.18 -2.77 -7.70
C ALA A 63 -5.91 -1.89 -8.96
N GLY A 64 -5.02 -0.87 -8.80
CA GLY A 64 -4.68 0.06 -9.88
C GLY A 64 -5.27 1.46 -9.70
N ALA A 65 -6.11 1.65 -8.67
CA ALA A 65 -6.72 2.96 -8.33
C ALA A 65 -5.79 3.76 -7.39
N PRO A 66 -5.25 4.94 -7.81
CA PRO A 66 -4.45 5.83 -6.92
C PRO A 66 -5.32 6.39 -5.77
N LEU A 67 -5.11 5.87 -4.55
CA LEU A 67 -5.82 6.32 -3.34
C LEU A 67 -5.17 7.58 -2.75
N GLU A 68 -5.87 8.18 -1.78
CA GLU A 68 -5.30 9.24 -0.94
C GLU A 68 -4.42 8.57 0.11
N ASP A 69 -3.13 8.98 0.19
CA ASP A 69 -2.16 8.39 1.14
C ASP A 69 -2.54 8.73 2.61
N GLU A 70 -3.36 9.77 2.78
CA GLU A 70 -3.88 10.21 4.10
C GLU A 70 -5.07 9.36 4.56
N ALA A 71 -5.75 8.69 3.60
CA ALA A 71 -6.93 7.86 3.87
C ALA A 71 -6.53 6.51 4.48
N THR A 72 -7.22 6.09 5.55
CA THR A 72 -7.05 4.78 6.19
C THR A 72 -7.79 3.68 5.39
N LEU A 73 -7.57 2.41 5.76
CA LEU A 73 -8.28 1.26 5.14
C LEU A 73 -9.79 1.37 5.46
N GLY A 74 -10.09 1.83 6.69
CA GLY A 74 -11.45 2.08 7.14
C GLY A 74 -12.13 3.21 6.37
N GLN A 75 -11.35 4.28 6.06
CA GLN A 75 -11.83 5.47 5.34
C GLN A 75 -12.13 5.13 3.86
N CYS A 76 -11.21 4.39 3.23
CA CYS A 76 -11.29 4.02 1.81
C CYS A 76 -12.33 2.90 1.57
N GLY A 77 -12.61 2.11 2.62
CA GLY A 77 -13.57 1.02 2.56
C GLY A 77 -12.97 -0.27 2.02
N VAL A 78 -11.70 -0.51 2.35
CA VAL A 78 -10.98 -1.73 1.99
C VAL A 78 -11.43 -2.89 2.92
N GLU A 79 -11.42 -4.13 2.41
CA GLU A 79 -11.90 -5.33 3.13
C GLU A 79 -10.76 -6.35 3.28
N ALA A 80 -11.09 -7.55 3.77
CA ALA A 80 -10.12 -8.65 3.92
C ALA A 80 -9.89 -9.34 2.57
N LEU A 81 -8.68 -9.88 2.37
CA LEU A 81 -8.24 -10.64 1.16
C LEU A 81 -8.34 -9.77 -0.12
N THR A 82 -8.23 -8.44 0.04
CA THR A 82 -8.20 -7.47 -1.06
C THR A 82 -6.79 -7.41 -1.69
N THR A 83 -6.67 -6.88 -2.91
CA THR A 83 -5.40 -6.77 -3.63
C THR A 83 -5.03 -5.29 -3.84
N LEU A 84 -4.03 -4.85 -3.06
CA LEU A 84 -3.28 -3.61 -3.29
C LEU A 84 -2.17 -3.92 -4.32
N GLU A 85 -1.56 -2.90 -4.90
CA GLU A 85 -0.51 -3.05 -5.90
C GLU A 85 0.54 -1.94 -5.77
N VAL A 86 1.83 -2.31 -5.73
CA VAL A 86 2.93 -1.35 -5.76
C VAL A 86 3.22 -0.98 -7.23
N ALA A 87 3.23 0.34 -7.50
CA ALA A 87 3.52 0.88 -8.84
C ALA A 87 4.43 2.11 -8.72
N GLY A 88 5.23 2.35 -9.77
CA GLY A 88 6.05 3.56 -9.85
C GLY A 88 5.29 4.66 -10.56
N ARG A 89 4.48 5.41 -9.79
CA ARG A 89 3.81 6.65 -10.23
C ARG A 89 4.29 7.82 -9.35
N MET A 90 5.40 7.58 -8.65
CA MET A 90 6.04 8.53 -7.75
C MET A 90 7.55 8.30 -7.84
N LEU A 91 8.26 9.21 -8.54
CA LEU A 91 9.73 9.13 -8.67
C LEU A 91 10.44 9.61 -7.38
N GLY A 92 9.69 10.34 -6.54
CA GLY A 92 10.19 10.86 -5.28
C GLY A 92 9.30 11.97 -4.75
N GLY A 93 9.66 13.22 -5.08
CA GLY A 93 8.90 14.40 -4.63
C GLY A 93 9.54 15.70 -5.14
N MET A 20 -7.64 -7.83 9.08
CA MET A 20 -7.76 -7.58 7.63
C MET A 20 -6.53 -8.15 6.90
N GLN A 21 -6.55 -9.46 6.60
CA GLN A 21 -5.43 -10.13 5.91
C GLN A 21 -5.62 -10.00 4.39
N LEU A 22 -4.91 -9.05 3.78
CA LEU A 22 -5.00 -8.77 2.35
C LEU A 22 -3.65 -8.95 1.66
N PHE A 23 -3.67 -9.01 0.33
CA PHE A 23 -2.50 -9.26 -0.51
C PHE A 23 -2.02 -7.94 -1.10
N VAL A 24 -0.70 -7.76 -1.17
CA VAL A 24 -0.06 -6.58 -1.74
C VAL A 24 0.96 -7.04 -2.79
N ARG A 25 0.60 -6.81 -4.06
CA ARG A 25 1.43 -7.14 -5.21
C ARG A 25 2.49 -6.05 -5.42
N ALA A 26 3.66 -6.32 -4.84
CA ALA A 26 4.93 -5.63 -5.08
C ALA A 26 5.72 -6.46 -6.13
N GLN A 27 7.00 -6.08 -6.38
CA GLN A 27 7.98 -6.93 -7.13
C GLN A 27 7.83 -8.46 -6.80
N GLU A 28 7.49 -8.76 -5.53
CA GLU A 28 7.00 -10.09 -5.08
C GLU A 28 5.63 -9.91 -4.38
N LEU A 29 4.86 -11.01 -4.24
CA LEU A 29 3.57 -10.99 -3.54
C LEU A 29 3.82 -11.09 -2.02
N HIS A 30 3.16 -10.20 -1.26
CA HIS A 30 3.31 -10.09 0.21
C HIS A 30 1.92 -10.00 0.85
N THR A 31 1.62 -10.90 1.79
CA THR A 31 0.33 -10.93 2.49
C THR A 31 0.48 -10.25 3.87
N PHE A 32 -0.34 -9.21 4.12
CA PHE A 32 -0.29 -8.39 5.34
C PHE A 32 -1.62 -8.48 6.09
N GLU A 33 -1.57 -8.93 7.35
CA GLU A 33 -2.66 -8.73 8.30
C GLU A 33 -2.52 -7.30 8.86
N VAL A 34 -3.41 -6.40 8.42
CA VAL A 34 -3.37 -4.97 8.74
C VAL A 34 -4.54 -4.58 9.66
N THR A 35 -4.35 -3.49 10.39
CA THR A 35 -5.36 -2.92 11.29
C THR A 35 -6.46 -2.19 10.49
N GLY A 36 -6.09 -1.72 9.28
CA GLY A 36 -6.98 -0.90 8.45
C GLY A 36 -6.81 0.58 8.73
N GLN A 37 -6.64 0.93 10.02
CA GLN A 37 -6.47 2.33 10.46
C GLN A 37 -5.03 2.83 10.21
N GLU A 38 -4.10 1.92 9.85
CA GLU A 38 -2.78 2.30 9.34
C GLU A 38 -2.99 2.92 7.95
N THR A 39 -2.57 4.20 7.79
CA THR A 39 -2.77 4.98 6.55
C THR A 39 -1.99 4.39 5.37
N VAL A 40 -2.40 4.76 4.16
CA VAL A 40 -1.77 4.32 2.90
C VAL A 40 -0.30 4.80 2.83
N ALA A 41 0.00 5.95 3.47
CA ALA A 41 1.38 6.50 3.58
C ALA A 41 2.27 5.53 4.35
N GLN A 42 1.79 5.14 5.54
CA GLN A 42 2.51 4.23 6.44
C GLN A 42 2.61 2.82 5.81
N ILE A 43 1.55 2.40 5.10
CA ILE A 43 1.49 1.09 4.40
C ILE A 43 2.53 1.01 3.27
N LYS A 44 2.63 2.06 2.42
CA LYS A 44 3.57 2.04 1.27
C LYS A 44 5.02 2.14 1.77
N ALA A 45 5.23 2.88 2.88
CA ALA A 45 6.53 3.01 3.54
C ALA A 45 6.95 1.67 4.19
N HIS A 46 5.96 0.98 4.78
CA HIS A 46 6.08 -0.36 5.39
C HIS A 46 6.63 -1.36 4.36
N VAL A 47 5.96 -1.39 3.18
CA VAL A 47 6.35 -2.25 2.06
C VAL A 47 7.74 -1.84 1.52
N ALA A 48 7.97 -0.53 1.37
CA ALA A 48 9.24 0.03 0.86
C ALA A 48 10.45 -0.33 1.75
N SER A 49 10.23 -0.38 3.07
CA SER A 49 11.26 -0.76 4.05
C SER A 49 11.62 -2.25 3.91
N LEU A 50 10.58 -3.09 3.70
CA LEU A 50 10.76 -4.55 3.49
C LEU A 50 11.47 -4.84 2.15
N GLU A 51 11.11 -4.09 1.10
CA GLU A 51 11.65 -4.26 -0.26
C GLU A 51 13.00 -3.51 -0.45
N GLY A 52 13.33 -2.63 0.52
CA GLY A 52 14.59 -1.87 0.52
C GLY A 52 14.67 -0.82 -0.59
N ILE A 53 13.53 -0.14 -0.83
CA ILE A 53 13.36 0.85 -1.93
C ILE A 53 12.77 2.17 -1.38
N ALA A 54 12.64 3.18 -2.26
CA ALA A 54 12.26 4.56 -1.89
C ALA A 54 10.74 4.68 -1.55
N PRO A 55 10.35 4.98 -0.26
CA PRO A 55 8.92 5.13 0.16
C PRO A 55 8.20 6.27 -0.59
N GLU A 56 8.92 7.37 -0.88
CA GLU A 56 8.37 8.52 -1.64
C GLU A 56 8.06 8.13 -3.10
N ASP A 57 8.79 7.13 -3.62
CA ASP A 57 8.62 6.63 -4.99
C ASP A 57 7.35 5.78 -5.10
N GLN A 58 6.99 5.12 -3.97
CA GLN A 58 5.89 4.15 -3.94
C GLN A 58 4.52 4.85 -3.96
N VAL A 59 3.55 4.12 -4.50
CA VAL A 59 2.12 4.45 -4.43
C VAL A 59 1.34 3.13 -4.26
N VAL A 60 0.25 3.16 -3.46
CA VAL A 60 -0.66 2.02 -3.32
C VAL A 60 -1.88 2.26 -4.22
N LEU A 61 -2.14 1.31 -5.11
CA LEU A 61 -3.18 1.36 -6.12
C LEU A 61 -4.19 0.23 -5.85
N LEU A 62 -5.45 0.59 -5.59
CA LEU A 62 -6.55 -0.38 -5.44
C LEU A 62 -7.11 -0.68 -6.84
N ALA A 63 -6.64 -1.79 -7.44
CA ALA A 63 -6.97 -2.19 -8.83
C ALA A 63 -6.56 -1.09 -9.85
N GLY A 64 -5.57 -0.24 -9.47
CA GLY A 64 -5.10 0.88 -10.28
C GLY A 64 -5.52 2.24 -9.75
N ALA A 65 -6.57 2.29 -8.90
CA ALA A 65 -7.08 3.55 -8.32
C ALA A 65 -6.10 4.08 -7.24
N PRO A 66 -5.49 5.31 -7.43
CA PRO A 66 -4.48 5.86 -6.49
C PRO A 66 -5.07 6.17 -5.10
N LEU A 67 -4.80 5.27 -4.14
CA LEU A 67 -5.24 5.44 -2.75
C LEU A 67 -4.45 6.59 -2.10
N GLU A 68 -5.19 7.55 -1.51
CA GLU A 68 -4.62 8.72 -0.84
C GLU A 68 -3.80 8.27 0.37
N ASP A 69 -2.55 8.74 0.44
CA ASP A 69 -1.59 8.41 1.50
C ASP A 69 -2.10 8.87 2.89
N GLU A 70 -2.88 9.95 2.90
CA GLU A 70 -3.49 10.52 4.12
C GLU A 70 -4.71 9.67 4.57
N ALA A 71 -5.32 8.94 3.62
CA ALA A 71 -6.47 8.08 3.88
C ALA A 71 -6.01 6.72 4.46
N THR A 72 -6.83 6.15 5.34
CA THR A 72 -6.61 4.80 5.88
C THR A 72 -7.21 3.74 4.94
N LEU A 73 -6.84 2.47 5.13
CA LEU A 73 -7.40 1.33 4.37
C LEU A 73 -8.90 1.15 4.72
N GLY A 74 -9.27 1.53 5.96
CA GLY A 74 -10.65 1.53 6.40
C GLY A 74 -11.50 2.59 5.69
N GLN A 75 -10.91 3.78 5.50
CA GLN A 75 -11.57 4.91 4.79
C GLN A 75 -11.66 4.64 3.28
N CYS A 76 -10.60 4.00 2.75
CA CYS A 76 -10.52 3.59 1.32
C CYS A 76 -11.47 2.41 1.03
N GLY A 77 -11.91 1.71 2.10
CA GLY A 77 -12.85 0.60 1.98
C GLY A 77 -12.23 -0.66 1.38
N VAL A 78 -10.90 -0.74 1.40
CA VAL A 78 -10.16 -1.91 0.92
C VAL A 78 -10.04 -2.92 2.06
N GLU A 79 -10.92 -3.91 2.02
CA GLU A 79 -11.12 -4.90 3.08
C GLU A 79 -10.09 -6.03 3.03
N ALA A 80 -10.27 -7.02 3.91
CA ALA A 80 -9.50 -8.27 3.91
C ALA A 80 -9.73 -9.05 2.60
N LEU A 81 -8.74 -9.89 2.26
CA LEU A 81 -8.76 -10.76 1.06
C LEU A 81 -8.85 -9.97 -0.26
N THR A 82 -8.38 -8.71 -0.24
CA THR A 82 -8.31 -7.84 -1.44
C THR A 82 -6.83 -7.68 -1.85
N THR A 83 -6.55 -7.33 -3.12
CA THR A 83 -5.17 -7.18 -3.64
C THR A 83 -4.89 -5.71 -4.01
N LEU A 84 -3.85 -5.15 -3.38
CA LEU A 84 -3.28 -3.83 -3.72
C LEU A 84 -2.10 -4.01 -4.68
N GLU A 85 -1.72 -2.92 -5.35
CA GLU A 85 -0.53 -2.85 -6.22
C GLU A 85 0.39 -1.73 -5.71
N VAL A 86 1.68 -2.01 -5.55
CA VAL A 86 2.68 -0.99 -5.21
C VAL A 86 3.50 -0.67 -6.47
N ALA A 87 3.35 0.57 -6.96
CA ALA A 87 4.01 1.04 -8.19
C ALA A 87 4.94 2.23 -7.91
N GLY A 88 5.88 2.48 -8.85
CA GLY A 88 6.78 3.63 -8.77
C GLY A 88 6.26 4.79 -9.60
N ARG A 89 5.74 5.84 -8.92
CA ARG A 89 5.06 6.99 -9.58
C ARG A 89 5.60 8.33 -9.05
N MET A 90 5.51 8.53 -7.73
CA MET A 90 5.80 9.83 -7.09
C MET A 90 7.30 9.96 -6.77
N LEU A 91 7.75 11.16 -6.37
CA LEU A 91 9.10 11.39 -5.86
C LEU A 91 9.07 12.55 -4.86
N GLY A 92 9.94 12.48 -3.84
CA GLY A 92 10.03 13.50 -2.79
C GLY A 92 10.54 14.85 -3.34
N GLY A 93 9.64 15.85 -3.39
CA GLY A 93 9.94 17.18 -3.91
C GLY A 93 9.09 18.23 -3.18
N MET A 20 -7.90 -8.99 9.64
CA MET A 20 -7.87 -8.09 8.44
C MET A 20 -6.51 -8.27 7.75
N GLN A 21 -6.42 -9.25 6.86
CA GLN A 21 -5.20 -9.57 6.10
C GLN A 21 -5.45 -9.27 4.63
N LEU A 22 -4.50 -8.55 4.00
CA LEU A 22 -4.58 -8.18 2.58
C LEU A 22 -3.26 -8.53 1.90
N PHE A 23 -3.30 -8.66 0.58
CA PHE A 23 -2.12 -8.96 -0.24
C PHE A 23 -1.64 -7.67 -0.91
N VAL A 24 -0.35 -7.64 -1.19
CA VAL A 24 0.34 -6.53 -1.83
C VAL A 24 1.10 -7.05 -3.06
N ARG A 25 0.81 -6.44 -4.22
CA ARG A 25 1.44 -6.79 -5.48
C ARG A 25 2.63 -5.85 -5.75
N ALA A 26 3.80 -6.33 -5.31
CA ALA A 26 5.12 -5.77 -5.63
C ALA A 26 5.80 -6.75 -6.60
N GLN A 27 7.07 -6.50 -6.98
CA GLN A 27 7.89 -7.43 -7.83
C GLN A 27 7.81 -8.90 -7.33
N GLU A 28 7.61 -9.06 -6.01
CA GLU A 28 7.18 -10.33 -5.37
C GLU A 28 5.88 -10.07 -4.59
N LEU A 29 5.11 -11.13 -4.31
CA LEU A 29 3.86 -11.00 -3.53
C LEU A 29 4.16 -10.91 -2.02
N HIS A 30 3.60 -9.88 -1.39
CA HIS A 30 3.63 -9.67 0.07
C HIS A 30 2.21 -9.83 0.62
N THR A 31 2.07 -10.01 1.93
CA THR A 31 0.78 -9.96 2.64
C THR A 31 0.99 -9.27 4.00
N PHE A 32 -0.03 -8.53 4.45
CA PHE A 32 0.03 -7.72 5.68
C PHE A 32 -1.29 -7.84 6.45
N GLU A 33 -1.17 -8.11 7.76
CA GLU A 33 -2.31 -8.07 8.69
C GLU A 33 -2.29 -6.70 9.40
N VAL A 34 -3.46 -6.05 9.43
CA VAL A 34 -3.66 -4.71 10.00
C VAL A 34 -5.03 -4.67 10.74
N THR A 35 -5.47 -3.46 11.13
CA THR A 35 -6.77 -3.24 11.78
C THR A 35 -7.70 -2.42 10.85
N GLY A 36 -7.13 -1.91 9.74
CA GLY A 36 -7.86 -1.02 8.82
C GLY A 36 -7.64 0.46 9.13
N GLN A 37 -7.53 0.79 10.44
CA GLN A 37 -7.31 2.17 10.92
C GLN A 37 -5.90 2.67 10.53
N GLU A 38 -5.01 1.73 10.17
CA GLU A 38 -3.69 2.06 9.62
C GLU A 38 -3.83 2.71 8.23
N THR A 39 -2.91 3.63 7.90
CA THR A 39 -2.96 4.38 6.64
C THR A 39 -2.29 3.61 5.48
N VAL A 40 -2.70 3.99 4.26
CA VAL A 40 -2.12 3.50 3.01
C VAL A 40 -0.60 3.89 2.92
N ALA A 41 -0.21 5.00 3.61
CA ALA A 41 1.17 5.50 3.66
C ALA A 41 2.09 4.53 4.39
N GLN A 42 1.72 4.12 5.63
CA GLN A 42 2.52 3.15 6.42
C GLN A 42 2.54 1.77 5.73
N ILE A 43 1.45 1.43 4.99
CA ILE A 43 1.41 0.20 4.17
C ILE A 43 2.55 0.21 3.12
N LYS A 44 2.59 1.27 2.27
CA LYS A 44 3.60 1.37 1.18
C LYS A 44 5.02 1.58 1.76
N ALA A 45 5.10 2.22 2.96
CA ALA A 45 6.37 2.45 3.67
C ALA A 45 6.98 1.13 4.18
N HIS A 46 6.12 0.22 4.69
CA HIS A 46 6.56 -1.11 5.16
C HIS A 46 7.02 -1.95 3.95
N VAL A 47 6.26 -1.84 2.84
CA VAL A 47 6.64 -2.48 1.56
C VAL A 47 8.01 -1.96 1.10
N ALA A 48 8.20 -0.62 1.18
CA ALA A 48 9.46 0.06 0.80
C ALA A 48 10.66 -0.45 1.62
N SER A 49 10.42 -0.70 2.93
CA SER A 49 11.43 -1.27 3.85
C SER A 49 11.86 -2.69 3.41
N LEU A 50 10.88 -3.46 2.93
CA LEU A 50 11.12 -4.84 2.43
C LEU A 50 11.76 -4.84 1.02
N GLU A 51 11.44 -3.80 0.23
CA GLU A 51 12.02 -3.59 -1.13
C GLU A 51 13.44 -3.00 -1.04
N GLY A 52 13.72 -2.27 0.06
CA GLY A 52 15.00 -1.57 0.26
C GLY A 52 15.01 -0.16 -0.33
N ILE A 53 13.83 0.39 -0.64
CA ILE A 53 13.66 1.74 -1.26
C ILE A 53 12.80 2.65 -0.33
N ALA A 54 12.51 3.89 -0.78
CA ALA A 54 11.72 4.88 0.00
C ALA A 54 10.23 4.89 -0.43
N PRO A 55 9.25 5.13 0.52
CA PRO A 55 7.80 5.21 0.21
C PRO A 55 7.42 6.37 -0.75
N GLU A 56 8.31 7.39 -0.82
CA GLU A 56 8.12 8.58 -1.69
C GLU A 56 8.18 8.22 -3.20
N ASP A 57 8.76 7.04 -3.49
CA ASP A 57 8.79 6.48 -4.86
C ASP A 57 7.46 5.82 -5.19
N GLN A 58 6.92 5.13 -4.19
CA GLN A 58 5.79 4.21 -4.34
C GLN A 58 4.44 4.92 -4.13
N VAL A 59 3.42 4.33 -4.76
CA VAL A 59 2.01 4.70 -4.61
C VAL A 59 1.19 3.40 -4.72
N VAL A 60 0.23 3.25 -3.81
CA VAL A 60 -0.69 2.11 -3.79
C VAL A 60 -1.85 2.37 -4.78
N LEU A 61 -2.09 1.38 -5.64
CA LEU A 61 -3.10 1.41 -6.70
C LEU A 61 -4.13 0.31 -6.41
N LEU A 62 -5.41 0.67 -6.32
CA LEU A 62 -6.51 -0.31 -6.24
C LEU A 62 -7.15 -0.45 -7.62
N ALA A 63 -6.89 -1.61 -8.27
CA ALA A 63 -7.31 -1.91 -9.66
C ALA A 63 -6.68 -0.93 -10.68
N GLY A 64 -5.54 -0.31 -10.29
CA GLY A 64 -4.83 0.67 -11.11
C GLY A 64 -5.03 2.12 -10.65
N ALA A 65 -6.11 2.37 -9.87
CA ALA A 65 -6.48 3.72 -9.42
C ALA A 65 -5.70 4.11 -8.14
N PRO A 66 -4.88 5.22 -8.15
CA PRO A 66 -4.06 5.64 -6.98
C PRO A 66 -4.92 6.03 -5.75
N LEU A 67 -4.69 5.34 -4.62
CA LEU A 67 -5.33 5.64 -3.34
C LEU A 67 -4.56 6.78 -2.64
N GLU A 68 -5.29 7.52 -1.80
CA GLU A 68 -4.72 8.57 -0.97
C GLU A 68 -3.94 7.92 0.18
N ASP A 69 -2.60 8.06 0.12
CA ASP A 69 -1.68 7.44 1.10
C ASP A 69 -1.91 8.01 2.52
N GLU A 70 -2.29 9.29 2.57
CA GLU A 70 -2.57 10.01 3.82
C GLU A 70 -3.89 9.52 4.49
N ALA A 71 -4.73 8.84 3.69
CA ALA A 71 -6.01 8.26 4.15
C ALA A 71 -5.80 6.85 4.74
N THR A 72 -6.69 6.44 5.66
CA THR A 72 -6.67 5.11 6.31
C THR A 72 -7.33 4.07 5.40
N LEU A 73 -7.00 2.78 5.61
CA LEU A 73 -7.54 1.64 4.84
C LEU A 73 -9.07 1.52 5.03
N GLY A 74 -9.53 1.83 6.26
CA GLY A 74 -10.95 1.77 6.60
C GLY A 74 -11.77 2.82 5.86
N GLN A 75 -11.27 4.07 5.85
CA GLN A 75 -11.95 5.21 5.16
C GLN A 75 -11.83 5.07 3.63
N CYS A 76 -10.73 4.45 3.17
CA CYS A 76 -10.51 4.11 1.74
C CYS A 76 -11.50 3.03 1.28
N GLY A 77 -11.97 2.21 2.22
CA GLY A 77 -12.96 1.15 1.96
C GLY A 77 -12.34 -0.15 1.49
N VAL A 78 -11.05 -0.35 1.82
CA VAL A 78 -10.32 -1.60 1.50
C VAL A 78 -10.30 -2.51 2.75
N GLU A 79 -10.65 -3.80 2.53
CA GLU A 79 -10.85 -4.79 3.61
C GLU A 79 -9.89 -5.99 3.45
N ALA A 80 -10.14 -7.07 4.21
CA ALA A 80 -9.38 -8.34 4.10
C ALA A 80 -9.66 -9.03 2.75
N LEU A 81 -8.75 -9.94 2.35
CA LEU A 81 -8.82 -10.72 1.09
C LEU A 81 -8.81 -9.82 -0.17
N THR A 82 -8.35 -8.58 0.01
CA THR A 82 -8.16 -7.61 -1.09
C THR A 82 -6.67 -7.57 -1.46
N THR A 83 -6.35 -7.06 -2.66
CA THR A 83 -4.97 -6.98 -3.18
C THR A 83 -4.71 -5.53 -3.65
N LEU A 84 -3.65 -4.94 -3.08
CA LEU A 84 -3.22 -3.56 -3.34
C LEU A 84 -1.92 -3.59 -4.15
N GLU A 85 -1.89 -2.88 -5.26
CA GLU A 85 -0.77 -2.88 -6.21
C GLU A 85 0.19 -1.73 -5.86
N VAL A 86 1.36 -2.07 -5.32
CA VAL A 86 2.35 -1.06 -4.92
C VAL A 86 3.35 -0.86 -6.05
N ALA A 87 3.21 0.28 -6.74
CA ALA A 87 4.01 0.62 -7.91
C ALA A 87 4.78 1.93 -7.67
N GLY A 88 6.06 1.94 -8.06
CA GLY A 88 6.89 3.14 -7.96
C GLY A 88 6.64 4.06 -9.14
N ARG A 89 5.66 4.97 -8.99
CA ARG A 89 5.23 5.90 -10.07
C ARG A 89 5.45 7.36 -9.66
N MET A 90 5.55 7.63 -8.35
CA MET A 90 5.73 9.00 -7.84
C MET A 90 7.21 9.43 -7.99
N LEU A 91 8.12 8.50 -7.64
CA LEU A 91 9.59 8.62 -7.79
C LEU A 91 10.16 9.79 -6.93
N GLY A 92 10.86 9.43 -5.85
CA GLY A 92 11.55 10.41 -5.01
C GLY A 92 13.06 10.26 -5.08
N GLY A 93 13.79 11.33 -4.72
CA GLY A 93 15.26 11.30 -4.71
C GLY A 93 15.87 12.67 -4.43
N MET A 20 -7.21 -8.68 9.37
CA MET A 20 -7.48 -8.12 8.02
C MET A 20 -6.30 -8.44 7.10
N GLN A 21 -6.34 -9.64 6.54
CA GLN A 21 -5.27 -10.19 5.71
C GLN A 21 -5.51 -9.81 4.25
N LEU A 22 -4.82 -8.76 3.77
CA LEU A 22 -4.88 -8.36 2.36
C LEU A 22 -3.50 -8.54 1.73
N PHE A 23 -3.48 -8.81 0.44
CA PHE A 23 -2.26 -9.00 -0.34
C PHE A 23 -1.79 -7.64 -0.86
N VAL A 24 -0.46 -7.45 -0.95
CA VAL A 24 0.15 -6.30 -1.61
C VAL A 24 1.15 -6.82 -2.65
N ARG A 25 0.79 -6.59 -3.91
CA ARG A 25 1.60 -6.92 -5.07
C ARG A 25 2.75 -5.89 -5.20
N ALA A 26 3.88 -6.25 -4.59
CA ALA A 26 5.16 -5.54 -4.74
C ALA A 26 5.97 -6.23 -5.85
N GLN A 27 7.22 -5.78 -6.07
CA GLN A 27 8.16 -6.44 -7.02
C GLN A 27 8.24 -7.98 -6.79
N GLU A 28 8.00 -8.39 -5.52
CA GLU A 28 7.63 -9.78 -5.16
C GLU A 28 6.27 -9.74 -4.41
N LEU A 29 5.46 -10.82 -4.49
CA LEU A 29 4.12 -10.87 -3.86
C LEU A 29 4.27 -11.00 -2.33
N HIS A 30 3.60 -10.12 -1.58
CA HIS A 30 3.59 -10.15 -0.11
C HIS A 30 2.15 -10.12 0.41
N THR A 31 1.96 -10.56 1.65
CA THR A 31 0.66 -10.58 2.32
C THR A 31 0.79 -9.90 3.68
N PHE A 32 -0.21 -9.07 4.04
CA PHE A 32 -0.15 -8.19 5.21
C PHE A 32 -1.43 -8.33 6.06
N GLU A 33 -1.25 -8.82 7.29
CA GLU A 33 -2.25 -8.70 8.36
C GLU A 33 -2.17 -7.26 8.90
N VAL A 34 -3.15 -6.43 8.51
CA VAL A 34 -3.25 -5.04 8.95
C VAL A 34 -4.47 -4.87 9.86
N THR A 35 -4.59 -3.71 10.52
CA THR A 35 -5.72 -3.40 11.43
C THR A 35 -6.81 -2.62 10.65
N GLY A 36 -6.38 -1.85 9.63
CA GLY A 36 -7.28 -1.00 8.84
C GLY A 36 -7.18 0.47 9.23
N GLN A 37 -6.53 0.75 10.37
CA GLN A 37 -6.42 2.11 10.94
C GLN A 37 -5.14 2.81 10.45
N GLU A 38 -4.26 2.04 9.79
CA GLU A 38 -3.03 2.57 9.18
C GLU A 38 -3.41 3.37 7.94
N THR A 39 -2.58 4.36 7.58
CA THR A 39 -2.74 5.07 6.32
C THR A 39 -2.13 4.24 5.17
N VAL A 40 -2.48 4.60 3.94
CA VAL A 40 -1.86 4.04 2.74
C VAL A 40 -0.34 4.41 2.71
N ALA A 41 0.02 5.55 3.36
CA ALA A 41 1.42 5.96 3.56
C ALA A 41 2.18 4.96 4.47
N GLN A 42 1.50 4.46 5.53
CA GLN A 42 2.08 3.45 6.44
C GLN A 42 2.29 2.11 5.71
N ILE A 43 1.35 1.78 4.81
CA ILE A 43 1.44 0.60 3.92
C ILE A 43 2.68 0.72 3.01
N LYS A 44 2.86 1.91 2.37
CA LYS A 44 4.04 2.21 1.55
C LYS A 44 5.33 2.00 2.37
N ALA A 45 5.34 2.58 3.58
CA ALA A 45 6.49 2.53 4.50
C ALA A 45 6.93 1.07 4.79
N HIS A 46 5.95 0.22 5.12
CA HIS A 46 6.19 -1.20 5.47
C HIS A 46 6.75 -1.97 4.26
N VAL A 47 6.14 -1.79 3.08
CA VAL A 47 6.56 -2.47 1.84
C VAL A 47 7.97 -2.03 1.43
N ALA A 48 8.25 -0.73 1.58
CA ALA A 48 9.53 -0.12 1.23
C ALA A 48 10.66 -0.59 2.15
N SER A 49 10.32 -0.86 3.43
CA SER A 49 11.25 -1.44 4.40
C SER A 49 11.64 -2.88 4.00
N LEU A 50 10.64 -3.65 3.54
CA LEU A 50 10.83 -5.06 3.12
C LEU A 50 11.63 -5.17 1.80
N GLU A 51 11.26 -4.34 0.82
CA GLU A 51 11.85 -4.38 -0.55
C GLU A 51 13.11 -3.48 -0.65
N GLY A 52 13.43 -2.76 0.44
CA GLY A 52 14.66 -1.95 0.55
C GLY A 52 14.67 -0.72 -0.36
N ILE A 53 13.48 -0.13 -0.56
CA ILE A 53 13.28 1.03 -1.46
C ILE A 53 12.65 2.22 -0.68
N ALA A 54 12.41 3.36 -1.37
CA ALA A 54 11.88 4.58 -0.74
C ALA A 54 10.33 4.64 -0.85
N PRO A 55 9.59 4.82 0.29
CA PRO A 55 8.10 4.80 0.30
C PRO A 55 7.49 6.03 -0.39
N GLU A 56 8.32 7.08 -0.53
CA GLU A 56 7.92 8.36 -1.11
C GLU A 56 7.60 8.24 -2.60
N ASP A 57 8.30 7.34 -3.33
CA ASP A 57 8.11 7.21 -4.81
C ASP A 57 7.07 6.14 -5.16
N GLN A 58 6.63 5.39 -4.15
CA GLN A 58 5.61 4.35 -4.32
C GLN A 58 4.21 4.96 -4.35
N VAL A 59 3.33 4.31 -5.13
CA VAL A 59 1.88 4.57 -5.13
C VAL A 59 1.14 3.23 -5.00
N VAL A 60 0.04 3.22 -4.25
CA VAL A 60 -0.75 2.00 -3.99
C VAL A 60 -2.05 2.04 -4.82
N LEU A 61 -2.09 1.26 -5.89
CA LEU A 61 -3.24 1.14 -6.79
C LEU A 61 -4.22 0.07 -6.27
N LEU A 62 -5.48 0.45 -6.04
CA LEU A 62 -6.59 -0.49 -5.79
C LEU A 62 -7.25 -0.79 -7.16
N ALA A 63 -6.84 -1.93 -7.76
CA ALA A 63 -7.32 -2.38 -9.08
C ALA A 63 -7.08 -1.31 -10.18
N GLY A 64 -6.00 -0.51 -10.01
CA GLY A 64 -5.64 0.57 -10.94
C GLY A 64 -5.89 1.97 -10.37
N ALA A 65 -6.80 2.08 -9.39
CA ALA A 65 -7.19 3.38 -8.79
C ALA A 65 -6.14 3.84 -7.75
N PRO A 66 -5.38 4.96 -8.00
CA PRO A 66 -4.35 5.45 -7.04
C PRO A 66 -4.97 5.94 -5.71
N LEU A 67 -4.74 5.16 -4.63
CA LEU A 67 -5.24 5.47 -3.28
C LEU A 67 -4.44 6.62 -2.65
N GLU A 68 -5.14 7.40 -1.81
CA GLU A 68 -4.55 8.54 -1.09
C GLU A 68 -3.74 8.03 0.10
N ASP A 69 -2.45 8.39 0.13
CA ASP A 69 -1.54 8.06 1.23
C ASP A 69 -1.92 8.77 2.55
N GLU A 70 -2.68 9.88 2.44
CA GLU A 70 -3.23 10.61 3.61
C GLU A 70 -4.38 9.82 4.27
N ALA A 71 -5.06 8.99 3.46
CA ALA A 71 -6.26 8.24 3.87
C ALA A 71 -5.89 6.89 4.51
N THR A 72 -6.65 6.48 5.54
CA THR A 72 -6.54 5.15 6.17
C THR A 72 -7.16 4.06 5.25
N LEU A 73 -6.91 2.76 5.57
CA LEU A 73 -7.58 1.63 4.89
C LEU A 73 -9.11 1.69 5.18
N GLY A 74 -9.45 2.22 6.39
CA GLY A 74 -10.83 2.48 6.79
C GLY A 74 -11.50 3.58 5.95
N GLN A 75 -10.73 4.64 5.62
CA GLN A 75 -11.21 5.76 4.77
C GLN A 75 -11.34 5.28 3.31
N CYS A 76 -10.41 4.42 2.88
CA CYS A 76 -10.45 3.76 1.57
C CYS A 76 -11.64 2.78 1.47
N GLY A 77 -12.12 2.32 2.64
CA GLY A 77 -13.25 1.40 2.73
C GLY A 77 -12.92 0.00 2.26
N VAL A 78 -11.61 -0.32 2.26
CA VAL A 78 -11.09 -1.59 1.78
C VAL A 78 -11.01 -2.60 2.94
N GLU A 79 -11.11 -3.91 2.62
CA GLU A 79 -11.12 -5.00 3.62
C GLU A 79 -10.15 -6.13 3.23
N ALA A 80 -10.24 -7.27 3.92
CA ALA A 80 -9.37 -8.45 3.69
C ALA A 80 -9.63 -9.11 2.30
N LEU A 81 -8.68 -10.00 1.92
CA LEU A 81 -8.67 -10.76 0.63
C LEU A 81 -8.40 -9.87 -0.60
N THR A 82 -8.34 -8.54 -0.42
CA THR A 82 -8.07 -7.57 -1.49
C THR A 82 -6.56 -7.57 -1.82
N THR A 83 -6.21 -7.19 -3.06
CA THR A 83 -4.82 -7.04 -3.51
C THR A 83 -4.57 -5.59 -3.93
N LEU A 84 -3.77 -4.89 -3.13
CA LEU A 84 -3.26 -3.55 -3.42
C LEU A 84 -1.96 -3.71 -4.23
N GLU A 85 -1.69 -2.82 -5.19
CA GLU A 85 -0.53 -2.94 -6.09
C GLU A 85 0.44 -1.75 -5.90
N VAL A 86 1.69 -2.06 -5.54
CA VAL A 86 2.76 -1.05 -5.45
C VAL A 86 3.37 -0.80 -6.84
N ALA A 87 3.20 0.43 -7.32
CA ALA A 87 3.72 0.90 -8.61
C ALA A 87 4.59 2.14 -8.40
N GLY A 88 5.35 2.54 -9.43
CA GLY A 88 6.18 3.73 -9.38
C GLY A 88 5.69 4.80 -10.35
N ARG A 89 4.77 5.66 -9.87
CA ARG A 89 4.23 6.79 -10.65
C ARG A 89 4.75 8.12 -10.05
N MET A 90 4.88 8.14 -8.72
CA MET A 90 5.45 9.29 -7.99
C MET A 90 7.00 9.17 -8.00
N LEU A 91 7.71 10.32 -8.03
CA LEU A 91 9.20 10.33 -7.94
C LEU A 91 9.61 10.48 -6.46
N GLY A 92 8.76 11.21 -5.70
CA GLY A 92 8.92 11.35 -4.26
C GLY A 92 8.48 12.71 -3.77
N GLY A 93 9.18 13.25 -2.77
CA GLY A 93 8.91 14.57 -2.21
C GLY A 93 8.07 14.51 -0.92
#